data_6VMT
# 
_entry.id   6VMT 
# 
_audit_conform.dict_name       mmcif_pdbx.dic 
_audit_conform.dict_version    5.380 
_audit_conform.dict_location   http://mmcif.pdb.org/dictionaries/ascii/mmcif_pdbx.dic 
# 
loop_
_database_2.database_id 
_database_2.database_code 
_database_2.pdbx_database_accession 
_database_2.pdbx_DOI 
PDB   6VMT         pdb_00006vmt 10.2210/pdb6vmt/pdb 
WWPDB D_1000246639 ?            ?                   
# 
_pdbx_database_related.db_name        TargetTrack 
_pdbx_database_related.db_id          SGPP-Lmaj003759 
_pdbx_database_related.content_type   unspecified 
_pdbx_database_related.details        . 
# 
_pdbx_database_status.status_code                     REL 
_pdbx_database_status.status_code_sf                  REL 
_pdbx_database_status.status_code_mr                  ? 
_pdbx_database_status.entry_id                        6VMT 
_pdbx_database_status.recvd_initial_deposition_date   2020-01-28 
_pdbx_database_status.SG_entry                        Y 
_pdbx_database_status.deposit_site                    RCSB 
_pdbx_database_status.process_site                    RCSB 
_pdbx_database_status.status_code_cs                  ? 
_pdbx_database_status.status_code_nmr_data            ? 
_pdbx_database_status.methods_development_category    ? 
_pdbx_database_status.pdb_format_compatible           Y 
# 
loop_
_audit_author.name 
_audit_author.pdbx_ordinal 
_audit_author.identifier_ORCID 
'Merritt, E.A.'                                                1 0000-0003-1498-244X 
'Structural Genomics of Pathogenic Protozoa Consortium (SGPP)' 2 ?                   
# 
_citation.abstract                  ? 
_citation.abstract_id_CAS           ? 
_citation.book_id_ISBN              ? 
_citation.book_publisher            ? 
_citation.book_publisher_city       ? 
_citation.book_title                ? 
_citation.coordinate_linkage        ? 
_citation.country                   ? 
_citation.database_id_Medline       ? 
_citation.details                   ? 
_citation.id                        primary 
_citation.journal_abbrev            'To be published' 
_citation.journal_id_ASTM           ? 
_citation.journal_id_CSD            0353 
_citation.journal_id_ISSN           ? 
_citation.journal_full              ? 
_citation.journal_issue             ? 
_citation.journal_volume            ? 
_citation.language                  ? 
_citation.page_first                ? 
_citation.page_last                 ? 
_citation.title                     'Leishmania major Programmed Cell Death Protein 5 Homolog' 
_citation.year                      ? 
_citation.database_id_CSD           ? 
_citation.pdbx_database_id_DOI      ? 
_citation.pdbx_database_id_PubMed   ? 
_citation.unpublished_flag          ? 
# 
loop_
_citation_author.citation_id 
_citation_author.name 
_citation_author.ordinal 
_citation_author.identifier_ORCID 
primary 'Merritt, E.A.'                                                1 0000-0003-1498-244X 
primary 'Anderson, L.'                                                 2 ?                   
primary 'Arakaki, T.'                                                  3 ?                   
primary 'Hol, W.G.'                                                    4 ?                   
primary 'Le Trong, I.'                                                 5 ?                   
primary 'Mehlin, C.'                                                   6 ?                   
primary 'Soltis, M.'                                                   7 ?                   
primary 'Structural Genomics of Pathogenic Protozoa Consortium (SGPP)' 8 ?                   
# 
_cell.angle_alpha                  90.000 
_cell.angle_alpha_esd              ? 
_cell.angle_beta                   90.000 
_cell.angle_beta_esd               ? 
_cell.angle_gamma                  120.000 
_cell.angle_gamma_esd              ? 
_cell.entry_id                     6VMT 
_cell.details                      ? 
_cell.formula_units_Z              ? 
_cell.length_a                     115.386 
_cell.length_a_esd                 ? 
_cell.length_b                     115.386 
_cell.length_b_esd                 ? 
_cell.length_c                     58.628 
_cell.length_c_esd                 ? 
_cell.volume                       ? 
_cell.volume_esd                   ? 
_cell.Z_PDB                        18 
_cell.reciprocal_angle_alpha       ? 
_cell.reciprocal_angle_beta        ? 
_cell.reciprocal_angle_gamma       ? 
_cell.reciprocal_angle_alpha_esd   ? 
_cell.reciprocal_angle_beta_esd    ? 
_cell.reciprocal_angle_gamma_esd   ? 
_cell.reciprocal_length_a          ? 
_cell.reciprocal_length_b          ? 
_cell.reciprocal_length_c          ? 
_cell.reciprocal_length_a_esd      ? 
_cell.reciprocal_length_b_esd      ? 
_cell.reciprocal_length_c_esd      ? 
_cell.pdbx_unique_axis             ? 
# 
_symmetry.entry_id                         6VMT 
_symmetry.cell_setting                     ? 
_symmetry.Int_Tables_number                155 
_symmetry.space_group_name_Hall            ? 
_symmetry.space_group_name_H-M             'H 3 2' 
_symmetry.pdbx_full_space_group_name_H-M   ? 
# 
loop_
_entity.id 
_entity.type 
_entity.src_method 
_entity.pdbx_description 
_entity.formula_weight 
_entity.pdbx_number_of_molecules 
_entity.pdbx_ec 
_entity.pdbx_mutation 
_entity.pdbx_fragment 
_entity.details 
1 polymer man 'Programmed Cell Death Protein 5 Homolog' 13304.014 1  ? ? ? ? 
2 water   nat water                                     18.015    16 ? ? ? ? 
# 
_entity_poly.entity_id                      1 
_entity_poly.type                           'polypeptide(L)' 
_entity_poly.nstd_linkage                   no 
_entity_poly.nstd_monomer                   no 
_entity_poly.pdbx_seq_one_letter_code       
;GPGSMSRVPISEEQAQQMVAKQQAQQERMEALEEQKENMLRAFVSAEGRERLKRIAQVKAGRSQAVEMHIIQAVQRGKMQ
PPVSDDTVRELLGQMANQEAESRSHITIARKRTDDDW
;
_entity_poly.pdbx_seq_one_letter_code_can   
;GPGSMSRVPISEEQAQQMVAKQQAQQERMEALEEQKENMLRAFVSAEGRERLKRIAQVKAGRSQAVEMHIIQAVQRGKMQ
PPVSDDTVRELLGQMANQEAESRSHITIARKRTDDDW
;
_entity_poly.pdbx_strand_id                 A 
_entity_poly.pdbx_target_identifier         SGPP-Lmaj003759 
# 
loop_
_entity_poly_seq.entity_id 
_entity_poly_seq.num 
_entity_poly_seq.mon_id 
_entity_poly_seq.hetero 
1 1   GLY n 
1 2   PRO n 
1 3   GLY n 
1 4   SER n 
1 5   MET n 
1 6   SER n 
1 7   ARG n 
1 8   VAL n 
1 9   PRO n 
1 10  ILE n 
1 11  SER n 
1 12  GLU n 
1 13  GLU n 
1 14  GLN n 
1 15  ALA n 
1 16  GLN n 
1 17  GLN n 
1 18  MET n 
1 19  VAL n 
1 20  ALA n 
1 21  LYS n 
1 22  GLN n 
1 23  GLN n 
1 24  ALA n 
1 25  GLN n 
1 26  GLN n 
1 27  GLU n 
1 28  ARG n 
1 29  MET n 
1 30  GLU n 
1 31  ALA n 
1 32  LEU n 
1 33  GLU n 
1 34  GLU n 
1 35  GLN n 
1 36  LYS n 
1 37  GLU n 
1 38  ASN n 
1 39  MET n 
1 40  LEU n 
1 41  ARG n 
1 42  ALA n 
1 43  PHE n 
1 44  VAL n 
1 45  SER n 
1 46  ALA n 
1 47  GLU n 
1 48  GLY n 
1 49  ARG n 
1 50  GLU n 
1 51  ARG n 
1 52  LEU n 
1 53  LYS n 
1 54  ARG n 
1 55  ILE n 
1 56  ALA n 
1 57  GLN n 
1 58  VAL n 
1 59  LYS n 
1 60  ALA n 
1 61  GLY n 
1 62  ARG n 
1 63  SER n 
1 64  GLN n 
1 65  ALA n 
1 66  VAL n 
1 67  GLU n 
1 68  MET n 
1 69  HIS n 
1 70  ILE n 
1 71  ILE n 
1 72  GLN n 
1 73  ALA n 
1 74  VAL n 
1 75  GLN n 
1 76  ARG n 
1 77  GLY n 
1 78  LYS n 
1 79  MET n 
1 80  GLN n 
1 81  PRO n 
1 82  PRO n 
1 83  VAL n 
1 84  SER n 
1 85  ASP n 
1 86  ASP n 
1 87  THR n 
1 88  VAL n 
1 89  ARG n 
1 90  GLU n 
1 91  LEU n 
1 92  LEU n 
1 93  GLY n 
1 94  GLN n 
1 95  MET n 
1 96  ALA n 
1 97  ASN n 
1 98  GLN n 
1 99  GLU n 
1 100 ALA n 
1 101 GLU n 
1 102 SER n 
1 103 ARG n 
1 104 SER n 
1 105 HIS n 
1 106 ILE n 
1 107 THR n 
1 108 ILE n 
1 109 ALA n 
1 110 ARG n 
1 111 LYS n 
1 112 ARG n 
1 113 THR n 
1 114 ASP n 
1 115 ASP n 
1 116 ASP n 
1 117 TRP n 
# 
_entity_src_gen.entity_id                          1 
_entity_src_gen.pdbx_src_id                        1 
_entity_src_gen.pdbx_alt_source_flag               sample 
_entity_src_gen.pdbx_seq_type                      'Biological sequence' 
_entity_src_gen.pdbx_beg_seq_num                   1 
_entity_src_gen.pdbx_end_seq_num                   117 
_entity_src_gen.gene_src_common_name               ? 
_entity_src_gen.gene_src_genus                     ? 
_entity_src_gen.pdbx_gene_src_gene                 LMJF_28_1920 
_entity_src_gen.gene_src_species                   ? 
_entity_src_gen.gene_src_strain                    ? 
_entity_src_gen.gene_src_tissue                    ? 
_entity_src_gen.gene_src_tissue_fraction           ? 
_entity_src_gen.gene_src_details                   ? 
_entity_src_gen.pdbx_gene_src_fragment             ? 
_entity_src_gen.pdbx_gene_src_scientific_name      'Leishmania major' 
_entity_src_gen.pdbx_gene_src_ncbi_taxonomy_id     5664 
_entity_src_gen.pdbx_gene_src_variant              ? 
_entity_src_gen.pdbx_gene_src_cell_line            ? 
_entity_src_gen.pdbx_gene_src_atcc                 ? 
_entity_src_gen.pdbx_gene_src_organ                ? 
_entity_src_gen.pdbx_gene_src_organelle            ? 
_entity_src_gen.pdbx_gene_src_cell                 ? 
_entity_src_gen.pdbx_gene_src_cellular_location    ? 
_entity_src_gen.host_org_common_name               ? 
_entity_src_gen.pdbx_host_org_scientific_name      'Escherichia coli' 
_entity_src_gen.pdbx_host_org_ncbi_taxonomy_id     562 
_entity_src_gen.host_org_genus                     ? 
_entity_src_gen.pdbx_host_org_gene                 ? 
_entity_src_gen.pdbx_host_org_organ                ? 
_entity_src_gen.host_org_species                   ? 
_entity_src_gen.pdbx_host_org_tissue               ? 
_entity_src_gen.pdbx_host_org_tissue_fraction      ? 
_entity_src_gen.pdbx_host_org_strain               ? 
_entity_src_gen.pdbx_host_org_variant              ? 
_entity_src_gen.pdbx_host_org_cell_line            ? 
_entity_src_gen.pdbx_host_org_atcc                 ? 
_entity_src_gen.pdbx_host_org_culture_collection   ? 
_entity_src_gen.pdbx_host_org_cell                 ? 
_entity_src_gen.pdbx_host_org_organelle            ? 
_entity_src_gen.pdbx_host_org_cellular_location    ? 
_entity_src_gen.pdbx_host_org_vector_type          ? 
_entity_src_gen.pdbx_host_org_vector               ? 
_entity_src_gen.host_org_details                   ? 
_entity_src_gen.expression_system_id               ? 
_entity_src_gen.plasmid_name                       ? 
_entity_src_gen.plasmid_details                    ? 
_entity_src_gen.pdbx_description                   ? 
# 
_struct_ref.id                         1 
_struct_ref.db_name                    UNP 
_struct_ref.db_code                    Q4Q874_LEIMA 
_struct_ref.pdbx_db_accession          Q4Q874 
_struct_ref.pdbx_db_isoform            ? 
_struct_ref.entity_id                  1 
_struct_ref.pdbx_seq_one_letter_code   
;MSRVPISEEQAQQMVAKQQAQQERMEALEEQKENMLRAFVSAEGRERLKRIAQVKAGRSQAVEMHIIQAVQRGKMQPPVS
DDTVRELLGQMANQEAESRSHITIARKRTDDDW
;
_struct_ref.pdbx_align_begin           1 
# 
_struct_ref_seq.align_id                      1 
_struct_ref_seq.ref_id                        1 
_struct_ref_seq.pdbx_PDB_id_code              6VMT 
_struct_ref_seq.pdbx_strand_id                A 
_struct_ref_seq.seq_align_beg                 5 
_struct_ref_seq.pdbx_seq_align_beg_ins_code   ? 
_struct_ref_seq.seq_align_end                 117 
_struct_ref_seq.pdbx_seq_align_end_ins_code   ? 
_struct_ref_seq.pdbx_db_accession             Q4Q874 
_struct_ref_seq.db_align_beg                  1 
_struct_ref_seq.pdbx_db_align_beg_ins_code    ? 
_struct_ref_seq.db_align_end                  113 
_struct_ref_seq.pdbx_db_align_end_ins_code    ? 
_struct_ref_seq.pdbx_auth_seq_align_beg       1 
_struct_ref_seq.pdbx_auth_seq_align_end       113 
# 
loop_
_struct_ref_seq_dif.align_id 
_struct_ref_seq_dif.pdbx_pdb_id_code 
_struct_ref_seq_dif.mon_id 
_struct_ref_seq_dif.pdbx_pdb_strand_id 
_struct_ref_seq_dif.seq_num 
_struct_ref_seq_dif.pdbx_pdb_ins_code 
_struct_ref_seq_dif.pdbx_seq_db_name 
_struct_ref_seq_dif.pdbx_seq_db_accession_code 
_struct_ref_seq_dif.db_mon_id 
_struct_ref_seq_dif.pdbx_seq_db_seq_num 
_struct_ref_seq_dif.details 
_struct_ref_seq_dif.pdbx_auth_seq_num 
_struct_ref_seq_dif.pdbx_ordinal 
1 6VMT GLY A 1 ? UNP Q4Q874 ? ? 'expression tag' -3 1 
1 6VMT PRO A 2 ? UNP Q4Q874 ? ? 'expression tag' -2 2 
1 6VMT GLY A 3 ? UNP Q4Q874 ? ? 'expression tag' -1 3 
1 6VMT SER A 4 ? UNP Q4Q874 ? ? 'expression tag' 0  4 
# 
loop_
_chem_comp.id 
_chem_comp.type 
_chem_comp.mon_nstd_flag 
_chem_comp.name 
_chem_comp.pdbx_synonyms 
_chem_comp.formula 
_chem_comp.formula_weight 
ALA 'L-peptide linking' y ALANINE         ? 'C3 H7 N O2'     89.093  
ARG 'L-peptide linking' y ARGININE        ? 'C6 H15 N4 O2 1' 175.209 
ASN 'L-peptide linking' y ASPARAGINE      ? 'C4 H8 N2 O3'    132.118 
ASP 'L-peptide linking' y 'ASPARTIC ACID' ? 'C4 H7 N O4'     133.103 
GLN 'L-peptide linking' y GLUTAMINE       ? 'C5 H10 N2 O3'   146.144 
GLU 'L-peptide linking' y 'GLUTAMIC ACID' ? 'C5 H9 N O4'     147.129 
GLY 'peptide linking'   y GLYCINE         ? 'C2 H5 N O2'     75.067  
HIS 'L-peptide linking' y HISTIDINE       ? 'C6 H10 N3 O2 1' 156.162 
HOH non-polymer         . WATER           ? 'H2 O'           18.015  
ILE 'L-peptide linking' y ISOLEUCINE      ? 'C6 H13 N O2'    131.173 
LEU 'L-peptide linking' y LEUCINE         ? 'C6 H13 N O2'    131.173 
LYS 'L-peptide linking' y LYSINE          ? 'C6 H15 N2 O2 1' 147.195 
MET 'L-peptide linking' y METHIONINE      ? 'C5 H11 N O2 S'  149.211 
PHE 'L-peptide linking' y PHENYLALANINE   ? 'C9 H11 N O2'    165.189 
PRO 'L-peptide linking' y PROLINE         ? 'C5 H9 N O2'     115.130 
SER 'L-peptide linking' y SERINE          ? 'C3 H7 N O3'     105.093 
THR 'L-peptide linking' y THREONINE       ? 'C4 H9 N O3'     119.119 
TRP 'L-peptide linking' y TRYPTOPHAN      ? 'C11 H12 N2 O2'  204.225 
VAL 'L-peptide linking' y VALINE          ? 'C5 H11 N O2'    117.146 
# 
_exptl.absorpt_coefficient_mu     ? 
_exptl.absorpt_correction_T_max   ? 
_exptl.absorpt_correction_T_min   ? 
_exptl.absorpt_correction_type    ? 
_exptl.absorpt_process_details    ? 
_exptl.entry_id                   6VMT 
_exptl.crystals_number            1 
_exptl.details                    ? 
_exptl.method                     'X-RAY DIFFRACTION' 
_exptl.method_details             ? 
# 
_exptl_crystal.colour                      ? 
_exptl_crystal.density_diffrn              ? 
_exptl_crystal.density_Matthews            2.82 
_exptl_crystal.density_method              ? 
_exptl_crystal.density_percent_sol         56.43 
_exptl_crystal.description                 ? 
_exptl_crystal.F_000                       ? 
_exptl_crystal.id                          1 
_exptl_crystal.preparation                 ? 
_exptl_crystal.size_max                    ? 
_exptl_crystal.size_mid                    ? 
_exptl_crystal.size_min                    ? 
_exptl_crystal.size_rad                    ? 
_exptl_crystal.colour_lustre               ? 
_exptl_crystal.colour_modifier             ? 
_exptl_crystal.colour_primary              ? 
_exptl_crystal.density_meas                ? 
_exptl_crystal.density_meas_esd            ? 
_exptl_crystal.density_meas_gt             ? 
_exptl_crystal.density_meas_lt             ? 
_exptl_crystal.density_meas_temp           ? 
_exptl_crystal.density_meas_temp_esd       ? 
_exptl_crystal.density_meas_temp_gt        ? 
_exptl_crystal.density_meas_temp_lt        ? 
_exptl_crystal.pdbx_crystal_image_url      ? 
_exptl_crystal.pdbx_crystal_image_format   ? 
_exptl_crystal.pdbx_mosaicity              ? 
_exptl_crystal.pdbx_mosaicity_esd          ? 
# 
_exptl_crystal_grow.apparatus       ? 
_exptl_crystal_grow.atmosphere      ? 
_exptl_crystal_grow.crystal_id      1 
_exptl_crystal_grow.details         ? 
_exptl_crystal_grow.method          'VAPOR DIFFUSION, SITTING DROP' 
_exptl_crystal_grow.method_ref      ? 
_exptl_crystal_grow.pH              6.6 
_exptl_crystal_grow.pressure        ? 
_exptl_crystal_grow.pressure_esd    ? 
_exptl_crystal_grow.seeding         ? 
_exptl_crystal_grow.seeding_ref     ? 
_exptl_crystal_grow.temp            300 
_exptl_crystal_grow.temp_details    ? 
_exptl_crystal_grow.temp_esd        ? 
_exptl_crystal_grow.time            ? 
_exptl_crystal_grow.pdbx_details    '1.5 M K2HPO4' 
_exptl_crystal_grow.pdbx_pH_range   ? 
# 
_diffrn.ambient_environment              ? 
_diffrn.ambient_temp                     100 
_diffrn.ambient_temp_details             ? 
_diffrn.ambient_temp_esd                 ? 
_diffrn.crystal_id                       1 
_diffrn.crystal_support                  ? 
_diffrn.crystal_treatment                ? 
_diffrn.details                          ? 
_diffrn.id                               1 
_diffrn.ambient_pressure                 ? 
_diffrn.ambient_pressure_esd             ? 
_diffrn.ambient_pressure_gt              ? 
_diffrn.ambient_pressure_lt              ? 
_diffrn.ambient_temp_gt                  ? 
_diffrn.ambient_temp_lt                  ? 
_diffrn.pdbx_serial_crystal_experiment   N 
# 
_diffrn_detector.details                      ? 
_diffrn_detector.detector                     CCD 
_diffrn_detector.diffrn_id                    1 
_diffrn_detector.type                         'ADSC QUANTUM 315' 
_diffrn_detector.area_resol_mean              ? 
_diffrn_detector.dtime                        ? 
_diffrn_detector.pdbx_frames_total            ? 
_diffrn_detector.pdbx_collection_time_total   ? 
_diffrn_detector.pdbx_collection_date         2005-03-11 
_diffrn_detector.pdbx_frequency               ? 
# 
_diffrn_radiation.collimation                      ? 
_diffrn_radiation.diffrn_id                        1 
_diffrn_radiation.filter_edge                      ? 
_diffrn_radiation.inhomogeneity                    ? 
_diffrn_radiation.monochromator                    ? 
_diffrn_radiation.polarisn_norm                    ? 
_diffrn_radiation.polarisn_ratio                   ? 
_diffrn_radiation.probe                            ? 
_diffrn_radiation.type                             ? 
_diffrn_radiation.xray_symbol                      ? 
_diffrn_radiation.wavelength_id                    1 
_diffrn_radiation.pdbx_monochromatic_or_laue_m_l   M 
_diffrn_radiation.pdbx_wavelength_list             ? 
_diffrn_radiation.pdbx_wavelength                  ? 
_diffrn_radiation.pdbx_diffrn_protocol             MAD 
_diffrn_radiation.pdbx_analyzer                    ? 
_diffrn_radiation.pdbx_scattering_type             x-ray 
# 
loop_
_diffrn_radiation_wavelength.id 
_diffrn_radiation_wavelength.wavelength 
_diffrn_radiation_wavelength.wt 
1 0.95373 1.0 
2 0.97962 1.0 
3 0.97949 1.0 
# 
_diffrn_source.current                     ? 
_diffrn_source.details                     ? 
_diffrn_source.diffrn_id                   1 
_diffrn_source.power                       ? 
_diffrn_source.size                        ? 
_diffrn_source.source                      SYNCHROTRON 
_diffrn_source.target                      ? 
_diffrn_source.type                        'ALS BEAMLINE 8.2.2' 
_diffrn_source.voltage                     ? 
_diffrn_source.take-off_angle              ? 
_diffrn_source.pdbx_wavelength_list        0.95373,0.97962,0.97949 
_diffrn_source.pdbx_wavelength             ? 
_diffrn_source.pdbx_synchrotron_beamline   8.2.2 
_diffrn_source.pdbx_synchrotron_site       ALS 
# 
_reflns.B_iso_Wilson_estimate            ? 
_reflns.entry_id                         6VMT 
_reflns.data_reduction_details           ? 
_reflns.data_reduction_method            ? 
_reflns.d_resolution_high                2.500 
_reflns.d_resolution_low                 25.296 
_reflns.details                          ? 
_reflns.limit_h_max                      ? 
_reflns.limit_h_min                      ? 
_reflns.limit_k_max                      ? 
_reflns.limit_k_min                      ? 
_reflns.limit_l_max                      ? 
_reflns.limit_l_min                      ? 
_reflns.number_all                       ? 
_reflns.number_obs                       4643 
_reflns.observed_criterion               ? 
_reflns.observed_criterion_F_max         ? 
_reflns.observed_criterion_F_min         ? 
_reflns.observed_criterion_I_max         ? 
_reflns.observed_criterion_I_min         ? 
_reflns.observed_criterion_sigma_F       ? 
_reflns.observed_criterion_sigma_I       ? 
_reflns.percent_possible_obs             87.800 
_reflns.R_free_details                   ? 
_reflns.Rmerge_F_all                     ? 
_reflns.Rmerge_F_obs                     ? 
_reflns.Friedel_coverage                 ? 
_reflns.number_gt                        ? 
_reflns.threshold_expression             ? 
_reflns.pdbx_redundancy                  8.900 
_reflns.pdbx_Rmerge_I_obs                0.114 
_reflns.pdbx_Rmerge_I_all                ? 
_reflns.pdbx_Rsym_value                  ? 
_reflns.pdbx_netI_over_av_sigmaI         ? 
_reflns.pdbx_netI_over_sigmaI            11.300 
_reflns.pdbx_res_netI_over_av_sigmaI_2   ? 
_reflns.pdbx_res_netI_over_sigmaI_2      ? 
_reflns.pdbx_chi_squared                 ? 
_reflns.pdbx_scaling_rejects             ? 
_reflns.pdbx_d_res_high_opt              ? 
_reflns.pdbx_d_res_low_opt               ? 
_reflns.pdbx_d_res_opt_method            ? 
_reflns.phase_calculation_details        ? 
_reflns.pdbx_Rrim_I_all                  0.122 
_reflns.pdbx_Rpim_I_all                  0.040 
_reflns.pdbx_d_opt                       ? 
_reflns.pdbx_number_measured_all         ? 
_reflns.pdbx_diffrn_id                   1 
_reflns.pdbx_ordinal                     1 
_reflns.pdbx_CC_half                     0.998 
_reflns.pdbx_CC_star                     ? 
_reflns.pdbx_R_split                     ? 
# 
loop_
_reflns_shell.d_res_high 
_reflns_shell.d_res_low 
_reflns_shell.meanI_over_sigI_all 
_reflns_shell.meanI_over_sigI_obs 
_reflns_shell.number_measured_all 
_reflns_shell.number_measured_obs 
_reflns_shell.number_possible 
_reflns_shell.number_unique_all 
_reflns_shell.number_unique_obs 
_reflns_shell.percent_possible_all 
_reflns_shell.percent_possible_obs 
_reflns_shell.Rmerge_F_all 
_reflns_shell.Rmerge_F_obs 
_reflns_shell.Rmerge_I_all 
_reflns_shell.Rmerge_I_obs 
_reflns_shell.meanI_over_sigI_gt 
_reflns_shell.meanI_over_uI_all 
_reflns_shell.meanI_over_uI_gt 
_reflns_shell.number_measured_gt 
_reflns_shell.number_unique_gt 
_reflns_shell.percent_possible_gt 
_reflns_shell.Rmerge_F_gt 
_reflns_shell.Rmerge_I_gt 
_reflns_shell.pdbx_redundancy 
_reflns_shell.pdbx_Rsym_value 
_reflns_shell.pdbx_chi_squared 
_reflns_shell.pdbx_netI_over_sigmaI_all 
_reflns_shell.pdbx_netI_over_sigmaI_obs 
_reflns_shell.pdbx_Rrim_I_all 
_reflns_shell.pdbx_Rpim_I_all 
_reflns_shell.pdbx_rejects 
_reflns_shell.pdbx_ordinal 
_reflns_shell.pdbx_diffrn_id 
_reflns_shell.pdbx_CC_half 
_reflns_shell.pdbx_CC_star 
_reflns_shell.pdbx_R_split 
2.500 2.600  ? ? ? ? ? ? 306 53.500 ? ? ? ? 6.236 ? ? ? ? ? ? ? ? 6.900 ? ? ? ? 6.752 2.424 ? 1 1 0.264 ? ? 
9.010 25.296 ? ? ? ? ? ? 122 95.200 ? ? ? ? 0.074 ? ? ? ? ? ? ? ? 8.900 ? ? ? ? 0.078 0.025 ? 2 1 0.999 ? ? 
# 
_refine.aniso_B[1][1]                            -0.435 
_refine.aniso_B[1][2]                            -0.218 
_refine.aniso_B[1][3]                            0.000 
_refine.aniso_B[2][2]                            -0.435 
_refine.aniso_B[2][3]                            0.000 
_refine.aniso_B[3][3]                            1.412 
_refine.B_iso_max                                ? 
_refine.B_iso_mean                               79.593 
_refine.B_iso_min                                ? 
_refine.correlation_coeff_Fo_to_Fc               0.951 
_refine.correlation_coeff_Fo_to_Fc_free          0.919 
_refine.details                                  
;Hydrogens have been added in their riding positions.
Sulfur f'' term set to 2.5e to account for partial substitution of SeMet for Met
;
_refine.diff_density_max                         ? 
_refine.diff_density_max_esd                     ? 
_refine.diff_density_min                         ? 
_refine.diff_density_min_esd                     ? 
_refine.diff_density_rms                         ? 
_refine.diff_density_rms_esd                     ? 
_refine.entry_id                                 6VMT 
_refine.pdbx_refine_id                           'X-RAY DIFFRACTION' 
_refine.ls_abs_structure_details                 ? 
_refine.ls_abs_structure_Flack                   ? 
_refine.ls_abs_structure_Flack_esd               ? 
_refine.ls_abs_structure_Rogers                  ? 
_refine.ls_abs_structure_Rogers_esd              ? 
_refine.ls_d_res_high                            2.501 
_refine.ls_d_res_low                             25.296 
_refine.ls_extinction_coef                       ? 
_refine.ls_extinction_coef_esd                   ? 
_refine.ls_extinction_expression                 ? 
_refine.ls_extinction_method                     ? 
_refine.ls_goodness_of_fit_all                   ? 
_refine.ls_goodness_of_fit_all_esd               ? 
_refine.ls_goodness_of_fit_obs                   ? 
_refine.ls_goodness_of_fit_obs_esd               ? 
_refine.ls_hydrogen_treatment                    ? 
_refine.ls_matrix_type                           ? 
_refine.ls_number_constraints                    ? 
_refine.ls_number_parameters                     ? 
_refine.ls_number_reflns_all                     ? 
_refine.ls_number_reflns_obs                     4640 
_refine.ls_number_reflns_R_free                  194 
_refine.ls_number_reflns_R_work                  ? 
_refine.ls_number_restraints                     ? 
_refine.ls_percent_reflns_obs                    87.829 
_refine.ls_percent_reflns_R_free                 4.181 
_refine.ls_R_factor_all                          0.224 
_refine.ls_R_factor_obs                          ? 
_refine.ls_R_factor_R_free                       0.2727 
_refine.ls_R_factor_R_free_error                 ? 
_refine.ls_R_factor_R_free_error_details         ? 
_refine.ls_R_factor_R_work                       0.2223 
_refine.ls_R_Fsqd_factor_obs                     ? 
_refine.ls_R_I_factor_obs                        ? 
_refine.ls_redundancy_reflns_all                 ? 
_refine.ls_redundancy_reflns_obs                 ? 
_refine.ls_restrained_S_all                      ? 
_refine.ls_restrained_S_obs                      ? 
_refine.ls_shift_over_esd_max                    ? 
_refine.ls_shift_over_esd_mean                   ? 
_refine.ls_structure_factor_coef                 ? 
_refine.ls_weighting_details                     ? 
_refine.ls_weighting_scheme                      ? 
_refine.ls_wR_factor_all                         ? 
_refine.ls_wR_factor_obs                         ? 
_refine.ls_wR_factor_R_free                      ? 
_refine.ls_wR_factor_R_work                      ? 
_refine.occupancy_max                            ? 
_refine.occupancy_min                            ? 
_refine.solvent_model_details                    ? 
_refine.solvent_model_param_bsol                 ? 
_refine.solvent_model_param_ksol                 ? 
_refine.pdbx_R_complete                          ? 
_refine.ls_R_factor_gt                           ? 
_refine.ls_goodness_of_fit_gt                    ? 
_refine.ls_goodness_of_fit_ref                   ? 
_refine.ls_shift_over_su_max                     ? 
_refine.ls_shift_over_su_max_lt                  ? 
_refine.ls_shift_over_su_mean                    ? 
_refine.ls_shift_over_su_mean_lt                 ? 
_refine.pdbx_ls_sigma_I                          ? 
_refine.pdbx_ls_sigma_F                          ? 
_refine.pdbx_ls_sigma_Fsqd                       ? 
_refine.pdbx_data_cutoff_high_absF               ? 
_refine.pdbx_data_cutoff_high_rms_absF           ? 
_refine.pdbx_data_cutoff_low_absF                ? 
_refine.pdbx_isotropic_thermal_model             ? 
_refine.pdbx_ls_cross_valid_method               'FREE R-VALUE' 
_refine.pdbx_method_to_determine_struct          'MOLECULAR REPLACEMENT' 
_refine.pdbx_starting_model                      6IQO 
_refine.pdbx_stereochemistry_target_values       ? 
_refine.pdbx_R_Free_selection_details            ? 
_refine.pdbx_stereochem_target_val_spec_case     ? 
_refine.pdbx_overall_ESU_R                       0.471 
_refine.pdbx_overall_ESU_R_Free                  0.306 
_refine.pdbx_solvent_vdw_probe_radii             1.400 
_refine.pdbx_solvent_ion_probe_radii             0.800 
_refine.pdbx_solvent_shrinkage_radii             0.800 
_refine.pdbx_real_space_R                        ? 
_refine.pdbx_density_correlation                 ? 
_refine.pdbx_pd_number_of_powder_patterns        ? 
_refine.pdbx_pd_number_of_points                 ? 
_refine.pdbx_pd_meas_number_of_points            ? 
_refine.pdbx_pd_proc_ls_prof_R_factor            ? 
_refine.pdbx_pd_proc_ls_prof_wR_factor           ? 
_refine.pdbx_pd_Marquardt_correlation_coeff      ? 
_refine.pdbx_pd_Fsqrd_R_factor                   ? 
_refine.pdbx_pd_ls_matrix_band_width             ? 
_refine.pdbx_overall_phase_error                 ? 
_refine.pdbx_overall_SU_R_free_Cruickshank_DPI   ? 
_refine.pdbx_overall_SU_R_free_Blow_DPI          ? 
_refine.pdbx_overall_SU_R_Blow_DPI               ? 
_refine.pdbx_TLS_residual_ADP_flag               ? 
_refine.pdbx_diffrn_id                           1 
_refine.overall_SU_B                             11.938 
_refine.overall_SU_ML                            0.242 
_refine.overall_SU_R_Cruickshank_DPI             ? 
_refine.overall_SU_R_free                        ? 
_refine.overall_FOM_free_R_set                   ? 
_refine.overall_FOM_work_R_set                   ? 
_refine.pdbx_average_fsc_overall                 ? 
_refine.pdbx_average_fsc_work                    ? 
_refine.pdbx_average_fsc_free                    ? 
# 
_refine_hist.pdbx_refine_id                   'X-RAY DIFFRACTION' 
_refine_hist.cycle_id                         LAST 
_refine_hist.details                          ? 
_refine_hist.d_res_high                       2.501 
_refine_hist.d_res_low                        25.296 
_refine_hist.number_atoms_solvent             16 
_refine_hist.number_atoms_total               799 
_refine_hist.number_reflns_all                ? 
_refine_hist.number_reflns_obs                ? 
_refine_hist.number_reflns_R_free             ? 
_refine_hist.number_reflns_R_work             ? 
_refine_hist.R_factor_all                     ? 
_refine_hist.R_factor_obs                     ? 
_refine_hist.R_factor_R_free                  ? 
_refine_hist.R_factor_R_work                  ? 
_refine_hist.pdbx_number_residues_total       ? 
_refine_hist.pdbx_B_iso_mean_ligand           ? 
_refine_hist.pdbx_B_iso_mean_solvent          ? 
_refine_hist.pdbx_number_atoms_protein        783 
_refine_hist.pdbx_number_atoms_nucleic_acid   0 
_refine_hist.pdbx_number_atoms_ligand         0 
_refine_hist.pdbx_number_atoms_lipid          ? 
_refine_hist.pdbx_number_atoms_carb           ? 
_refine_hist.pdbx_pseudo_atom_details         ? 
# 
loop_
_refine_ls_restr.pdbx_refine_id 
_refine_ls_restr.criterion 
_refine_ls_restr.dev_ideal 
_refine_ls_restr.dev_ideal_target 
_refine_ls_restr.number 
_refine_ls_restr.rejects 
_refine_ls_restr.type 
_refine_ls_restr.weight 
_refine_ls_restr.pdbx_restraint_function 
'X-RAY DIFFRACTION' ? 0.010  0.013  788  ? r_bond_refined_d               ? ? 
'X-RAY DIFFRACTION' ? 0.001  0.018  748  ? r_bond_other_d                 ? ? 
'X-RAY DIFFRACTION' ? 1.605  1.647  1052 ? r_angle_refined_deg            ? ? 
'X-RAY DIFFRACTION' ? 1.262  1.577  1743 ? r_angle_other_deg              ? ? 
'X-RAY DIFFRACTION' ? 5.778  5.000  98   ? r_dihedral_angle_1_deg         ? ? 
'X-RAY DIFFRACTION' ? 36.103 22.642 53   ? r_dihedral_angle_2_deg         ? ? 
'X-RAY DIFFRACTION' ? 20.702 15.000 163  ? r_dihedral_angle_3_deg         ? ? 
'X-RAY DIFFRACTION' ? 20.708 15.000 9    ? r_dihedral_angle_4_deg         ? ? 
'X-RAY DIFFRACTION' ? 0.060  0.200  101  ? r_chiral_restr                 ? ? 
'X-RAY DIFFRACTION' ? 0.006  0.020  890  ? r_gen_planes_refined           ? ? 
'X-RAY DIFFRACTION' ? 0.001  0.020  149  ? r_gen_planes_other             ? ? 
'X-RAY DIFFRACTION' ? 0.222  0.200  176  ? r_nbd_refined                  ? ? 
'X-RAY DIFFRACTION' ? 0.190  0.200  673  ? r_symmetry_nbd_other           ? ? 
'X-RAY DIFFRACTION' ? 0.153  0.200  372  ? r_nbtor_refined                ? ? 
'X-RAY DIFFRACTION' ? 0.086  0.200  425  ? r_symmetry_nbtor_other         ? ? 
'X-RAY DIFFRACTION' ? 0.154  0.200  20   ? r_xyhbond_nbd_refined          ? ? 
'X-RAY DIFFRACTION' ? 0.258  0.200  11   ? r_symmetry_nbd_refined         ? ? 
'X-RAY DIFFRACTION' ? 0.227  0.200  51   ? r_nbd_other                    ? ? 
'X-RAY DIFFRACTION' ? 0.142  0.200  4    ? r_symmetry_xyhbond_nbd_refined ? ? 
'X-RAY DIFFRACTION' ? 7.567  7.783  395  ? r_mcbond_it                    ? ? 
'X-RAY DIFFRACTION' ? 7.344  7.773  394  ? r_mcbond_other                 ? ? 
'X-RAY DIFFRACTION' ? 9.843  11.721 492  ? r_mcangle_it                   ? ? 
'X-RAY DIFFRACTION' ? 9.834  11.740 493  ? r_mcangle_other                ? ? 
'X-RAY DIFFRACTION' ? 9.396  9.382  393  ? r_scbond_it                    ? ? 
'X-RAY DIFFRACTION' ? 9.385  9.389  394  ? r_scbond_other                 ? ? 
'X-RAY DIFFRACTION' ? 14.901 13.554 560  ? r_scangle_it                   ? ? 
'X-RAY DIFFRACTION' ? 14.887 13.563 561  ? r_scangle_other                ? ? 
'X-RAY DIFFRACTION' ? 17.389 94.379 856  ? r_lrange_it                    ? ? 
'X-RAY DIFFRACTION' ? 17.382 94.474 857  ? r_lrange_other                 ? ? 
# 
loop_
_refine_ls_shell.pdbx_refine_id 
_refine_ls_shell.d_res_high 
_refine_ls_shell.d_res_low 
_refine_ls_shell.number_reflns_all 
_refine_ls_shell.number_reflns_obs 
_refine_ls_shell.number_reflns_R_free 
_refine_ls_shell.number_reflns_R_work 
_refine_ls_shell.percent_reflns_obs 
_refine_ls_shell.percent_reflns_R_free 
_refine_ls_shell.R_factor_all 
_refine_ls_shell.R_factor_obs 
_refine_ls_shell.R_factor_R_free 
_refine_ls_shell.R_factor_R_free_error 
_refine_ls_shell.R_factor_R_work 
_refine_ls_shell.redundancy_reflns_all 
_refine_ls_shell.redundancy_reflns_obs 
_refine_ls_shell.wR_factor_all 
_refine_ls_shell.wR_factor_obs 
_refine_ls_shell.wR_factor_R_free 
_refine_ls_shell.wR_factor_R_work 
_refine_ls_shell.pdbx_R_complete 
_refine_ls_shell.pdbx_total_number_of_bins_used 
_refine_ls_shell.pdbx_phase_error 
_refine_ls_shell.pdbx_fsc_work 
_refine_ls_shell.pdbx_fsc_free 
'X-RAY DIFFRACTION' 2.501  2.566  . . 9  201 53.435  . . . 0.364 . 0.355 . . . . . . . . . . . 
'X-RAY DIFFRACTION' 2.566  2.636  . . 10 192 55.647  . . . 0.546 . 0.359 . . . . . . . . . . . 
'X-RAY DIFFRACTION' 2.636  2.713  . . 8  224 64.444  . . . 0.273 . 0.356 . . . . . . . . . . . 
'X-RAY DIFFRACTION' 2.713  2.796  . . 9  242 69.916  . . . 0.436 . 0.352 . . . . . . . . . . . 
'X-RAY DIFFRACTION' 2.796  2.887  . . 11 286 86.842  . . . 0.562 . 0.308 . . . . . . . . . . . 
'X-RAY DIFFRACTION' 2.887  2.988  . . 18 315 99.701  . . . 0.321 . 0.279 . . . . . . . . . . . 
'X-RAY DIFFRACTION' 2.988  3.101  . . 16 309 100.000 . . . 0.452 . 0.290 . . . . . . . . . . . 
'X-RAY DIFFRACTION' 3.101  3.227  . . 9  307 99.685  . . . 0.244 . 0.273 . . . . . . . . . . . 
'X-RAY DIFFRACTION' 3.227  3.370  . . 16 274 100.000 . . . 0.240 . 0.245 . . . . . . . . . . . 
'X-RAY DIFFRACTION' 3.370  3.534  . . 15 269 100.000 . . . 0.247 . 0.212 . . . . . . . . . . . 
'X-RAY DIFFRACTION' 3.534  3.724  . . 6  265 100.000 . . . 0.218 . 0.196 . . . . . . . . . . . 
'X-RAY DIFFRACTION' 3.724  3.949  . . 10 250 100.000 . . . 0.244 . 0.207 . . . . . . . . . . . 
'X-RAY DIFFRACTION' 3.949  4.221  . . 11 232 99.590  . . . 0.190 . 0.175 . . . . . . . . . . . 
'X-RAY DIFFRACTION' 4.221  4.557  . . 6  223 100.000 . . . 0.193 . 0.190 . . . . . . . . . . . 
'X-RAY DIFFRACTION' 4.557  4.989  . . 5  207 100.000 . . . 0.248 . 0.206 . . . . . . . . . . . 
'X-RAY DIFFRACTION' 4.989  5.572  . . 13 173 99.465  . . . 0.450 . 0.249 . . . . . . . . . . . 
'X-RAY DIFFRACTION' 5.572  6.424  . . 8  170 99.441  . . . 0.411 . 0.239 . . . . . . . . . . . 
'X-RAY DIFFRACTION' 6.424  7.844  . . 8  132 97.902  . . . 0.203 . 0.194 . . . . . . . . . . . 
'X-RAY DIFFRACTION' 7.844  10.992 . . 5  111 99.145  . . . 0.195 . 0.176 . . . . . . . . . . . 
'X-RAY DIFFRACTION' 10.992 25.296 . . 1  64  89.041  . . . 0.064 . 0.222 . . . . . . . . . . . 
# 
_struct.entry_id                     6VMT 
_struct.title                        'Leishmania major Programmed Cell Death Protein 5 Homolog' 
_struct.pdbx_model_details           ? 
_struct.pdbx_formula_weight          ? 
_struct.pdbx_formula_weight_method   ? 
_struct.pdbx_model_type_details      ? 
_struct.pdbx_CASP_flag               N 
# 
_struct_keywords.entry_id        6VMT 
_struct_keywords.text            
;Structural Genomics, Structural Genomics of Pathogenic Protozoa Consortium, SGPP, PSI-2, Protein Structure Initiative, DNA BINDING PROTEIN
;
_struct_keywords.pdbx_keywords   'DNA BINDING PROTEIN' 
# 
loop_
_struct_asym.id 
_struct_asym.pdbx_blank_PDB_chainid_flag 
_struct_asym.pdbx_modified 
_struct_asym.entity_id 
_struct_asym.details 
A N N 1 ? 
B N N 2 ? 
# 
loop_
_struct_conf.conf_type_id 
_struct_conf.id 
_struct_conf.pdbx_PDB_helix_id 
_struct_conf.beg_label_comp_id 
_struct_conf.beg_label_asym_id 
_struct_conf.beg_label_seq_id 
_struct_conf.pdbx_beg_PDB_ins_code 
_struct_conf.end_label_comp_id 
_struct_conf.end_label_asym_id 
_struct_conf.end_label_seq_id 
_struct_conf.pdbx_end_PDB_ins_code 
_struct_conf.beg_auth_comp_id 
_struct_conf.beg_auth_asym_id 
_struct_conf.beg_auth_seq_id 
_struct_conf.end_auth_comp_id 
_struct_conf.end_auth_asym_id 
_struct_conf.end_auth_seq_id 
_struct_conf.pdbx_PDB_helix_class 
_struct_conf.details 
_struct_conf.pdbx_PDB_helix_length 
HELX_P HELX_P1 AA1 SER A 11 ? VAL A 44  ? SER A 7  VAL A 40  1 ? 34 
HELX_P HELX_P2 AA2 SER A 45 ? ARG A 76  ? SER A 41 ARG A 72  1 ? 32 
HELX_P HELX_P3 AA3 SER A 84 ? SER A 104 ? SER A 80 SER A 100 1 ? 21 
# 
_struct_conf_type.id          HELX_P 
_struct_conf_type.criteria    ? 
_struct_conf_type.reference   ? 
# 
_struct_mon_prot_cis.pdbx_id                1 
_struct_mon_prot_cis.label_comp_id          PRO 
_struct_mon_prot_cis.label_seq_id           81 
_struct_mon_prot_cis.label_asym_id          A 
_struct_mon_prot_cis.label_alt_id           . 
_struct_mon_prot_cis.pdbx_PDB_ins_code      ? 
_struct_mon_prot_cis.auth_comp_id           PRO 
_struct_mon_prot_cis.auth_seq_id            77 
_struct_mon_prot_cis.auth_asym_id           A 
_struct_mon_prot_cis.pdbx_label_comp_id_2   PRO 
_struct_mon_prot_cis.pdbx_label_seq_id_2    82 
_struct_mon_prot_cis.pdbx_label_asym_id_2   A 
_struct_mon_prot_cis.pdbx_PDB_ins_code_2    ? 
_struct_mon_prot_cis.pdbx_auth_comp_id_2    PRO 
_struct_mon_prot_cis.pdbx_auth_seq_id_2     78 
_struct_mon_prot_cis.pdbx_auth_asym_id_2    A 
_struct_mon_prot_cis.pdbx_PDB_model_num     1 
_struct_mon_prot_cis.pdbx_omega_angle       -1.66 
# 
_atom_sites.entry_id                    6VMT 
_atom_sites.Cartn_transf_matrix[1][1]   ? 
_atom_sites.Cartn_transf_matrix[1][2]   ? 
_atom_sites.Cartn_transf_matrix[1][3]   ? 
_atom_sites.Cartn_transf_matrix[2][1]   ? 
_atom_sites.Cartn_transf_matrix[2][2]   ? 
_atom_sites.Cartn_transf_matrix[2][3]   ? 
_atom_sites.Cartn_transf_matrix[3][1]   ? 
_atom_sites.Cartn_transf_matrix[3][2]   ? 
_atom_sites.Cartn_transf_matrix[3][3]   ? 
_atom_sites.Cartn_transf_vector[1]      ? 
_atom_sites.Cartn_transf_vector[2]      ? 
_atom_sites.Cartn_transf_vector[3]      ? 
_atom_sites.fract_transf_matrix[1][1]   -0.00211276 
_atom_sites.fract_transf_matrix[1][2]   0.00339543 
_atom_sites.fract_transf_matrix[1][3]   -0.00917411 
_atom_sites.fract_transf_matrix[2][1]   0.00220182 
_atom_sites.fract_transf_matrix[2][2]   0.00944410 
_atom_sites.fract_transf_matrix[2][3]   -0.00247001 
_atom_sites.fract_transf_matrix[3][1]   0.01539001 
_atom_sites.fract_transf_matrix[3][2]   -0.00499891 
_atom_sites.fract_transf_matrix[3][3]   -0.00539441 
_atom_sites.fract_transf_vector[1]      0.134063 
_atom_sites.fract_transf_vector[2]      0.242949 
_atom_sites.fract_transf_vector[3]      0.048126 
_atom_sites.solution_primary            ? 
_atom_sites.solution_secondary          ? 
_atom_sites.solution_hydrogens          ? 
_atom_sites.special_details             ? 
# 
loop_
_atom_type.symbol 
_atom_type.scat_Cromer_Mann_a1 
_atom_type.scat_Cromer_Mann_b1 
_atom_type.scat_Cromer_Mann_a2 
_atom_type.scat_Cromer_Mann_b2 
_atom_type.scat_Cromer_Mann_a3 
_atom_type.scat_Cromer_Mann_b3 
_atom_type.scat_Cromer_Mann_a4 
_atom_type.scat_Cromer_Mann_b4 
_atom_type.scat_Cromer_Mann_c 
_atom_type.scat_dispersion_real 
_atom_type.scat_dispersion_imag 
_atom_type.scat_source 
C 2.310  20.844 1.020 10.208 1.589 0.569  0.865 51.651 0.216   ?   ?   ?                                      
H 0.493  10.511 0.323 26.126 0.140 3.142  0.041 57.800 0.003   ?   ?   ?                                      
N 12.222 0.006  3.135 9.893  2.014 28.997 1.167 0.583  -11.538 ?   ?   ?                                      
O 3.049  13.277 2.287 5.701  1.546 0.324  0.867 32.909 0.251   ?   ?   ?                                      
S 6.905  1.468  5.203 22.215 1.438 0.254  1.586 56.172 0.867   0.0 2.5 'partial substitution of Met by SeMet' 
# 
loop_
_atom_site.group_PDB 
_atom_site.id 
_atom_site.type_symbol 
_atom_site.label_atom_id 
_atom_site.label_alt_id 
_atom_site.label_comp_id 
_atom_site.label_asym_id 
_atom_site.label_entity_id 
_atom_site.label_seq_id 
_atom_site.pdbx_PDB_ins_code 
_atom_site.Cartn_x 
_atom_site.Cartn_y 
_atom_site.Cartn_z 
_atom_site.occupancy 
_atom_site.B_iso_or_equiv 
_atom_site.pdbx_formal_charge 
_atom_site.auth_seq_id 
_atom_site.auth_comp_id 
_atom_site.auth_asym_id 
_atom_site.auth_atom_id 
_atom_site.pdbx_PDB_model_num 
ATOM   1   N N   . VAL A 1 8   ? -35.762 -17.173 -15.434 1.000 137.429 ? 4   VAL A N   1 
ATOM   2   C CA  . VAL A 1 8   ? -36.009 -18.654 -15.419 1.000 147.468 ? 4   VAL A CA  1 
ATOM   3   C C   . VAL A 1 8   ? -34.841 -19.354 -14.720 1.000 153.170 ? 4   VAL A C   1 
ATOM   4   O O   . VAL A 1 8   ? -35.054 -19.962 -13.673 1.000 144.507 ? 4   VAL A O   1 
ATOM   5   C CB  . VAL A 1 8   ? -36.292 -19.217 -16.834 1.000 146.934 ? 4   VAL A CB  1 
ATOM   6   C CG1 . VAL A 1 8   ? -36.030 -20.716 -16.935 1.000 133.068 ? 4   VAL A CG1 1 
ATOM   7   C CG2 . VAL A 1 8   ? -37.712 -18.895 -17.296 1.000 139.770 ? 4   VAL A CG2 1 
ATOM   8   N N   . PRO A 1 9   ? -33.583 -19.294 -15.233 1.000 159.147 ? 5   PRO A N   1 
ATOM   9   C CA  . PRO A 1 9   ? -32.491 -20.114 -14.703 1.000 149.255 ? 5   PRO A CA  1 
ATOM   10  C C   . PRO A 1 9   ? -32.174 -19.863 -13.221 1.000 145.458 ? 5   PRO A C   1 
ATOM   11  O O   . PRO A 1 9   ? -31.944 -20.856 -12.546 1.000 139.997 ? 5   PRO A O   1 
ATOM   12  C CB  . PRO A 1 9   ? -31.262 -19.761 -15.559 1.000 142.478 ? 5   PRO A CB  1 
ATOM   13  C CG  . PRO A 1 9   ? -31.611 -18.430 -16.185 1.000 140.899 ? 5   PRO A CG  1 
ATOM   14  C CD  . PRO A 1 9   ? -33.121 -18.443 -16.340 1.000 151.046 ? 5   PRO A CD  1 
ATOM   15  N N   . ILE A 1 10  ? -32.162 -18.594 -12.765 1.000 136.167 ? 6   ILE A N   1 
ATOM   16  C CA  . ILE A 1 10  ? -31.755 -18.212 -11.372 1.000 114.164 ? 6   ILE A CA  1 
ATOM   17  C C   . ILE A 1 10  ? -32.885 -17.446 -10.682 1.000 101.473 ? 6   ILE A C   1 
ATOM   18  O O   . ILE A 1 10  ? -33.593 -16.650 -11.337 1.000 88.996  ? 6   ILE A O   1 
ATOM   19  C CB  . ILE A 1 10  ? -30.403 -17.455 -11.312 1.000 106.149 ? 6   ILE A CB  1 
ATOM   20  C CG1 . ILE A 1 10  ? -30.531 -15.957 -11.021 1.000 99.788  ? 6   ILE A CG1 1 
ATOM   21  C CG2 . ILE A 1 10  ? -29.587 -17.712 -12.569 1.000 104.746 ? 6   ILE A CG2 1 
ATOM   22  C CD1 . ILE A 1 10  ? -29.248 -15.326 -10.510 1.000 95.753  ? 6   ILE A CD1 1 
ATOM   23  N N   . SER A 1 11  ? -33.010 -17.698 -9.380  1.000 95.647  ? 7   SER A N   1 
ATOM   24  C CA  . SER A 1 11  ? -34.097 -17.211 -8.501  1.000 100.600 ? 7   SER A CA  1 
ATOM   25  C C   . SER A 1 11  ? -33.979 -15.697 -8.328  1.000 97.499  ? 7   SER A C   1 
ATOM   26  O O   . SER A 1 11  ? -32.899 -15.154 -8.560  1.000 96.937  ? 7   SER A O   1 
ATOM   27  C CB  . SER A 1 11  ? -34.060 -17.937 -7.174  1.000 109.207 ? 7   SER A CB  1 
ATOM   28  O OG  . SER A 1 11  ? -34.812 -17.244 -6.186  1.000 123.619 ? 7   SER A OG  1 
ATOM   29  N N   . GLU A 1 12  ? -35.070 -15.056 -7.917  1.000 103.803 ? 8   GLU A N   1 
ATOM   30  C CA  . GLU A 1 12  ? -35.095 -13.639 -7.480  1.000 94.916  ? 8   GLU A CA  1 
ATOM   31  C C   . GLU A 1 12  ? -34.174 -13.484 -6.268  1.000 95.414  ? 8   GLU A C   1 
ATOM   32  O O   . GLU A 1 12  ? -33.429 -12.503 -6.239  1.000 101.942 ? 8   GLU A O   1 
ATOM   33  C CB  . GLU A 1 12  ? -36.527 -13.221 -7.159  1.000 91.440  ? 8   GLU A CB  1 
ATOM   34  C CG  . GLU A 1 12  ? -36.732 -11.724 -7.139  1.000 97.200  ? 8   GLU A CG  1 
ATOM   35  C CD  . GLU A 1 12  ? -38.130 -11.281 -6.738  1.000 101.064 ? 8   GLU A CD  1 
ATOM   36  O OE1 . GLU A 1 12  ? -39.058 -12.130 -6.704  1.000 96.794  ? 8   GLU A OE1 1 
ATOM   37  O OE2 . GLU A 1 12  ? -38.294 -10.077 -6.460  1.000 95.054  ? 8   GLU A OE2 1 
ATOM   38  N N   . GLU A 1 13  ? -34.211 -14.430 -5.323  1.000 99.911  ? 9   GLU A N   1 
ATOM   39  C CA  . GLU A 1 13  ? -33.371 -14.415 -4.094  1.000 106.901 ? 9   GLU A CA  1 
ATOM   40  C C   . GLU A 1 13  ? -31.902 -14.582 -4.492  1.000 99.570  ? 9   GLU A C   1 
ATOM   41  O O   . GLU A 1 13  ? -31.059 -13.844 -3.966  1.000 98.122  ? 9   GLU A O   1 
ATOM   42  C CB  . GLU A 1 13  ? -33.777 -15.513 -3.106  1.000 124.221 ? 9   GLU A CB  1 
ATOM   43  C CG  . GLU A 1 13  ? -33.043 -15.440 -1.768  1.000 133.145 ? 9   GLU A CG  1 
ATOM   44  C CD  . GLU A 1 13  ? -33.197 -16.645 -0.849  1.000 139.651 ? 9   GLU A CD  1 
ATOM   45  O OE1 . GLU A 1 13  ? -32.826 -17.759 -1.282  1.000 136.016 ? 9   GLU A OE1 1 
ATOM   46  O OE2 . GLU A 1 13  ? -33.675 -16.469 0.307   1.000 127.335 ? 9   GLU A OE2 1 
ATOM   47  N N   . GLN A 1 14  ? -31.595 -15.524 -5.380  1.000 100.503 ? 10  GLN A N   1 
ATOM   48  C CA  . GLN A 1 14  ? -30.187 -15.854 -5.726  1.000 101.695 ? 10  GLN A CA  1 
ATOM   49  C C   . GLN A 1 14  ? -29.544 -14.646 -6.424  1.000 94.598  ? 10  GLN A C   1 
ATOM   50  O O   . GLN A 1 14  ? -28.343 -14.420 -6.223  1.000 106.164 ? 10  GLN A O   1 
ATOM   51  C CB  . GLN A 1 14  ? -30.115 -17.133 -6.568  1.000 111.099 ? 10  GLN A CB  1 
ATOM   52  C CG  . GLN A 1 14  ? -28.703 -17.529 -6.998  1.000 106.023 ? 10  GLN A CG  1 
ATOM   53  C CD  . GLN A 1 14  ? -27.842 -18.027 -5.862  1.000 105.414 ? 10  GLN A CD  1 
ATOM   54  O OE1 . GLN A 1 14  ? -28.274 -18.818 -5.025  1.000 109.033 ? 10  GLN A OE1 1 
ATOM   55  N NE2 . GLN A 1 14  ? -26.598 -17.574 -5.840  1.000 102.066 ? 10  GLN A NE2 1 
ATOM   56  N N   . ALA A 1 15  ? -30.302 -13.901 -7.225  1.000 89.110  ? 11  ALA A N   1 
ATOM   57  C CA  . ALA A 1 15  ? -29.820 -12.686 -7.922  1.000 85.791  ? 11  ALA A CA  1 
ATOM   58  C C   . ALA A 1 15  ? -29.674 -11.548 -6.908  1.000 87.402  ? 11  ALA A C   1 
ATOM   59  O O   . ALA A 1 15  ? -28.804 -10.691 -7.094  1.000 84.241  ? 11  ALA A O   1 
ATOM   60  C CB  . ALA A 1 15  ? -30.778 -12.304 -9.011  1.000 83.369  ? 11  ALA A CB  1 
ATOM   61  N N   . GLN A 1 16  ? -30.540 -11.542 -5.891  1.000 95.884  ? 12  GLN A N   1 
ATOM   62  C CA  . GLN A 1 16  ? -30.519 -10.584 -4.756  1.000 95.620  ? 12  GLN A CA  1 
ATOM   63  C C   . GLN A 1 16  ? -29.223 -10.801 -3.973  1.000 95.271  ? 12  GLN A C   1 
ATOM   64  O O   . GLN A 1 16  ? -28.757 -9.829  -3.347  1.000 98.454  ? 12  GLN A O   1 
ATOM   65  C CB  . GLN A 1 16  ? -31.800 -10.741 -3.925  1.000 106.217 ? 12  GLN A CB  1 
ATOM   66  C CG  . GLN A 1 16  ? -31.668 -10.427 -2.442  1.000 117.367 ? 12  GLN A CG  1 
ATOM   67  C CD  . GLN A 1 16  ? -32.867 -10.923 -1.666  1.000 136.324 ? 12  GLN A CD  1 
ATOM   68  O OE1 . GLN A 1 16  ? -34.000 -10.910 -2.151  1.000 142.736 ? 12  GLN A OE1 1 
ATOM   69  N NE2 . GLN A 1 16  ? -32.620 -11.377 -0.447  1.000 149.553 ? 12  GLN A NE2 1 
ATOM   70  N N   . GLN A 1 17  ? -28.662 -12.013 -4.039  1.000 88.693  ? 13  GLN A N   1 
ATOM   71  C CA  . GLN A 1 17  ? -27.433 -12.406 -3.305  1.000 84.291  ? 13  GLN A CA  1 
ATOM   72  C C   . GLN A 1 17  ? -26.191 -12.005 -4.101  1.000 75.966  ? 13  GLN A C   1 
ATOM   73  O O   . GLN A 1 17  ? -25.170 -11.739 -3.470  1.000 91.247  ? 13  GLN A O   1 
ATOM   74  C CB  . GLN A 1 17  ? -27.406 -13.908 -3.005  1.000 94.160  ? 13  GLN A CB  1 
ATOM   75  C CG  . GLN A 1 17  ? -28.264 -14.301 -1.813  1.000 99.362  ? 13  GLN A CG  1 
ATOM   76  C CD  . GLN A 1 17  ? -27.993 -15.708 -1.337  1.000 114.928 ? 13  GLN A CD  1 
ATOM   77  O OE1 . GLN A 1 17  ? -26.863 -16.199 -1.398  1.000 121.059 ? 13  GLN A OE1 1 
ATOM   78  N NE2 . GLN A 1 17  ? -29.032 -16.365 -0.846  1.000 112.581 ? 13  GLN A NE2 1 
ATOM   79  N N   . MET A 1 18  ? -26.245 -11.987 -5.427  1.000 66.748  ? 14  MET A N   1 
ATOM   80  C CA  . MET A 1 18  ? -25.016 -11.771 -6.232  1.000 74.298  ? 14  MET A CA  1 
ATOM   81  C C   . MET A 1 18  ? -24.786 -10.262 -6.372  1.000 72.364  ? 14  MET A C   1 
ATOM   82  O O   . MET A 1 18  ? -23.647 -9.845  -6.537  1.000 67.292  ? 14  MET A O   1 
ATOM   83  C CB  . MET A 1 18  ? -25.094 -12.459 -7.606  1.000 82.084  ? 14  MET A CB  1 
ATOM   84  C CG  . MET A 1 18  ? -24.911 -14.008 -7.570  1.000 81.729  ? 14  MET A CG  1 
ATOM   85  S SD  . MET A 1 18  ? -23.317 -14.714 -6.916  1.000 65.710  ? 14  MET A SD  1 
ATOM   86  C CE  . MET A 1 18  ? -22.146 -13.623 -7.734  1.000 71.165  ? 14  MET A CE  1 
ATOM   87  N N   . VAL A 1 19  ? -25.838 -9.459  -6.304  1.000 77.085  ? 15  VAL A N   1 
ATOM   88  C CA  . VAL A 1 19  ? -25.699 -7.978  -6.222  1.000 75.125  ? 15  VAL A CA  1 
ATOM   89  C C   . VAL A 1 19  ? -25.138 -7.624  -4.835  1.000 73.045  ? 15  VAL A C   1 
ATOM   90  O O   . VAL A 1 19  ? -24.369 -6.676  -4.750  1.000 81.028  ? 15  VAL A O   1 
ATOM   91  C CB  . VAL A 1 19  ? -27.024 -7.252  -6.512  1.000 70.236  ? 15  VAL A CB  1 
ATOM   92  C CG1 . VAL A 1 19  ? -28.095 -7.581  -5.494  1.000 79.404  ? 15  VAL A CG1 1 
ATOM   93  C CG2 . VAL A 1 19  ? -26.831 -5.752  -6.567  1.000 78.556  ? 15  VAL A CG2 1 
ATOM   94  N N   . ALA A 1 20  ? -25.512 -8.361  -3.790  1.000 74.893  ? 16  ALA A N   1 
ATOM   95  C CA  . ALA A 1 20  ? -25.015 -8.166  -2.407  1.000 77.054  ? 16  ALA A CA  1 
ATOM   96  C C   . ALA A 1 20  ? -23.535 -8.579  -2.337  1.000 78.462  ? 16  ALA A C   1 
ATOM   97  O O   . ALA A 1 20  ? -22.677 -7.695  -2.171  1.000 80.992  ? 16  ALA A O   1 
ATOM   98  C CB  . ALA A 1 20  ? -25.873 -8.932  -1.424  1.000 65.971  ? 16  ALA A CB  1 
ATOM   99  N N   . LYS A 1 21  ? -23.238 -9.868  -2.513  1.000 88.116  ? 17  LYS A N   1 
ATOM   100 C CA  . LYS A 1 21  ? -21.850 -10.378 -2.670  1.000 87.662  ? 17  LYS A CA  1 
ATOM   101 C C   . LYS A 1 21  ? -21.027 -9.316  -3.402  1.000 73.642  ? 17  LYS A C   1 
ATOM   102 O O   . LYS A 1 21  ? -19.993 -8.914  -2.881  1.000 105.677 ? 17  LYS A O   1 
ATOM   103 C CB  . LYS A 1 21  ? -21.811 -11.712 -3.422  1.000 88.312  ? 17  LYS A CB  1 
ATOM   104 C CG  . LYS A 1 21  ? -20.710 -12.666 -2.981  1.000 105.836 ? 17  LYS A CG  1 
ATOM   105 C CD  . LYS A 1 21  ? -20.803 -14.066 -3.591  1.000 120.536 ? 17  LYS A CD  1 
ATOM   106 C CE  . LYS A 1 21  ? -19.557 -14.909 -3.366  1.000 117.636 ? 17  LYS A CE  1 
ATOM   107 N NZ  . LYS A 1 21  ? -19.439 -16.007 -4.357  1.000 115.424 ? 17  LYS A NZ  1 
ATOM   108 N N   . GLN A 1 22  ? -21.480 -8.853  -4.554  1.000 69.891  ? 18  GLN A N   1 
ATOM   109 C CA  . GLN A 1 22  ? -20.647 -7.995  -5.428  1.000 77.339  ? 18  GLN A CA  1 
ATOM   110 C C   . GLN A 1 22  ? -20.498 -6.623  -4.786  1.000 77.230  ? 18  GLN A C   1 
ATOM   111 O O   . GLN A 1 22  ? -19.481 -5.988  -5.066  1.000 89.137  ? 18  GLN A O   1 
ATOM   112 C CB  . GLN A 1 22  ? -21.224 -7.869  -6.836  1.000 81.102  ? 18  GLN A CB  1 
ATOM   113 C CG  . GLN A 1 22  ? -20.375 -7.007  -7.764  1.000 88.199  ? 18  GLN A CG  1 
ATOM   114 C CD  . GLN A 1 22  ? -20.766 -5.548  -7.774  1.000 96.260  ? 18  GLN A CD  1 
ATOM   115 O OE1 . GLN A 1 22  ? -21.779 -5.149  -7.193  1.000 99.179  ? 18  GLN A OE1 1 
ATOM   116 N NE2 . GLN A 1 22  ? -19.963 -4.739  -8.457  1.000 98.892  ? 18  GLN A NE2 1 
ATOM   117 N N   . GLN A 1 23  ? -21.477 -6.171  -4.000  1.000 83.824  ? 19  GLN A N   1 
ATOM   118 C CA  . GLN A 1 23  ? -21.439 -4.808  -3.405  1.000 92.502  ? 19  GLN A CA  1 
ATOM   119 C C   . GLN A 1 23  ? -20.744 -4.903  -2.042  1.000 89.859  ? 19  GLN A C   1 
ATOM   120 O O   . GLN A 1 23  ? -20.080 -3.938  -1.683  1.000 94.933  ? 19  GLN A O   1 
ATOM   121 C CB  . GLN A 1 23  ? -22.817 -4.132  -3.426  1.000 104.103 ? 19  GLN A CB  1 
ATOM   122 C CG  . GLN A 1 23  ? -23.660 -4.284  -2.162  1.000 120.851 ? 19  GLN A CG  1 
ATOM   123 C CD  . GLN A 1 23  ? -24.828 -3.320  -2.150  1.000 135.784 ? 19  GLN A CD  1 
ATOM   124 O OE1 . GLN A 1 23  ? -25.449 -3.044  -3.177  1.000 141.350 ? 19  GLN A OE1 1 
ATOM   125 N NE2 . GLN A 1 23  ? -25.136 -2.789  -0.975  1.000 137.277 ? 19  GLN A NE2 1 
ATOM   126 N N   . ALA A 1 24  ? -20.815 -6.049  -1.354  1.000 91.151  ? 20  ALA A N   1 
ATOM   127 C CA  . ALA A 1 24  ? -19.951 -6.374  -0.193  1.000 91.977  ? 20  ALA A CA  1 
ATOM   128 C C   . ALA A 1 24  ? -18.468 -6.191  -0.555  1.000 95.752  ? 20  ALA A C   1 
ATOM   129 O O   . ALA A 1 24  ? -17.736 -5.682  0.297   1.000 114.859 ? 20  ALA A O   1 
ATOM   130 C CB  . ALA A 1 24  ? -20.209 -7.779  0.287   1.000 95.933  ? 20  ALA A CB  1 
ATOM   131 N N   . GLN A 1 25  ? -18.052 -6.579  -1.766  1.000 91.840  ? 21  GLN A N   1 
ATOM   132 C CA  . GLN A 1 25  ? -16.640 -6.557  -2.239  1.000 91.490  ? 21  GLN A CA  1 
ATOM   133 C C   . GLN A 1 25  ? -16.179 -5.134  -2.579  1.000 88.548  ? 21  GLN A C   1 
ATOM   134 O O   . GLN A 1 25  ? -15.006 -4.829  -2.323  1.000 100.840 ? 21  GLN A O   1 
ATOM   135 C CB  . GLN A 1 25  ? -16.471 -7.446  -3.469  1.000 106.291 ? 21  GLN A CB  1 
ATOM   136 C CG  . GLN A 1 25  ? -16.488 -8.934  -3.146  1.000 114.750 ? 21  GLN A CG  1 
ATOM   137 C CD  . GLN A 1 25  ? -16.213 -9.799  -4.353  1.000 115.695 ? 21  GLN A CD  1 
ATOM   138 O OE1 . GLN A 1 25  ? -16.453 -11.007 -4.335  1.000 127.563 ? 21  GLN A OE1 1 
ATOM   139 N NE2 . GLN A 1 25  ? -15.706 -9.190  -5.417  1.000 101.054 ? 21  GLN A NE2 1 
ATOM   140 N N   . GLN A 1 26  ? -17.024 -4.314  -3.193  1.000 86.444  ? 22  GLN A N   1 
ATOM   141 C CA  . GLN A 1 26  ? -16.684 -2.902  -3.509  1.000 97.130  ? 22  GLN A CA  1 
ATOM   142 C C   . GLN A 1 26  ? -16.543 -2.152  -2.179  1.000 97.600  ? 22  GLN A C   1 
ATOM   143 O O   . GLN A 1 26  ? -15.840 -1.136  -2.166  1.000 116.041 ? 22  GLN A O   1 
ATOM   144 C CB  . GLN A 1 26  ? -17.748 -2.240  -4.393  1.000 110.461 ? 22  GLN A CB  1 
ATOM   145 C CG  . GLN A 1 26  ? -17.615 -2.518  -5.889  1.000 121.970 ? 22  GLN A CG  1 
ATOM   146 C CD  . GLN A 1 26  ? -18.757 -1.952  -6.714  1.000 139.846 ? 22  GLN A CD  1 
ATOM   147 O OE1 . GLN A 1 26  ? -18.625 -1.714  -7.917  1.000 147.648 ? 22  GLN A OE1 1 
ATOM   148 N NE2 . GLN A 1 26  ? -19.906 -1.733  -6.083  1.000 125.867 ? 22  GLN A NE2 1 
ATOM   149 N N   . GLU A 1 27  ? -17.222 -2.624  -1.124  1.000 101.860 ? 23  GLU A N   1 
ATOM   150 C CA  . GLU A 1 27  ? -17.126 -2.108  0.272   1.000 109.581 ? 23  GLU A CA  1 
ATOM   151 C C   . GLU A 1 27  ? -15.768 -2.518  0.861   1.000 108.330 ? 23  GLU A C   1 
ATOM   152 O O   . GLU A 1 27  ? -15.008 -1.626  1.271   1.000 105.605 ? 23  GLU A O   1 
ATOM   153 C CB  . GLU A 1 27  ? -18.263 -2.643  1.157   1.000 112.706 ? 23  GLU A CB  1 
ATOM   154 C CG  . GLU A 1 27  ? -19.573 -1.878  1.021   1.000 131.696 ? 23  GLU A CG  1 
ATOM   155 C CD  . GLU A 1 27  ? -20.788 -2.556  1.642   1.000 141.597 ? 23  GLU A CD  1 
ATOM   156 O OE1 . GLU A 1 27  ? -20.615 -3.252  2.669   1.000 138.205 ? 23  GLU A OE1 1 
ATOM   157 O OE2 . GLU A 1 27  ? -21.909 -2.393  1.092   1.000 141.164 ? 23  GLU A OE2 1 
ATOM   158 N N   . ARG A 1 28  ? -15.485 -3.824  0.888   1.000 102.197 ? 24  ARG A N   1 
ATOM   159 C CA  . ARG A 1 28  ? -14.261 -4.416  1.486   1.000 94.699  ? 24  ARG A CA  1 
ATOM   160 C C   . ARG A 1 28  ? -13.044 -3.779  0.813   1.000 84.982  ? 24  ARG A C   1 
ATOM   161 O O   . ARG A 1 28  ? -12.159 -3.338  1.523   1.000 99.585  ? 24  ARG A O   1 
ATOM   162 C CB  . ARG A 1 28  ? -14.281 -5.941  1.348   1.000 107.032 ? 24  ARG A CB  1 
ATOM   163 C CG  . ARG A 1 28  ? -13.850 -6.698  2.600   1.000 130.965 ? 24  ARG A CG  1 
ATOM   164 C CD  . ARG A 1 28  ? -14.018 -8.205  2.455   1.000 150.011 ? 24  ARG A CD  1 
ATOM   165 N NE  . ARG A 1 28  ? -13.353 -8.725  1.260   1.000 170.392 ? 24  ARG A NE  1 
ATOM   166 C CZ  . ARG A 1 28  ? -13.556 -9.923  0.712   1.000 177.452 ? 24  ARG A CZ  1 
ATOM   167 N NH1 . ARG A 1 28  ? -14.416 -10.776 1.247   1.000 182.401 ? 24  ARG A NH1 1 
ATOM   168 N NH2 . ARG A 1 28  ? -12.895 -10.263 -0.382  1.000 179.048 ? 24  ARG A NH2 1 
ATOM   169 N N   . MET A 1 29  ? -13.038 -3.689  -0.512  1.000 90.418  ? 25  MET A N   1 
ATOM   170 C CA  . MET A 1 29  ? -11.998 -2.979  -1.303  1.000 93.605  ? 25  MET A CA  1 
ATOM   171 C C   . MET A 1 29  ? -11.776 -1.570  -0.735  1.000 90.240  ? 25  MET A C   1 
ATOM   172 O O   . MET A 1 29  ? -10.636 -1.252  -0.399  1.000 108.742 ? 25  MET A O   1 
ATOM   173 C CB  . MET A 1 29  ? -12.430 -2.879  -2.767  1.000 105.093 ? 25  MET A CB  1 
ATOM   174 C CG  . MET A 1 29  ? -11.318 -2.537  -3.723  1.000 116.727 ? 25  MET A CG  1 
ATOM   175 S SD  . MET A 1 29  ? -11.700 -3.160  -5.382  1.000 138.052 ? 25  MET A SD  1 
ATOM   176 C CE  . MET A 1 29  ? -12.354 -1.677  -6.155  1.000 136.083 ? 25  MET A CE  1 
ATOM   177 N N   . GLU A 1 30  ? -12.831 -0.765  -0.634  1.000 97.386  ? 26  GLU A N   1 
ATOM   178 C CA  . GLU A 1 30  ? -12.803 0.651   -0.167  1.000 103.896 ? 26  GLU A CA  1 
ATOM   179 C C   . GLU A 1 30  ? -12.257 0.725   1.267   1.000 98.005  ? 26  GLU A C   1 
ATOM   180 O O   . GLU A 1 30  ? -11.590 1.737   1.581   1.000 98.567  ? 26  GLU A O   1 
ATOM   181 C CB  . GLU A 1 30  ? -14.210 1.264   -0.282  1.000 122.898 ? 26  GLU A CB  1 
ATOM   182 C CG  . GLU A 1 30  ? -14.509 2.426   0.672   1.000 132.522 ? 26  GLU A CG  1 
ATOM   183 C CD  . GLU A 1 30  ? -15.955 2.918   0.685   1.000 134.705 ? 26  GLU A CD  1 
ATOM   184 O OE1 . GLU A 1 30  ? -16.168 4.153   0.780   1.000 134.433 ? 26  GLU A OE1 1 
ATOM   185 O OE2 . GLU A 1 30  ? -16.873 2.069   0.617   1.000 128.617 ? 26  GLU A OE2 1 
ATOM   186 N N   . ALA A 1 31  ? -12.552 -0.283  2.099   1.000 85.671  ? 27  ALA A N   1 
ATOM   187 C CA  . ALA A 1 31  ? -12.256 -0.315  3.555   1.000 86.654  ? 27  ALA A CA  1 
ATOM   188 C C   . ALA A 1 31  ? -10.774 -0.618  3.785   1.000 89.102  ? 27  ALA A C   1 
ATOM   189 O O   . ALA A 1 31  ? -10.244 -0.224  4.845   1.000 91.842  ? 27  ALA A O   1 
ATOM   190 C CB  . ALA A 1 31  ? -13.110 -1.344  4.257   1.000 86.326  ? 27  ALA A CB  1 
ATOM   191 N N   . LEU A 1 32  ? -10.143 -1.322  2.847   1.000 80.639  ? 28  LEU A N   1 
ATOM   192 C CA  . LEU A 1 32  ? -8.701  -1.648  2.917   1.000 81.688  ? 28  LEU A CA  1 
ATOM   193 C C   . LEU A 1 32  ? -7.907  -0.494  2.311   1.000 78.720  ? 28  LEU A C   1 
ATOM   194 O O   . LEU A 1 32  ? -6.814  -0.229  2.816   1.000 97.643  ? 28  LEU A O   1 
ATOM   195 C CB  . LEU A 1 32  ? -8.425  -2.973  2.200   1.000 83.613  ? 28  LEU A CB  1 
ATOM   196 C CG  . LEU A 1 32  ? -9.107  -4.213  2.785   1.000 85.008  ? 28  LEU A CG  1 
ATOM   197 C CD1 . LEU A 1 32  ? -8.266  -5.449  2.536   1.000 86.319  ? 28  LEU A CD1 1 
ATOM   198 C CD2 . LEU A 1 32  ? -9.391  -4.086  4.277   1.000 95.710  ? 28  LEU A CD2 1 
ATOM   199 N N   . GLU A 1 33  ? -8.435  0.164   1.283   1.000 73.679  ? 29  GLU A N   1 
ATOM   200 C CA  . GLU A 1 33  ? -7.799  1.368   0.691   1.000 87.487  ? 29  GLU A CA  1 
ATOM   201 C C   . GLU A 1 33  ? -7.812  2.488   1.729   1.000 80.638  ? 29  GLU A C   1 
ATOM   202 O O   . GLU A 1 33  ? -6.937  3.336   1.645   1.000 93.474  ? 29  GLU A O   1 
ATOM   203 C CB  . GLU A 1 33  ? -8.514  1.805   -0.592  1.000 108.759 ? 29  GLU A CB  1 
ATOM   204 C CG  . GLU A 1 33  ? -7.743  2.823   -1.433  1.000 120.079 ? 29  GLU A CG  1 
ATOM   205 C CD  . GLU A 1 33  ? -8.124  2.866   -2.915  1.000 125.486 ? 29  GLU A CD  1 
ATOM   206 O OE1 . GLU A 1 33  ? -9.304  2.561   -3.236  1.000 114.481 ? 29  GLU A OE1 1 
ATOM   207 O OE2 . GLU A 1 33  ? -7.240  3.193   -3.759  1.000 107.041 ? 29  GLU A OE2 1 
ATOM   208 N N   . GLU A 1 34  ? -8.787  2.488   2.644   1.000 84.782  ? 30  GLU A N   1 
ATOM   209 C CA  . GLU A 1 34  ? -8.928  3.500   3.728   1.000 84.735  ? 30  GLU A CA  1 
ATOM   210 C C   . GLU A 1 34  ? -8.042  3.096   4.906   1.000 71.705  ? 30  GLU A C   1 
ATOM   211 O O   . GLU A 1 34  ? -7.338  3.976   5.408   1.000 77.992  ? 30  GLU A O   1 
ATOM   212 C CB  . GLU A 1 34  ? -10.369 3.624   4.225   1.000 94.431  ? 30  GLU A CB  1 
ATOM   213 C CG  . GLU A 1 34  ? -11.056 4.929   3.865   1.000 108.438 ? 30  GLU A CG  1 
ATOM   214 C CD  . GLU A 1 34  ? -12.511 4.976   4.326   1.000 131.918 ? 30  GLU A CD  1 
ATOM   215 O OE1 . GLU A 1 34  ? -13.382 4.373   3.636   1.000 129.967 ? 30  GLU A OE1 1 
ATOM   216 O OE2 . GLU A 1 34  ? -12.773 5.583   5.396   1.000 127.941 ? 30  GLU A OE2 1 
ATOM   217 N N   . GLN A 1 35  ? -8.091  1.824   5.319   1.000 63.205  ? 31  GLN A N   1 
ATOM   218 C CA  . GLN A 1 35  ? -7.209  1.245   6.374   1.000 64.695  ? 31  GLN A CA  1 
ATOM   219 C C   . GLN A 1 35  ? -5.737  1.535   6.050   1.000 67.429  ? 31  GLN A C   1 
ATOM   220 O O   . GLN A 1 35  ? -5.004  1.967   6.938   1.000 80.525  ? 31  GLN A O   1 
ATOM   221 C CB  . GLN A 1 35  ? -7.401  -0.265  6.523   1.000 62.573  ? 31  GLN A CB  1 
ATOM   222 C CG  . GLN A 1 35  ? -6.953  -0.778  7.883   1.000 67.203  ? 31  GLN A CG  1 
ATOM   223 C CD  . GLN A 1 35  ? -6.909  -2.282  7.996   1.000 76.242  ? 31  GLN A CD  1 
ATOM   224 O OE1 . GLN A 1 35  ? -7.100  -2.843  9.082   1.000 82.787  ? 31  GLN A OE1 1 
ATOM   225 N NE2 . GLN A 1 35  ? -6.625  -2.945  6.880   1.000 69.434  ? 31  GLN A NE2 1 
ATOM   226 N N   . LYS A 1 36  ? -5.323  1.288   4.812   1.000 71.026  ? 32  LYS A N   1 
ATOM   227 C CA  . LYS A 1 36  ? -3.949  1.556   4.332   1.000 69.202  ? 32  LYS A CA  1 
ATOM   228 C C   . LYS A 1 36  ? -3.704  3.049   4.490   1.000 63.197  ? 32  LYS A C   1 
ATOM   229 O O   . LYS A 1 36  ? -2.662  3.390   5.008   1.000 78.677  ? 32  LYS A O   1 
ATOM   230 C CB  . LYS A 1 36  ? -3.761  1.057   2.892   1.000 78.312  ? 32  LYS A CB  1 
ATOM   231 C CG  . LYS A 1 36  ? -2.349  1.140   2.323   1.000 87.734  ? 32  LYS A CG  1 
ATOM   232 C CD  . LYS A 1 36  ? -1.873  -0.132  1.598   1.000 105.847 ? 32  LYS A CD  1 
ATOM   233 C CE  . LYS A 1 36  ? -0.523  0.008   0.906   1.000 107.940 ? 32  LYS A CE  1 
ATOM   234 N NZ  . LYS A 1 36  ? 0.177   -1.291  0.703   1.000 106.396 ? 32  LYS A NZ  1 
ATOM   235 N N   . GLU A 1 37  ? -4.623  3.910   4.064   1.000 66.020  ? 33  GLU A N   1 
ATOM   236 C CA  . GLU A 1 37  ? -4.336  5.364   4.008   1.000 69.315  ? 33  GLU A CA  1 
ATOM   237 C C   . GLU A 1 37  ? -4.157  5.837   5.442   1.000 70.663  ? 33  GLU A C   1 
ATOM   238 O O   . GLU A 1 37  ? -3.288  6.702   5.671   1.000 78.469  ? 33  GLU A O   1 
ATOM   239 C CB  . GLU A 1 37  ? -5.406  6.148   3.246   1.000 87.367  ? 33  GLU A CB  1 
ATOM   240 C CG  . GLU A 1 37  ? -5.211  6.117   1.731   1.000 110.377 ? 33  GLU A CG  1 
ATOM   241 C CD  . GLU A 1 37  ? -3.948  6.781   1.182   1.000 124.071 ? 33  GLU A CD  1 
ATOM   242 O OE1 . GLU A 1 37  ? -2.864  6.146   1.189   1.000 118.933 ? 33  GLU A OE1 1 
ATOM   243 O OE2 . GLU A 1 37  ? -4.049  7.936   0.722   1.000 140.382 ? 33  GLU A OE2 1 
ATOM   244 N N   . ASN A 1 38  ? -4.905  5.244   6.370   1.000 62.444  ? 34  ASN A N   1 
ATOM   245 C CA  . ASN A 1 38  ? -4.850  5.616   7.803   1.000 63.226  ? 34  ASN A CA  1 
ATOM   246 C C   . ASN A 1 38  ? -3.539  5.110   8.393   1.000 56.795  ? 34  ASN A C   1 
ATOM   247 O O   . ASN A 1 38  ? -2.890  5.836   9.138   1.000 68.607  ? 34  ASN A O   1 
ATOM   248 C CB  . ASN A 1 38  ? -6.023  5.043   8.598   1.000 73.413  ? 34  ASN A CB  1 
ATOM   249 C CG  . ASN A 1 38  ? -7.330  5.752   8.331   1.000 75.782  ? 34  ASN A CG  1 
ATOM   250 O OD1 . ASN A 1 38  ? -7.383  6.737   7.594   1.000 79.004  ? 34  ASN A OD1 1 
ATOM   251 N ND2 . ASN A 1 38  ? -8.394  5.231   8.913   1.000 81.766  ? 34  ASN A ND2 1 
ATOM   252 N N   . MET A 1 39  ? -3.194  3.870   8.104   1.000 51.020  ? 35  MET A N   1 
ATOM   253 C CA  . MET A 1 39  ? -1.975  3.236   8.644   1.000 42.554  ? 35  MET A CA  1 
ATOM   254 C C   . MET A 1 39  ? -0.774  4.109   8.263   1.000 48.379  ? 35  MET A C   1 
ATOM   255 O O   . MET A 1 39  ? 0.018   4.407   9.139   1.000 65.617  ? 35  MET A O   1 
ATOM   256 C CB  . MET A 1 39  ? -1.869  1.816   8.099   1.000 40.448  ? 35  MET A CB  1 
ATOM   257 C CG  . MET A 1 39  ? -2.769  0.837   8.790   1.000 39.065  ? 35  MET A CG  1 
ATOM   258 S SD  . MET A 1 39  ? -2.313  -0.848  8.288   1.000 38.397  ? 35  MET A SD  1 
ATOM   259 C CE  . MET A 1 39  ? -3.566  -1.949  8.956   1.000 69.330  ? 35  MET A CE  1 
ATOM   260 N N   . LEU A 1 40  ? -0.705  4.622   7.041   1.000 49.946  ? 36  LEU A N   1 
ATOM   261 C CA  . LEU A 1 40  ? 0.402   5.506   6.582   1.000 51.196  ? 36  LEU A CA  1 
ATOM   262 C C   . LEU A 1 40  ? 0.304   6.895   7.182   1.000 52.168  ? 36  LEU A C   1 
ATOM   263 O O   . LEU A 1 40  ? 1.358   7.473   7.389   1.000 76.197  ? 36  LEU A O   1 
ATOM   264 C CB  . LEU A 1 40  ? 0.388   5.646   5.061   1.000 54.152  ? 36  LEU A CB  1 
ATOM   265 C CG  . LEU A 1 40  ? 0.762   4.396   4.279   1.000 55.776  ? 36  LEU A CG  1 
ATOM   266 C CD1 . LEU A 1 40  ? 0.622   4.658   2.795   1.000 60.620  ? 36  LEU A CD1 1 
ATOM   267 C CD2 . LEU A 1 40  ? 2.182   3.962   4.602   1.000 67.375  ? 36  LEU A CD2 1 
ATOM   268 N N   . ARG A 1 41  ? -0.886  7.457   7.380   1.000 62.999  ? 37  ARG A N   1 
ATOM   269 C CA  . ARG A 1 41  ? -1.017  8.802   8.019   1.000 68.335  ? 37  ARG A CA  1 
ATOM   270 C C   . ARG A 1 41  ? -0.326  8.753   9.384   1.000 62.805  ? 37  ARG A C   1 
ATOM   271 O O   . ARG A 1 41  ? 0.391   9.694   9.703   1.000 75.196  ? 37  ARG A O   1 
ATOM   272 C CB  . ARG A 1 41  ? -2.472  9.232   8.231   1.000 78.117  ? 37  ARG A CB  1 
ATOM   273 C CG  . ARG A 1 41  ? -3.160  9.842   7.018   1.000 94.937  ? 37  ARG A CG  1 
ATOM   274 C CD  . ARG A 1 41  ? -4.682  9.705   7.069   1.000 112.993 ? 37  ARG A CD  1 
ATOM   275 N NE  . ARG A 1 41  ? -5.358  10.796  6.379   1.000 127.670 ? 37  ARG A NE  1 
ATOM   276 C CZ  . ARG A 1 41  ? -5.483  12.038  6.856   1.000 151.043 ? 37  ARG A CZ  1 
ATOM   277 N NH1 . ARG A 1 41  ? -4.980  12.363  8.040   1.000 153.826 ? 37  ARG A NH1 1 
ATOM   278 N NH2 . ARG A 1 41  ? -6.111  12.957  6.139   1.000 146.477 ? 37  ARG A NH2 1 
ATOM   279 N N   . ALA A 1 42  ? -0.511  7.653   10.122  1.000 56.529  ? 38  ALA A N   1 
ATOM   280 C CA  . ALA A 1 42  ? -0.079  7.451   11.526  1.000 52.939  ? 38  ALA A CA  1 
ATOM   281 C C   . ALA A 1 42  ? 1.411   7.124   11.620  1.000 55.209  ? 38  ALA A C   1 
ATOM   282 O O   . ALA A 1 42  ? 2.027   7.473   12.662  1.000 55.512  ? 38  ALA A O   1 
ATOM   283 C CB  . ALA A 1 42  ? -0.875  6.326   12.122  1.000 49.890  ? 38  ALA A CB  1 
ATOM   284 N N   . PHE A 1 43  ? 1.919   6.408   10.613  1.000 55.958  ? 39  PHE A N   1 
ATOM   285 C CA  . PHE A 1 43  ? 3.233   5.721   10.621  1.000 57.166  ? 39  PHE A CA  1 
ATOM   286 C C   . PHE A 1 43  ? 4.286   6.630   10.004  1.000 59.444  ? 39  PHE A C   1 
ATOM   287 O O   . PHE A 1 43  ? 5.432   6.659   10.505  1.000 59.715  ? 39  PHE A O   1 
ATOM   288 C CB  . PHE A 1 43  ? 3.193   4.415   9.825   1.000 50.732  ? 39  PHE A CB  1 
ATOM   289 C CG  . PHE A 1 43  ? 2.389   3.291   10.439  1.000 50.555  ? 39  PHE A CG  1 
ATOM   290 C CD1 . PHE A 1 43  ? 1.763   3.434   11.666  1.000 51.322  ? 39  PHE A CD1 1 
ATOM   291 C CD2 . PHE A 1 43  ? 2.297   2.068   9.802   1.000 46.793  ? 39  PHE A CD2 1 
ATOM   292 C CE1 . PHE A 1 43  ? 1.057   2.383   12.225  1.000 50.398  ? 39  PHE A CE1 1 
ATOM   293 C CE2 . PHE A 1 43  ? 1.609   1.013   10.372  1.000 50.901  ? 39  PHE A CE2 1 
ATOM   294 C CZ  . PHE A 1 43  ? 0.981   1.173   11.579  1.000 51.727  ? 39  PHE A CZ  1 
ATOM   295 N N   . VAL A 1 44  ? 3.903   7.331   8.939   1.000 57.385  ? 40  VAL A N   1 
ATOM   296 C CA  . VAL A 1 44  ? 4.849   8.076   8.061   1.000 58.991  ? 40  VAL A CA  1 
ATOM   297 C C   . VAL A 1 44  ? 4.543   9.557   8.227   1.000 54.973  ? 40  VAL A C   1 
ATOM   298 O O   . VAL A 1 44  ? 3.386   9.888   8.438   1.000 71.690  ? 40  VAL A O   1 
ATOM   299 C CB  . VAL A 1 44  ? 4.741   7.604   6.600   1.000 52.288  ? 40  VAL A CB  1 
ATOM   300 C CG1 . VAL A 1 44  ? 5.711   8.305   5.680   1.000 50.130  ? 40  VAL A CG1 1 
ATOM   301 C CG2 . VAL A 1 44  ? 4.981   6.121   6.503   1.000 64.095  ? 40  VAL A CG2 1 
ATOM   302 N N   . SER A 1 45  ? 5.561   10.397  8.164   1.000 61.267  ? 41  SER A N   1 
ATOM   303 C CA  . SER A 1 45  ? 5.428   11.870  8.297   1.000 63.759  ? 41  SER A CA  1 
ATOM   304 C C   . SER A 1 45  ? 4.856   12.432  6.996   1.000 61.062  ? 41  SER A C   1 
ATOM   305 O O   . SER A 1 45  ? 4.781   11.695  5.997   1.000 72.792  ? 41  SER A O   1 
ATOM   306 C CB  . SER A 1 45  ? 6.741   12.495  8.619   1.000 63.633  ? 41  SER A CB  1 
ATOM   307 O OG  . SER A 1 45  ? 7.594   12.365  7.502   1.000 64.376  ? 41  SER A OG  1 
ATOM   308 N N   . ALA A 1 46  ? 4.474   13.699  7.012   1.000 61.992  ? 42  ALA A N   1 
ATOM   309 C CA  . ALA A 1 46  ? 3.677   14.346  5.950   1.000 59.737  ? 42  ALA A CA  1 
ATOM   310 C C   . ALA A 1 46  ? 4.561   14.534  4.723   1.000 67.414  ? 42  ALA A C   1 
ATOM   311 O O   . ALA A 1 46  ? 4.135   14.164  3.624   1.000 73.815  ? 42  ALA A O   1 
ATOM   312 C CB  . ALA A 1 46  ? 3.138   15.643  6.471   1.000 61.321  ? 42  ALA A CB  1 
ATOM   313 N N   . GLU A 1 47  ? 5.760   15.075  4.947   1.000 79.711  ? 43  GLU A N   1 
ATOM   314 C CA  . GLU A 1 47  ? 6.826   15.255  3.932   1.000 77.228  ? 43  GLU A CA  1 
ATOM   315 C C   . GLU A 1 47  ? 7.096   13.907  3.264   1.000 72.646  ? 43  GLU A C   1 
ATOM   316 O O   . GLU A 1 47  ? 7.195   13.866  2.016   1.000 78.882  ? 43  GLU A O   1 
ATOM   317 C CB  . GLU A 1 47  ? 8.107   15.780  4.587   1.000 94.776  ? 43  GLU A CB  1 
ATOM   318 C CG  . GLU A 1 47  ? 8.378   17.266  4.366   1.000 116.484 ? 43  GLU A CG  1 
ATOM   319 C CD  . GLU A 1 47  ? 9.829   17.626  4.037   1.000 132.264 ? 43  GLU A CD  1 
ATOM   320 O OE1 . GLU A 1 47  ? 10.754  16.896  4.481   1.000 130.450 ? 43  GLU A OE1 1 
ATOM   321 O OE2 . GLU A 1 47  ? 10.038  18.635  3.317   1.000 132.627 ? 43  GLU A OE2 1 
ATOM   322 N N   . GLY A 1 48  ? 7.245   12.858  4.077   1.000 69.855  ? 44  GLY A N   1 
ATOM   323 C CA  . GLY A 1 48  ? 7.630   11.509  3.624   1.000 63.675  ? 44  GLY A CA  1 
ATOM   324 C C   . GLY A 1 48  ? 6.489   10.864  2.878   1.000 63.092  ? 44  GLY A C   1 
ATOM   325 O O   . GLY A 1 48  ? 6.734   9.967   2.066   1.000 72.270  ? 44  GLY A O   1 
ATOM   326 N N   . ARG A 1 49  ? 5.273   11.323  3.148   1.000 69.497  ? 45  ARG A N   1 
ATOM   327 C CA  . ARG A 1 49  ? 4.043   10.791  2.519   1.000 73.623  ? 45  ARG A CA  1 
ATOM   328 C C   . ARG A 1 49  ? 3.832   11.420  1.139   1.000 72.939  ? 45  ARG A C   1 
ATOM   329 O O   . ARG A 1 49  ? 3.424   10.670  0.232   1.000 74.664  ? 45  ARG A O   1 
ATOM   330 C CB  . ARG A 1 49  ? 2.847   11.019  3.440   1.000 74.044  ? 45  ARG A CB  1 
ATOM   331 C CG  . ARG A 1 49  ? 2.225   9.725   3.933   1.000 76.411  ? 45  ARG A CG  1 
ATOM   332 C CD  . ARG A 1 49  ? 1.743   9.812   5.358   1.000 87.120  ? 45  ARG A CD  1 
ATOM   333 N NE  . ARG A 1 49  ? 0.799   10.897  5.513   1.000 88.875  ? 45  ARG A NE  1 
ATOM   334 C CZ  . ARG A 1 49  ? 0.846   11.824  6.459   1.000 99.394  ? 45  ARG A CZ  1 
ATOM   335 N NH1 . ARG A 1 49  ? 1.794   11.807  7.386   1.000 98.903  ? 45  ARG A NH1 1 
ATOM   336 N NH2 . ARG A 1 49  ? -0.080  12.768  6.476   1.000 100.169 ? 45  ARG A NH2 1 
ATOM   337 N N   . GLU A 1 50  ? 4.098   12.717  0.985   1.000 72.509  ? 46  GLU A N   1 
ATOM   338 C CA  . GLU A 1 50  ? 4.119   13.397  -0.342  1.000 86.526  ? 46  GLU A CA  1 
ATOM   339 C C   . GLU A 1 50  ? 5.155   12.717  -1.249  1.000 78.225  ? 46  GLU A C   1 
ATOM   340 O O   . GLU A 1 50  ? 4.821   12.290  -2.380  1.000 81.911  ? 46  GLU A O   1 
ATOM   341 C CB  . GLU A 1 50  ? 4.445   14.881  -0.180  1.000 90.596  ? 46  GLU A CB  1 
ATOM   342 C CG  . GLU A 1 50  ? 3.403   15.616  0.641   1.000 111.481 ? 46  GLU A CG  1 
ATOM   343 C CD  . GLU A 1 50  ? 3.616   17.111  0.771   1.000 124.654 ? 46  GLU A CD  1 
ATOM   344 O OE1 . GLU A 1 50  ? 4.124   17.722  -0.195  1.000 131.227 ? 46  GLU A OE1 1 
ATOM   345 O OE2 . GLU A 1 50  ? 3.272   17.659  1.842   1.000 129.450 ? 46  GLU A OE2 1 
ATOM   346 N N   . ARG A 1 51  ? 6.376   12.616  -0.749  1.000 68.104  ? 47  ARG A N   1 
ATOM   347 C CA  . ARG A 1 51  ? 7.513   12.013  -1.473  1.000 69.641  ? 47  ARG A CA  1 
ATOM   348 C C   . ARG A 1 51  ? 7.070   10.674  -2.050  1.000 68.233  ? 47  ARG A C   1 
ATOM   349 O O   . ARG A 1 51  ? 7.388   10.395  -3.207  1.000 78.645  ? 47  ARG A O   1 
ATOM   350 C CB  . ARG A 1 51  ? 8.703   11.854  -0.527  1.000 75.225  ? 47  ARG A CB  1 
ATOM   351 C CG  . ARG A 1 51  ? 9.890   11.152  -1.165  1.000 84.183  ? 47  ARG A CG  1 
ATOM   352 C CD  . ARG A 1 51  ? 11.071  11.021  -0.229  1.000 85.169  ? 47  ARG A CD  1 
ATOM   353 N NE  . ARG A 1 51  ? 11.791  12.274  -0.074  1.000 93.678  ? 47  ARG A NE  1 
ATOM   354 C CZ  . ARG A 1 51  ? 12.652  12.777  -0.948  1.000 92.885  ? 47  ARG A CZ  1 
ATOM   355 N NH1 . ARG A 1 51  ? 12.916  12.146  -2.079  1.000 93.644  ? 47  ARG A NH1 1 
ATOM   356 N NH2 . ARG A 1 51  ? 13.243  13.924  -0.686  1.000 96.201  ? 47  ARG A NH2 1 
ATOM   357 N N   . LEU A 1 52  ? 6.367   9.866   -1.273  1.000 72.489  ? 48  LEU A N   1 
ATOM   358 C CA  . LEU A 1 52  ? 6.018   8.480   -1.680  1.000 69.219  ? 48  LEU A CA  1 
ATOM   359 C C   . LEU A 1 52  ? 5.019   8.518   -2.839  1.000 77.330  ? 48  LEU A C   1 
ATOM   360 O O   . LEU A 1 52  ? 5.103   7.641   -3.720  1.000 84.045  ? 48  LEU A O   1 
ATOM   361 C CB  . LEU A 1 52  ? 5.421   7.752   -0.475  1.000 67.623  ? 48  LEU A CB  1 
ATOM   362 C CG  . LEU A 1 52  ? 6.385   6.936   0.370   1.000 58.065  ? 48  LEU A CG  1 
ATOM   363 C CD1 . LEU A 1 52  ? 5.655   6.427   1.597   1.000 57.153  ? 48  LEU A CD1 1 
ATOM   364 C CD2 . LEU A 1 52  ? 6.959   5.770   -0.423  1.000 59.643  ? 48  LEU A CD2 1 
ATOM   365 N N   . LYS A 1 53  ? 4.073   9.460   -2.798  1.000 86.191  ? 49  LYS A N   1 
ATOM   366 C CA  . LYS A 1 53  ? 3.018   9.612   -3.830  1.000 95.052  ? 49  LYS A CA  1 
ATOM   367 C C   . LYS A 1 53  ? 3.666   10.287  -5.038  1.000 94.799  ? 49  LYS A C   1 
ATOM   368 O O   . LYS A 1 53  ? 3.426   9.840   -6.173  1.000 95.924  ? 49  LYS A O   1 
ATOM   369 C CB  . LYS A 1 53  ? 1.816   10.361  -3.249  1.000 111.472 ? 49  LYS A CB  1 
ATOM   370 C CG  . LYS A 1 53  ? 1.133   9.623   -2.101  1.000 131.380 ? 49  LYS A CG  1 
ATOM   371 C CD  . LYS A 1 53  ? -0.344  9.924   -1.933  1.000 142.171 ? 49  LYS A CD  1 
ATOM   372 C CE  . LYS A 1 53  ? -1.058  8.917   -1.054  1.000 139.693 ? 49  LYS A CE  1 
ATOM   373 N NZ  . LYS A 1 53  ? -2.515  9.174   -1.019  1.000 141.100 ? 49  LYS A NZ  1 
ATOM   374 N N   . ARG A 1 54  ? 4.537   11.260  -4.786  1.000 81.094  ? 50  ARG A N   1 
ATOM   375 C CA  . ARG A 1 54  ? 5.324   11.938  -5.846  1.000 87.987  ? 50  ARG A CA  1 
ATOM   376 C C   . ARG A 1 54  ? 6.075   10.915  -6.705  1.000 82.410  ? 50  ARG A C   1 
ATOM   377 O O   . ARG A 1 54  ? 6.098   11.106  -7.921  1.000 96.909  ? 50  ARG A O   1 
ATOM   378 C CB  . ARG A 1 54  ? 6.324   12.906  -5.221  1.000 91.348  ? 50  ARG A CB  1 
ATOM   379 C CG  . ARG A 1 54  ? 6.534   14.173  -6.025  1.000 92.635  ? 50  ARG A CG  1 
ATOM   380 C CD  . ARG A 1 54  ? 7.277   15.136  -5.132  1.000 95.737  ? 50  ARG A CD  1 
ATOM   381 N NE  . ARG A 1 54  ? 8.551   14.570  -4.709  1.000 92.179  ? 50  ARG A NE  1 
ATOM   382 C CZ  . ARG A 1 54  ? 9.204   14.923  -3.608  1.000 102.265 ? 50  ARG A CZ  1 
ATOM   383 N NH1 . ARG A 1 54  ? 8.693   15.834  -2.803  1.000 107.482 ? 50  ARG A NH1 1 
ATOM   384 N NH2 . ARG A 1 54  ? 10.360  14.360  -3.295  1.000 109.447 ? 50  ARG A NH2 1 
ATOM   385 N N   . ILE A 1 55  ? 6.677   9.898   -6.086  1.000 79.725  ? 51  ILE A N   1 
ATOM   386 C CA  . ILE A 1 55  ? 7.487   8.830   -6.753  1.000 84.523  ? 51  ILE A CA  1 
ATOM   387 C C   . ILE A 1 55  ? 6.567   7.739   -7.307  1.000 86.024  ? 51  ILE A C   1 
ATOM   388 O O   . ILE A 1 55  ? 6.995   7.001   -8.215  1.000 86.828  ? 51  ILE A O   1 
ATOM   389 C CB  . ILE A 1 55  ? 8.505   8.222   -5.768  1.000 89.535  ? 51  ILE A CB  1 
ATOM   390 C CG1 . ILE A 1 55  ? 9.492   9.272   -5.251  1.000 103.165 ? 51  ILE A CG1 1 
ATOM   391 C CG2 . ILE A 1 55  ? 9.229   7.036   -6.387  1.000 87.089  ? 51  ILE A CG2 1 
ATOM   392 C CD1 . ILE A 1 55  ? 10.542  9.707   -6.260  1.000 107.946 ? 51  ILE A CD1 1 
ATOM   393 N N   . ALA A 1 56  ? 5.372   7.583   -6.744  1.000 92.370  ? 52  ALA A N   1 
ATOM   394 C CA  . ALA A 1 56  ? 4.412   6.548   -7.182  1.000 95.159  ? 52  ALA A CA  1 
ATOM   395 C C   . ALA A 1 56  ? 4.042   6.795   -8.649  1.000 99.069  ? 52  ALA A C   1 
ATOM   396 O O   . ALA A 1 56  ? 3.892   5.796   -9.374  1.000 86.915  ? 52  ALA A O   1 
ATOM   397 C CB  . ALA A 1 56  ? 3.199   6.543   -6.288  1.000 97.850  ? 52  ALA A CB  1 
ATOM   398 N N   . GLN A 1 57  ? 3.908   8.073   -9.049  1.000 97.870  ? 53  GLN A N   1 
ATOM   399 C CA  . GLN A 1 57  ? 3.549   8.507   -10.432 1.000 98.375  ? 53  GLN A CA  1 
ATOM   400 C C   . GLN A 1 57  ? 4.500   7.825   -11.416 1.000 105.510 ? 53  GLN A C   1 
ATOM   401 O O   . GLN A 1 57  ? 4.040   7.136   -12.339 1.000 110.388 ? 53  GLN A O   1 
ATOM   402 C CB  . GLN A 1 57  ? 3.690   10.019  -10.642 1.000 100.323 ? 53  GLN A CB  1 
ATOM   403 C CG  . GLN A 1 57  ? 3.195   10.894  -9.495  1.000 110.768 ? 53  GLN A CG  1 
ATOM   404 C CD  . GLN A 1 57  ? 1.782   10.585  -9.058  1.000 112.719 ? 53  GLN A CD  1 
ATOM   405 O OE1 . GLN A 1 57  ? 0.832   10.657  -9.834  1.000 106.071 ? 53  GLN A OE1 1 
ATOM   406 N NE2 . GLN A 1 57  ? 1.628   10.253  -7.787  1.000 128.626 ? 53  GLN A NE2 1 
ATOM   407 N N   . VAL A 1 58  ? 5.793   8.002   -11.173 1.000 109.068 ? 54  VAL A N   1 
ATOM   408 C CA  . VAL A 1 58  ? 6.904   7.543   -12.049 1.000 108.005 ? 54  VAL A CA  1 
ATOM   409 C C   . VAL A 1 58  ? 7.073   6.025   -11.876 1.000 105.545 ? 54  VAL A C   1 
ATOM   410 O O   . VAL A 1 58  ? 7.018   5.315   -12.896 1.000 104.902 ? 54  VAL A O   1 
ATOM   411 C CB  . VAL A 1 58  ? 8.186   8.336   -11.718 1.000 115.920 ? 54  VAL A CB  1 
ATOM   412 C CG1 . VAL A 1 58  ? 9.345   7.970   -12.633 1.000 125.051 ? 54  VAL A CG1 1 
ATOM   413 C CG2 . VAL A 1 58  ? 7.940   9.843   -11.745 1.000 109.566 ? 54  VAL A CG2 1 
ATOM   414 N N   . LYS A 1 59  ? 7.227   5.544   -10.633 1.000 102.648 ? 55  LYS A N   1 
ATOM   415 C CA  . LYS A 1 59  ? 7.570   4.128   -10.310 1.000 97.656  ? 55  LYS A CA  1 
ATOM   416 C C   . LYS A 1 59  ? 6.675   3.591   -9.184  1.000 96.842  ? 55  LYS A C   1 
ATOM   417 O O   . LYS A 1 59  ? 7.206   3.143   -8.136  1.000 85.605  ? 55  LYS A O   1 
ATOM   418 C CB  . LYS A 1 59  ? 9.039   4.026   -9.891  1.000 101.283 ? 55  LYS A CB  1 
ATOM   419 C CG  . LYS A 1 59  ? 10.046  4.437   -10.948 1.000 107.044 ? 55  LYS A CG  1 
ATOM   420 C CD  . LYS A 1 59  ? 10.229  3.390   -12.011 1.000 117.337 ? 55  LYS A CD  1 
ATOM   421 C CE  . LYS A 1 59  ? 11.208  3.820   -13.081 1.000 118.586 ? 55  LYS A CE  1 
ATOM   422 N NZ  . LYS A 1 59  ? 11.731  2.644   -13.811 1.000 131.423 ? 55  LYS A NZ  1 
ATOM   423 N N   . ALA A 1 60  ? 5.361   3.578   -9.412  1.000 89.677  ? 56  ALA A N   1 
ATOM   424 C CA  . ALA A 1 60  ? 4.346   3.079   -8.458  1.000 86.621  ? 56  ALA A CA  1 
ATOM   425 C C   . ALA A 1 60  ? 4.889   1.871   -7.689  1.000 80.495  ? 56  ALA A C   1 
ATOM   426 O O   . ALA A 1 60  ? 4.820   1.886   -6.450  1.000 95.477  ? 56  ALA A O   1 
ATOM   427 C CB  . ALA A 1 60  ? 3.074   2.747   -9.187  1.000 89.777  ? 56  ALA A CB  1 
ATOM   428 N N   . GLY A 1 61  ? 5.440   0.881   -8.385  1.000 75.021  ? 57  GLY A N   1 
ATOM   429 C CA  . GLY A 1 61  ? 5.898   -0.382  -7.771  1.000 79.339  ? 57  GLY A CA  1 
ATOM   430 C C   . GLY A 1 61  ? 6.920   -0.139  -6.675  1.000 77.369  ? 57  GLY A C   1 
ATOM   431 O O   . GLY A 1 61  ? 6.976   -0.916  -5.697  1.000 84.904  ? 57  GLY A O   1 
ATOM   432 N N   . ARG A 1 62  ? 7.741   0.893   -6.848  1.000 80.754  ? 58  ARG A N   1 
ATOM   433 C CA  . ARG A 1 62  ? 8.872   1.202   -5.945  1.000 67.974  ? 58  ARG A CA  1 
ATOM   434 C C   . ARG A 1 62  ? 8.307   1.727   -4.634  1.000 68.108  ? 58  ARG A C   1 
ATOM   435 O O   . ARG A 1 62  ? 8.532   1.104   -3.597  1.000 63.427  ? 58  ARG A O   1 
ATOM   436 C CB  . ARG A 1 62  ? 9.743   2.283   -6.574  1.000 69.672  ? 58  ARG A CB  1 
ATOM   437 C CG  . ARG A 1 62  ? 11.063  2.476   -5.860  1.000 75.391  ? 58  ARG A CG  1 
ATOM   438 C CD  . ARG A 1 62  ? 12.171  2.383   -6.875  1.000 81.700  ? 58  ARG A CD  1 
ATOM   439 N NE  . ARG A 1 62  ? 12.585  3.686   -7.368  1.000 84.494  ? 58  ARG A NE  1 
ATOM   440 C CZ  . ARG A 1 62  ? 13.255  3.863   -8.492  1.000 81.547  ? 58  ARG A CZ  1 
ATOM   441 N NH1 . ARG A 1 62  ? 13.613  5.082   -8.858  1.000 88.725  ? 58  ARG A NH1 1 
ATOM   442 N NH2 . ARG A 1 62  ? 13.571  2.816   -9.237  1.000 75.879  ? 58  ARG A NH2 1 
ATOM   443 N N   . SER A 1 63  ? 7.573   2.832   -4.746  1.000 68.985  ? 59  SER A N   1 
ATOM   444 C CA  . SER A 1 63  ? 6.854   3.534   -3.662  1.000 69.536  ? 59  SER A CA  1 
ATOM   445 C C   . SER A 1 63  ? 5.957   2.550   -2.923  1.000 64.114  ? 59  SER A C   1 
ATOM   446 O O   . SER A 1 63  ? 5.849   2.655   -1.699  1.000 79.696  ? 59  SER A O   1 
ATOM   447 C CB  . SER A 1 63  ? 6.067   4.672   -4.219  1.000 76.746  ? 59  SER A CB  1 
ATOM   448 O OG  . SER A 1 63  ? 4.859   4.816   -3.504  1.000 91.322  ? 59  SER A OG  1 
ATOM   449 N N   . GLN A 1 64  ? 5.364   1.609   -3.642  1.000 69.467  ? 60  GLN A N   1 
ATOM   450 C CA  . GLN A 1 64  ? 4.490   0.572   -3.051  1.000 72.925  ? 60  GLN A CA  1 
ATOM   451 C C   . GLN A 1 64  ? 5.331   -0.424  -2.255  1.000 64.189  ? 60  GLN A C   1 
ATOM   452 O O   . GLN A 1 64  ? 4.860   -0.854  -1.201  1.000 73.615  ? 60  GLN A O   1 
ATOM   453 C CB  . GLN A 1 64  ? 3.679   -0.125  -4.136  1.000 93.304  ? 60  GLN A CB  1 
ATOM   454 C CG  . GLN A 1 64  ? 3.148   -1.487  -3.714  1.000 106.985 ? 60  GLN A CG  1 
ATOM   455 C CD  . GLN A 1 64  ? 2.195   -2.057  -4.734  1.000 108.319 ? 60  GLN A CD  1 
ATOM   456 O OE1 . GLN A 1 64  ? 1.378   -1.344  -5.316  1.000 109.991 ? 60  GLN A OE1 1 
ATOM   457 N NE2 . GLN A 1 64  ? 2.297   -3.357  -4.952  1.000 111.729 ? 60  GLN A NE2 1 
ATOM   458 N N   . ALA A 1 65  ? 6.520   -0.800  -2.721  1.000 65.852  ? 61  ALA A N   1 
ATOM   459 C CA  . ALA A 1 65  ? 7.385   -1.767  -1.991  1.000 69.432  ? 61  ALA A CA  1 
ATOM   460 C C   . ALA A 1 65  ? 7.787   -1.194  -0.621  1.000 67.190  ? 61  ALA A C   1 
ATOM   461 O O   . ALA A 1 65  ? 7.962   -1.970  0.331   1.000 77.140  ? 61  ALA A O   1 
ATOM   462 C CB  . ALA A 1 65  ? 8.591   -2.147  -2.813  1.000 69.218  ? 61  ALA A CB  1 
ATOM   463 N N   . VAL A 1 66  ? 7.922   0.125   -0.513  1.000 62.538  ? 62  VAL A N   1 
ATOM   464 C CA  . VAL A 1 66  ? 8.327   0.808   0.749   1.000 59.226  ? 62  VAL A CA  1 
ATOM   465 C C   . VAL A 1 66  ? 7.143   0.775   1.718   1.000 54.693  ? 62  VAL A C   1 
ATOM   466 O O   . VAL A 1 66  ? 7.329   0.311   2.843   1.000 60.870  ? 62  VAL A O   1 
ATOM   467 C CB  . VAL A 1 66  ? 8.805   2.243   0.455   1.000 62.972  ? 62  VAL A CB  1 
ATOM   468 C CG1 . VAL A 1 66  ? 8.749   3.135   1.679   1.000 64.841  ? 62  VAL A CG1 1 
ATOM   469 C CG2 . VAL A 1 66  ? 10.204  2.241   -0.127  1.000 67.422  ? 62  VAL A CG2 1 
ATOM   470 N N   . GLU A 1 67  ? 5.987   1.282   1.280   1.000 53.147  ? 63  GLU A N   1 
ATOM   471 C CA  . GLU A 1 67  ? 4.717   1.294   2.033   1.000 48.306  ? 63  GLU A CA  1 
ATOM   472 C C   . GLU A 1 67  ? 4.490   -0.108  2.600   1.000 44.062  ? 63  GLU A C   1 
ATOM   473 O O   . GLU A 1 67  ? 4.308   -0.228  3.793   1.000 50.510  ? 63  GLU A O   1 
ATOM   474 C CB  . GLU A 1 67  ? 3.591   1.754   1.110   1.000 59.339  ? 63  GLU A CB  1 
ATOM   475 C CG  . GLU A 1 67  ? 3.640   3.232   0.692   1.000 58.953  ? 63  GLU A CG  1 
ATOM   476 C CD  . GLU A 1 67  ? 2.488   3.667   -0.230  1.000 74.380  ? 63  GLU A CD  1 
ATOM   477 O OE1 . GLU A 1 67  ? 1.654   2.801   -0.617  1.000 82.069  ? 63  GLU A OE1 1 
ATOM   478 O OE2 . GLU A 1 67  ? 2.400   4.870   -0.585  1.000 82.224  ? 63  GLU A OE2 1 
ATOM   479 N N   . MET A 1 68  ? 4.610   -1.162  1.809   1.000 50.674  ? 64  MET A N   1 
ATOM   480 C CA  . MET A 1 68  ? 4.484   -2.550  2.338   1.000 52.606  ? 64  MET A CA  1 
ATOM   481 C C   . MET A 1 68  ? 5.450   -2.713  3.495   1.000 48.155  ? 64  MET A C   1 
ATOM   482 O O   . MET A 1 68  ? 5.106   -3.320  4.474   1.000 64.302  ? 64  MET A O   1 
ATOM   483 C CB  . MET A 1 68  ? 4.846   -3.628  1.310   1.000 62.954  ? 64  MET A CB  1 
ATOM   484 C CG  . MET A 1 68  ? 3.657   -4.151  0.468   1.000 80.860  ? 64  MET A CG  1 
ATOM   485 S SD  . MET A 1 68  ? 4.152   -5.211  -0.970  1.000 71.359  ? 64  MET A SD  1 
ATOM   486 C CE  . MET A 1 68  ? 4.771   -6.661  -0.115  1.000 83.017  ? 64  MET A CE  1 
ATOM   487 N N   . HIS A 1 69  ? 6.690   -2.320  3.299   1.000 60.004  ? 65  HIS A N   1 
ATOM   488 C CA  . HIS A 1 69  ? 7.769   -2.588  4.271   1.000 56.116  ? 65  HIS A CA  1 
ATOM   489 C C   . HIS A 1 69  ? 7.501   -1.777  5.533   1.000 50.580  ? 65  HIS A C   1 
ATOM   490 O O   . HIS A 1 69  ? 7.595   -2.351  6.615   1.000 50.944  ? 65  HIS A O   1 
ATOM   491 C CB  . HIS A 1 69  ? 9.140   -2.234  3.706   1.000 56.380  ? 65  HIS A CB  1 
ATOM   492 C CG  . HIS A 1 69  ? 10.235  -2.437  4.699   1.000 57.660  ? 65  HIS A CG  1 
ATOM   493 N ND1 . HIS A 1 69  ? 10.711  -3.701  5.036   1.000 62.633  ? 65  HIS A ND1 1 
ATOM   494 C CD2 . HIS A 1 69  ? 10.908  -1.560  5.461   1.000 49.717  ? 65  HIS A CD2 1 
ATOM   495 C CE1 . HIS A 1 69  ? 11.653  -3.581  5.944   1.000 58.682  ? 65  HIS A CE1 1 
ATOM   496 N NE2 . HIS A 1 69  ? 11.784  -2.272  6.219   1.000 54.647  ? 65  HIS A NE2 1 
ATOM   497 N N   . ILE A 1 70  ? 7.226   -0.482  5.391   1.000 48.313  ? 66  ILE A N   1 
ATOM   498 C CA  . ILE A 1 70  ? 7.008   0.419   6.560   1.000 48.446  ? 66  ILE A CA  1 
ATOM   499 C C   . ILE A 1 70  ? 5.884   -0.171  7.399   1.000 49.121  ? 66  ILE A C   1 
ATOM   500 O O   . ILE A 1 70  ? 6.023   -0.252  8.595   1.000 60.885  ? 66  ILE A O   1 
ATOM   501 C CB  . ILE A 1 70  ? 6.649   1.829   6.103   1.000 49.639  ? 66  ILE A CB  1 
ATOM   502 C CG1 . ILE A 1 70  ? 7.853   2.555   5.519   1.000 51.811  ? 66  ILE A CG1 1 
ATOM   503 C CG2 . ILE A 1 70  ? 6.006   2.594   7.240   1.000 52.523  ? 66  ILE A CG2 1 
ATOM   504 C CD1 . ILE A 1 70  ? 7.497   3.774   4.740   1.000 51.263  ? 66  ILE A CD1 1 
ATOM   505 N N   . ILE A 1 71  ? 4.807   -0.597  6.765   1.000 49.856  ? 67  ILE A N   1 
ATOM   506 C CA  . ILE A 1 71  ? 3.636   -1.117  7.503   1.000 48.097  ? 67  ILE A CA  1 
ATOM   507 C C   . ILE A 1 71  ? 4.034   -2.391  8.234   1.000 46.798  ? 67  ILE A C   1 
ATOM   508 O O   . ILE A 1 71  ? 3.814   -2.444  9.447   1.000 54.762  ? 67  ILE A O   1 
ATOM   509 C CB  . ILE A 1 71  ? 2.489   -1.364  6.538   1.000 51.728  ? 67  ILE A CB  1 
ATOM   510 C CG1 . ILE A 1 71  ? 1.995   -0.044  5.972   1.000 55.969  ? 67  ILE A CG1 1 
ATOM   511 C CG2 . ILE A 1 71  ? 1.395   -2.148  7.229   1.000 61.210  ? 67  ILE A CG2 1 
ATOM   512 C CD1 . ILE A 1 71  ? 0.918   -0.219  4.954   1.000 58.462  ? 67  ILE A CD1 1 
ATOM   513 N N   . GLN A 1 72  ? 4.545   -3.405  7.539   1.000 46.473  ? 68  GLN A N   1 
ATOM   514 C CA  . GLN A 1 72  ? 4.903   -4.681  8.222   1.000 51.910  ? 68  GLN A CA  1 
ATOM   515 C C   . GLN A 1 72  ? 5.868   -4.341  9.358   1.000 50.403  ? 68  GLN A C   1 
ATOM   516 O O   . GLN A 1 72  ? 5.701   -4.893  10.433  1.000 72.072  ? 68  GLN A O   1 
ATOM   517 C CB  . GLN A 1 72  ? 5.417   -5.771  7.263   1.000 57.833  ? 68  GLN A CB  1 
ATOM   518 C CG  . GLN A 1 72  ? 6.815   -5.559  6.692   1.000 76.414  ? 68  GLN A CG  1 
ATOM   519 C CD  . GLN A 1 72  ? 7.991   -6.045  7.523   1.000 79.977  ? 68  GLN A CD  1 
ATOM   520 O OE1 . GLN A 1 72  ? 7.911   -7.020  8.266   1.000 86.763  ? 68  GLN A OE1 1 
ATOM   521 N NE2 . GLN A 1 72  ? 9.127   -5.376  7.380   1.000 73.511  ? 68  GLN A NE2 1 
ATOM   522 N N   . ALA A 1 73  ? 6.783   -3.390  9.154   1.000 50.661  ? 69  ALA A N   1 
ATOM   523 C CA  . ALA A 1 73  ? 7.897   -3.066  10.070  1.000 44.375  ? 69  ALA A CA  1 
ATOM   524 C C   . ALA A 1 73  ? 7.401   -2.374  11.335  1.000 47.732  ? 69  ALA A C   1 
ATOM   525 O O   . ALA A 1 73  ? 7.831   -2.740  12.421  1.000 52.815  ? 69  ALA A O   1 
ATOM   526 C CB  . ALA A 1 73  ? 8.840   -2.167  9.345   1.000 52.196  ? 69  ALA A CB  1 
ATOM   527 N N   . VAL A 1 74  ? 6.621   -1.313  11.179  1.000 46.669  ? 70  VAL A N   1 
ATOM   528 C CA  . VAL A 1 74  ? 6.013   -0.559  12.307  1.000 47.218  ? 70  VAL A CA  1 
ATOM   529 C C   . VAL A 1 74  ? 5.047   -1.506  13.061  1.000 54.443  ? 70  VAL A C   1 
ATOM   530 O O   . VAL A 1 74  ? 5.199   -1.730  14.294  1.000 49.271  ? 70  VAL A O   1 
ATOM   531 C CB  . VAL A 1 74  ? 5.328   0.702   11.762  1.000 46.951  ? 70  VAL A CB  1 
ATOM   532 C CG1 . VAL A 1 74  ? 4.682   1.509   12.857  1.000 53.188  ? 70  VAL A CG1 1 
ATOM   533 C CG2 . VAL A 1 74  ? 6.295   1.587   11.004  1.000 49.486  ? 70  VAL A CG2 1 
ATOM   534 N N   . GLN A 1 75  ? 4.118   -2.148  12.359  1.000 54.156  ? 71  GLN A N   1 
ATOM   535 C CA  . GLN A 1 75  ? 3.164   -3.076  13.014  1.000 52.482  ? 71  GLN A CA  1 
ATOM   536 C C   . GLN A 1 75  ? 3.865   -4.080  13.935  1.000 57.244  ? 71  GLN A C   1 
ATOM   537 O O   . GLN A 1 75  ? 3.220   -4.461  14.925  1.000 63.275  ? 71  GLN A O   1 
ATOM   538 C CB  . GLN A 1 75  ? 2.365   -3.802  11.955  1.000 49.578  ? 71  GLN A CB  1 
ATOM   539 C CG  . GLN A 1 75  ? 1.169   -2.994  11.520  1.000 51.425  ? 71  GLN A CG  1 
ATOM   540 C CD  . GLN A 1 75  ? 0.427   -3.779  10.483  1.000 52.573  ? 71  GLN A CD  1 
ATOM   541 O OE1 . GLN A 1 75  ? 0.890   -4.853  10.104  1.000 49.469  ? 71  GLN A OE1 1 
ATOM   542 N NE2 . GLN A 1 75  ? -0.668  -3.205  9.986   1.000 52.825  ? 71  GLN A NE2 1 
ATOM   543 N N   . ARG A 1 76  ? 5.126   -4.453  13.654  1.000 65.141  ? 72  ARG A N   1 
ATOM   544 C CA  . ARG A 1 76  ? 5.916   -5.461  14.426  1.000 66.069  ? 72  ARG A CA  1 
ATOM   545 C C   . ARG A 1 76  ? 6.903   -4.783  15.389  1.000 61.840  ? 72  ARG A C   1 
ATOM   546 O O   . ARG A 1 76  ? 7.645   -5.519  16.065  1.000 70.104  ? 72  ARG A O   1 
ATOM   547 C CB  . ARG A 1 76  ? 6.668   -6.407  13.474  1.000 77.286  ? 72  ARG A CB  1 
ATOM   548 C CG  . ARG A 1 76  ? 5.763   -7.350  12.690  1.000 91.678  ? 72  ARG A CG  1 
ATOM   549 C CD  . ARG A 1 76  ? 6.362   -8.105  11.507  1.000 96.403  ? 72  ARG A CD  1 
ATOM   550 N NE  . ARG A 1 76  ? 5.290   -8.790  10.777  1.000 116.760 ? 72  ARG A NE  1 
ATOM   551 C CZ  . ARG A 1 76  ? 5.426   -9.508  9.654   1.000 135.112 ? 72  ARG A CZ  1 
ATOM   552 N NH1 . ARG A 1 76  ? 6.610   -9.666  9.082   1.000 134.448 ? 72  ARG A NH1 1 
ATOM   553 N NH2 . ARG A 1 76  ? 4.360   -10.065 9.102   1.000 133.258 ? 72  ARG A NH2 1 
ATOM   554 N N   . GLY A 1 77  ? 6.937   -3.449  15.464  1.000 53.663  ? 73  GLY A N   1 
ATOM   555 C CA  . GLY A 1 77  ? 7.856   -2.707  16.358  1.000 55.105  ? 73  GLY A CA  1 
ATOM   556 C C   . GLY A 1 77  ? 9.311   -2.715  15.886  1.000 59.341  ? 73  GLY A C   1 
ATOM   557 O O   . GLY A 1 77  ? 10.191  -2.376  16.687  1.000 66.074  ? 73  GLY A O   1 
ATOM   558 N N   . LYS A 1 78  ? 9.576   -3.024  14.615  1.000 63.546  ? 74  LYS A N   1 
ATOM   559 C CA  . LYS A 1 78  ? 10.951  -3.065  14.040  1.000 64.379  ? 74  LYS A CA  1 
ATOM   560 C C   . LYS A 1 78  ? 11.396  -1.675  13.560  1.000 58.735  ? 74  LYS A C   1 
ATOM   561 O O   . LYS A 1 78  ? 12.602  -1.509  13.329  1.000 69.570  ? 74  LYS A O   1 
ATOM   562 C CB  . LYS A 1 78  ? 11.023  -4.146  12.955  1.000 66.870  ? 74  LYS A CB  1 
ATOM   563 C CG  . LYS A 1 78  ? 10.874  -5.564  13.499  1.000 80.979  ? 74  LYS A CG  1 
ATOM   564 C CD  . LYS A 1 78  ? 11.734  -6.615  12.836  1.000 96.889  ? 74  LYS A CD  1 
ATOM   565 C CE  . LYS A 1 78  ? 11.471  -8.007  13.369  1.000 110.523 ? 74  LYS A CE  1 
ATOM   566 N NZ  . LYS A 1 78  ? 11.751  -9.049  12.349  1.000 113.263 ? 74  LYS A NZ  1 
ATOM   567 N N   . MET A 1 79  ? 10.476  -0.714  13.464  1.000 56.937  ? 75  MET A N   1 
ATOM   568 C CA  . MET A 1 79  ? 10.710  0.700   13.050  1.000 52.420  ? 75  MET A CA  1 
ATOM   569 C C   . MET A 1 79  ? 9.942   1.598   14.011  1.000 57.828  ? 75  MET A C   1 
ATOM   570 O O   . MET A 1 79  ? 8.895   1.167   14.498  1.000 54.429  ? 75  MET A O   1 
ATOM   571 C CB  . MET A 1 79  ? 10.147  0.978   11.656  1.000 53.004  ? 75  MET A CB  1 
ATOM   572 C CG  . MET A 1 79  ? 11.158  1.515   10.642  1.000 59.101  ? 75  MET A CG  1 
ATOM   573 S SD  . MET A 1 79  ? 10.622  1.146   8.922   1.000 41.293  ? 75  MET A SD  1 
ATOM   574 C CE  . MET A 1 79  ? 9.769   2.664   8.527   1.000 52.489  ? 75  MET A CE  1 
ATOM   575 N N   . GLN A 1 80  ? 10.446  2.799   14.256  1.000 66.733  ? 76  GLN A N   1 
ATOM   576 C CA  . GLN A 1 80  ? 9.855   3.754   15.216  1.000 67.955  ? 76  GLN A CA  1 
ATOM   577 C C   . GLN A 1 80  ? 9.040   4.746   14.407  1.000 62.915  ? 76  GLN A C   1 
ATOM   578 O O   . GLN A 1 80  ? 9.597   5.567   13.685  1.000 75.721  ? 76  GLN A O   1 
ATOM   579 C CB  . GLN A 1 80  ? 10.971  4.434   16.017  1.000 85.728  ? 76  GLN A CB  1 
ATOM   580 C CG  . GLN A 1 80  ? 10.495  5.484   17.016  1.000 89.669  ? 76  GLN A CG  1 
ATOM   581 C CD  . GLN A 1 80  ? 10.388  4.973   18.433  1.000 105.461 ? 76  GLN A CD  1 
ATOM   582 O OE1 . GLN A 1 80  ? 11.145  4.099   18.864  1.000 112.032 ? 76  GLN A OE1 1 
ATOM   583 N NE2 . GLN A 1 80  ? 9.452   5.539   19.184  1.000 113.408 ? 76  GLN A NE2 1 
ATOM   584 N N   . PRO A 1 81  ? 7.699   4.731   14.525  1.000 62.534  ? 77  PRO A N   1 
ATOM   585 C CA  . PRO A 1 81  ? 6.873   5.759   13.910  1.000 58.817  ? 77  PRO A CA  1 
ATOM   586 C C   . PRO A 1 81  ? 6.957   7.042   14.718  1.000 61.546  ? 77  PRO A C   1 
ATOM   587 O O   . PRO A 1 81  ? 7.226   6.994   15.909  1.000 66.926  ? 77  PRO A O   1 
ATOM   588 C CB  . PRO A 1 81  ? 5.466   5.178   13.957  1.000 55.583  ? 77  PRO A CB  1 
ATOM   589 C CG  . PRO A 1 81  ? 5.478   4.242   15.135  1.000 57.855  ? 77  PRO A CG  1 
ATOM   590 C CD  . PRO A 1 81  ? 6.905   3.764   15.287  1.000 62.451  ? 77  PRO A CD  1 
ATOM   591 N N   . PRO A 1 82  ? 6.733   8.226   14.109  1.000 73.386  ? 78  PRO A N   1 
ATOM   592 C CA  . PRO A 1 82  ? 6.443   8.349   12.688  1.000 70.749  ? 78  PRO A CA  1 
ATOM   593 C C   . PRO A 1 82  ? 7.764   8.394   11.915  1.000 66.010  ? 78  PRO A C   1 
ATOM   594 O O   . PRO A 1 82  ? 8.744   8.941   12.399  1.000 68.943  ? 78  PRO A O   1 
ATOM   595 C CB  . PRO A 1 82  ? 5.703   9.677   12.617  1.000 75.855  ? 78  PRO A CB  1 
ATOM   596 C CG  . PRO A 1 82  ? 6.459   10.506  13.626  1.000 81.166  ? 78  PRO A CG  1 
ATOM   597 C CD  . PRO A 1 82  ? 6.811   9.545   14.749  1.000 79.422  ? 78  PRO A CD  1 
ATOM   598 N N   . VAL A 1 83  ? 7.750   7.796   10.732  1.000 55.798  ? 79  VAL A N   1 
ATOM   599 C CA  . VAL A 1 83  ? 8.957   7.541   9.907   1.000 46.004  ? 79  VAL A CA  1 
ATOM   600 C C   . VAL A 1 83  ? 9.233   8.817   9.114   1.000 51.846  ? 79  VAL A C   1 
ATOM   601 O O   . VAL A 1 83  ? 8.311   9.305   8.417   1.000 51.676  ? 79  VAL A O   1 
ATOM   602 C CB  . VAL A 1 83  ? 8.690   6.303   9.035   1.000 44.034  ? 79  VAL A CB  1 
ATOM   603 C CG1 . VAL A 1 83  ? 9.729   6.050   7.980   1.000 43.747  ? 79  VAL A CG1 1 
ATOM   604 C CG2 . VAL A 1 83  ? 8.517   5.073   9.884   1.000 46.819  ? 79  VAL A CG2 1 
ATOM   605 N N   . SER A 1 84  ? 10.455  9.346   9.245   1.000 65.767  ? 80  SER A N   1 
ATOM   606 C CA  . SER A 1 84  ? 10.940  10.638  8.681   1.000 60.253  ? 80  SER A CA  1 
ATOM   607 C C   . SER A 1 84  ? 11.036  10.560  7.157   1.000 60.620  ? 80  SER A C   1 
ATOM   608 O O   . SER A 1 84  ? 11.302  9.463   6.675   1.000 69.836  ? 80  SER A O   1 
ATOM   609 C CB  . SER A 1 84  ? 12.289  10.944  9.264   1.000 65.931  ? 80  SER A CB  1 
ATOM   610 O OG  . SER A 1 84  ? 13.207  9.898   8.963   1.000 63.525  ? 80  SER A OG  1 
ATOM   611 N N   . ASP A 1 85  ? 10.913  11.689  6.439   1.000 71.900  ? 81  ASP A N   1 
ATOM   612 C CA  . ASP A 1 85  ? 11.205  11.813  4.978   1.000 75.884  ? 81  ASP A CA  1 
ATOM   613 C C   . ASP A 1 85  ? 12.593  11.235  4.671   1.000 76.996  ? 81  ASP A C   1 
ATOM   614 O O   . ASP A 1 85  ? 12.751  10.544  3.658   1.000 72.756  ? 81  ASP A O   1 
ATOM   615 C CB  . ASP A 1 85  ? 11.149  13.276  4.532   1.000 84.548  ? 81  ASP A CB  1 
ATOM   616 C CG  . ASP A 1 85  ? 11.550  13.538  3.084   1.000 87.660  ? 81  ASP A CG  1 
ATOM   617 O OD1 . ASP A 1 85  ? 10.892  12.980  2.196   1.000 94.480  ? 81  ASP A OD1 1 
ATOM   618 O OD2 . ASP A 1 85  ? 12.512  14.314  2.856   1.000 84.293  ? 81  ASP A OD2 1 
ATOM   619 N N   . ASP A 1 86  ? 13.556  11.513  5.547   1.000 83.901  ? 82  ASP A N   1 
ATOM   620 C CA  . ASP A 1 86  ? 14.970  11.076  5.435   1.000 83.797  ? 82  ASP A CA  1 
ATOM   621 C C   . ASP A 1 86  ? 15.013  9.546   5.356   1.000 66.163  ? 82  ASP A C   1 
ATOM   622 O O   . ASP A 1 86  ? 15.757  9.022   4.543   1.000 78.431  ? 82  ASP A O   1 
ATOM   623 C CB  . ASP A 1 86  ? 15.804  11.640  6.594   1.000 108.228 ? 82  ASP A CB  1 
ATOM   624 C CG  . ASP A 1 86  ? 15.468  13.075  7.012   1.000 135.412 ? 82  ASP A CG  1 
ATOM   625 O OD1 . ASP A 1 86  ? 14.267  13.364  7.286   1.000 128.205 ? 82  ASP A OD1 1 
ATOM   626 O OD2 . ASP A 1 86  ? 16.409  13.900  7.084   1.000 151.853 ? 82  ASP A OD2 1 
ATOM   627 N N   . THR A 1 87  ? 14.242  8.841   6.178   1.000 70.371  ? 83  THR A N   1 
ATOM   628 C CA  . THR A 1 87  ? 14.178  7.350   6.171   1.000 63.894  ? 83  THR A CA  1 
ATOM   629 C C   . THR A 1 87  ? 13.416  6.863   4.937   1.000 66.238  ? 83  THR A C   1 
ATOM   630 O O   . THR A 1 87  ? 13.814  5.828   4.367   1.000 68.327  ? 83  THR A O   1 
ATOM   631 C CB  . THR A 1 87  ? 13.520  6.778   7.431   1.000 65.241  ? 83  THR A CB  1 
ATOM   632 O OG1 . THR A 1 87  ? 14.112  7.303   8.621   1.000 63.051  ? 83  THR A OG1 1 
ATOM   633 C CG2 . THR A 1 87  ? 13.647  5.277   7.485   1.000 62.257  ? 83  THR A CG2 1 
ATOM   634 N N   . VAL A 1 88  ? 12.355  7.561   4.531   1.000 65.137  ? 84  VAL A N   1 
ATOM   635 C CA  . VAL A 1 88  ? 11.614  7.221   3.283   1.000 61.479  ? 84  VAL A CA  1 
ATOM   636 C C   . VAL A 1 88  ? 12.603  7.271   2.113   1.000 64.416  ? 84  VAL A C   1 
ATOM   637 O O   . VAL A 1 88  ? 12.784  6.237   1.431   1.000 69.340  ? 84  VAL A O   1 
ATOM   638 C CB  . VAL A 1 88  ? 10.425  8.170   3.066   1.000 64.412  ? 84  VAL A CB  1 
ATOM   639 C CG1 . VAL A 1 88  ? 9.830   8.024   1.676   1.000 63.888  ? 84  VAL A CG1 1 
ATOM   640 C CG2 . VAL A 1 88  ? 9.355   7.964   4.125   1.000 65.622  ? 84  VAL A CG2 1 
ATOM   641 N N   . ARG A 1 89  ? 13.235  8.428   1.915   1.000 60.939  ? 85  ARG A N   1 
ATOM   642 C CA  . ARG A 1 89  ? 14.212  8.679   0.816   1.000 64.848  ? 85  ARG A CA  1 
ATOM   643 C C   . ARG A 1 89  ? 15.238  7.545   0.812   1.000 53.428  ? 85  ARG A C   1 
ATOM   644 O O   . ARG A 1 89  ? 15.420  6.929   -0.227  1.000 63.608  ? 85  ARG A O   1 
ATOM   645 C CB  . ARG A 1 89  ? 14.799  10.080  0.989   1.000 77.751  ? 85  ARG A CB  1 
ATOM   646 C CG  . ARG A 1 89  ? 16.296  10.183  0.769   1.000 88.572  ? 85  ARG A CG  1 
ATOM   647 C CD  . ARG A 1 89  ? 16.783  11.602  0.528   1.000 92.825  ? 85  ARG A CD  1 
ATOM   648 N NE  . ARG A 1 89  ? 18.092  11.538  -0.120  1.000 116.480 ? 85  ARG A NE  1 
ATOM   649 C CZ  . ARG A 1 89  ? 18.340  11.101  -1.372  1.000 118.576 ? 85  ARG A CZ  1 
ATOM   650 N NH1 . ARG A 1 89  ? 17.373  10.686  -2.175  1.000 115.391 ? 85  ARG A NH1 1 
ATOM   651 N NH2 . ARG A 1 89  ? 19.580  11.084  -1.825  1.000 120.768 ? 85  ARG A NH2 1 
ATOM   652 N N   . GLU A 1 90  ? 15.798  7.216   1.967   1.000 56.257  ? 86  GLU A N   1 
ATOM   653 C CA  . GLU A 1 90  ? 16.759  6.089   2.153   1.000 63.617  ? 86  GLU A CA  1 
ATOM   654 C C   . GLU A 1 90  ? 16.140  4.806   1.595   1.000 62.328  ? 86  GLU A C   1 
ATOM   655 O O   . GLU A 1 90  ? 16.754  4.215   0.710   1.000 64.835  ? 86  GLU A O   1 
ATOM   656 C CB  . GLU A 1 90  ? 17.132  5.975   3.634   1.000 72.126  ? 86  GLU A CB  1 
ATOM   657 C CG  . GLU A 1 90  ? 18.391  5.180   3.936   1.000 82.050  ? 86  GLU A CG  1 
ATOM   658 C CD  . GLU A 1 90  ? 18.861  5.319   5.388   1.000 108.648 ? 86  GLU A CD  1 
ATOM   659 O OE1 . GLU A 1 90  ? 18.019  5.153   6.299   1.000 121.495 ? 86  GLU A OE1 1 
ATOM   660 O OE2 . GLU A 1 90  ? 20.067  5.613   5.623   1.000 128.307 ? 86  GLU A OE2 1 
ATOM   661 N N   . LEU A 1 91  ? 14.936  4.425   2.047   1.000 65.289  ? 87  LEU A N   1 
ATOM   662 C CA  . LEU A 1 91  ? 14.240  3.170   1.619   1.000 49.526  ? 87  LEU A CA  1 
ATOM   663 C C   . LEU A 1 91  ? 13.979  3.206   0.108   1.000 48.766  ? 87  LEU A C   1 
ATOM   664 O O   . LEU A 1 91  ? 14.314  2.221   -0.571  1.000 54.778  ? 87  LEU A O   1 
ATOM   665 C CB  . LEU A 1 91  ? 12.926  2.998   2.383   1.000 51.889  ? 87  LEU A CB  1 
ATOM   666 C CG  . LEU A 1 91  ? 12.993  2.713   3.888   1.000 47.489  ? 87  LEU A CG  1 
ATOM   667 C CD1 . LEU A 1 91  ? 11.600  2.496   4.426   1.000 50.165  ? 87  LEU A CD1 1 
ATOM   668 C CD2 . LEU A 1 91  ? 13.821  1.494   4.205   1.000 49.890  ? 87  LEU A CD2 1 
ATOM   669 N N   . LEU A 1 92  ? 13.451  4.300   -0.438  1.000 45.760  ? 88  LEU A N   1 
ATOM   670 C CA  . LEU A 1 92  ? 13.219  4.409   -1.913  1.000 50.833  ? 88  LEU A CA  1 
ATOM   671 C C   . LEU A 1 92  ? 14.506  4.148   -2.719  1.000 54.486  ? 88  LEU A C   1 
ATOM   672 O O   . LEU A 1 92  ? 14.460  3.449   -3.727  1.000 58.314  ? 88  LEU A O   1 
ATOM   673 C CB  . LEU A 1 92  ? 12.694  5.803   -2.213  1.000 49.920  ? 88  LEU A CB  1 
ATOM   674 C CG  . LEU A 1 92  ? 11.207  5.998   -1.943  1.000 47.736  ? 88  LEU A CG  1 
ATOM   675 C CD1 . LEU A 1 92  ? 10.823  7.446   -2.106  1.000 54.736  ? 88  LEU A CD1 1 
ATOM   676 C CD2 . LEU A 1 92  ? 10.382  5.167   -2.874  1.000 45.933  ? 88  LEU A CD2 1 
ATOM   677 N N   . GLY A 1 93  ? 15.642  4.667   -2.294  1.000 55.790  ? 89  GLY A N   1 
ATOM   678 C CA  . GLY A 1 93  ? 16.919  4.278   -2.908  1.000 54.103  ? 89  GLY A CA  1 
ATOM   679 C C   . GLY A 1 93  ? 17.182  2.793   -2.775  1.000 51.294  ? 89  GLY A C   1 
ATOM   680 O O   . GLY A 1 93  ? 17.561  2.195   -3.754  1.000 61.097  ? 89  GLY A O   1 
ATOM   681 N N   . GLN A 1 94  ? 16.998  2.205   -1.600  1.000 54.149  ? 90  GLN A N   1 
ATOM   682 C CA  . GLN A 1 94  ? 17.376  0.794   -1.357  1.000 55.178  ? 90  GLN A CA  1 
ATOM   683 C C   . GLN A 1 94  ? 16.556  -0.131  -2.252  1.000 58.077  ? 90  GLN A C   1 
ATOM   684 O O   . GLN A 1 94  ? 17.071  -1.190  -2.619  1.000 63.322  ? 90  GLN A O   1 
ATOM   685 C CB  . GLN A 1 94  ? 17.129  0.404   0.096   1.000 65.706  ? 90  GLN A CB  1 
ATOM   686 C CG  . GLN A 1 94  ? 18.114  1.014   1.087   1.000 77.386  ? 90  GLN A CG  1 
ATOM   687 C CD  . GLN A 1 94  ? 18.167  0.249   2.391   1.000 76.002  ? 90  GLN A CD  1 
ATOM   688 O OE1 . GLN A 1 94  ? 18.727  -0.843  2.460   1.000 82.911  ? 90  GLN A OE1 1 
ATOM   689 N NE2 . GLN A 1 94  ? 17.591  0.814   3.445   1.000 73.686  ? 90  GLN A NE2 1 
ATOM   690 N N   . MET A 1 95  ? 15.297  0.204   -2.531  1.000 67.412  ? 91  MET A N   1 
ATOM   691 C CA  . MET A 1 95  ? 14.431  -0.699  -3.323  1.000 66.763  ? 91  MET A CA  1 
ATOM   692 C C   . MET A 1 95  ? 14.869  -0.491  -4.771  1.000 63.309  ? 91  MET A C   1 
ATOM   693 O O   . MET A 1 95  ? 15.305  -1.486  -5.390  1.000 58.056  ? 91  MET A O   1 
ATOM   694 C CB  . MET A 1 95  ? 12.917  -0.475  -3.132  1.000 68.095  ? 91  MET A CB  1 
ATOM   695 C CG  . MET A 1 95  ? 12.418  -0.531  -1.653  1.000 67.617  ? 91  MET A CG  1 
ATOM   696 S SD  . MET A 1 95  ? 12.502  -2.118  -0.704  1.000 54.232  ? 91  MET A SD  1 
ATOM   697 C CE  . MET A 1 95  ? 11.810  -1.655  0.888   1.000 48.624  ? 91  MET A CE  1 
ATOM   698 N N   . ALA A 1 96  ? 14.874  0.754   -5.256  1.000 58.009  ? 92  ALA A N   1 
ATOM   699 C CA  . ALA A 1 96  ? 15.404  1.084   -6.604  1.000 63.489  ? 92  ALA A CA  1 
ATOM   700 C C   . ALA A 1 96  ? 16.660  0.251   -6.856  1.000 64.496  ? 92  ALA A C   1 
ATOM   701 O O   . ALA A 1 96  ? 16.779  -0.449  -7.863  1.000 72.061  ? 92  ALA A O   1 
ATOM   702 C CB  . ALA A 1 96  ? 15.743  2.543   -6.713  1.000 61.260  ? 92  ALA A CB  1 
ATOM   703 N N   . ASN A 1 97  ? 17.573  0.325   -5.910  1.000 66.721  ? 93  ASN A N   1 
ATOM   704 C CA  . ASN A 1 97  ? 18.894  -0.307  -6.032  1.000 70.436  ? 93  ASN A CA  1 
ATOM   705 C C   . ASN A 1 97  ? 18.744  -1.811  -6.203  1.000 70.166  ? 93  ASN A C   1 
ATOM   706 O O   . ASN A 1 97  ? 19.446  -2.372  -7.038  1.000 82.394  ? 93  ASN A O   1 
ATOM   707 C CB  . ASN A 1 97  ? 19.760  0.005   -4.828  1.000 74.319  ? 93  ASN A CB  1 
ATOM   708 C CG  . ASN A 1 97  ? 21.187  -0.166  -5.235  1.000 76.201  ? 93  ASN A CG  1 
ATOM   709 O OD1 . ASN A 1 97  ? 21.566  0.304   -6.312  1.000 81.543  ? 93  ASN A OD1 1 
ATOM   710 N ND2 . ASN A 1 97  ? 21.914  -0.929  -4.445  1.000 82.983  ? 93  ASN A ND2 1 
ATOM   711 N N   . GLN A 1 98  ? 17.861  -2.424  -5.422  1.000 84.954  ? 94  GLN A N   1 
ATOM   712 C CA  . GLN A 1 98  ? 17.652  -3.894  -5.404  1.000 76.853  ? 94  GLN A CA  1 
ATOM   713 C C   . GLN A 1 98  ? 16.817  -4.316  -6.613  1.000 76.068  ? 94  GLN A C   1 
ATOM   714 O O   . GLN A 1 98  ? 16.954  -5.469  -7.004  1.000 67.723  ? 94  GLN A O   1 
ATOM   715 C CB  . GLN A 1 98  ? 16.980  -4.304  -4.104  1.000 84.803  ? 94  GLN A CB  1 
ATOM   716 C CG  . GLN A 1 98  ? 17.572  -5.571  -3.526  1.000 102.881 ? 94  GLN A CG  1 
ATOM   717 C CD  . GLN A 1 98  ? 19.052  -5.448  -3.255  1.000 108.218 ? 94  GLN A CD  1 
ATOM   718 O OE1 . GLN A 1 98  ? 19.535  -4.418  -2.781  1.000 100.995 ? 94  GLN A OE1 1 
ATOM   719 N NE2 . GLN A 1 98  ? 19.780  -6.516  -3.544  1.000 111.265 ? 94  GLN A NE2 1 
ATOM   720 N N   . GLU A 1 99  ? 15.995  -3.412  -7.167  1.000 84.792  ? 95  GLU A N   1 
ATOM   721 C CA  . GLU A 1 99  ? 15.252  -3.604  -8.446  1.000 87.245  ? 95  GLU A CA  1 
ATOM   722 C C   . GLU A 1 99  ? 16.290  -3.820  -9.546  1.000 92.940  ? 95  GLU A C   1 
ATOM   723 O O   . GLU A 1 99  ? 16.184  -4.827  -10.257 1.000 100.254 ? 95  GLU A O   1 
ATOM   724 C CB  . GLU A 1 99  ? 14.331  -2.418  -8.790  1.000 89.079  ? 95  GLU A CB  1 
ATOM   725 C CG  . GLU A 1 99  ? 12.940  -2.497  -8.157  1.000 94.558  ? 95  GLU A CG  1 
ATOM   726 C CD  . GLU A 1 99  ? 12.095  -1.222  -8.059  1.000 101.124 ? 95  GLU A CD  1 
ATOM   727 O OE1 . GLU A 1 99  ? 12.372  -0.258  -8.829  1.000 92.019  ? 95  GLU A OE1 1 
ATOM   728 O OE2 . GLU A 1 99  ? 11.142  -1.192  -7.202  1.000 89.710  ? 95  GLU A OE2 1 
ATOM   729 N N   . ALA A 1 100 ? 17.258  -2.906  -9.654  1.000 99.432  ? 96  ALA A N   1 
ATOM   730 C CA  . ALA A 1 100 ? 18.397  -2.974  -10.599 1.000 85.491  ? 96  ALA A CA  1 
ATOM   731 C C   . ALA A 1 100 ? 19.248  -4.222  -10.329 1.000 80.663  ? 96  ALA A C   1 
ATOM   732 O O   . ALA A 1 100 ? 19.624  -4.866  -11.295 1.000 88.015  ? 96  ALA A O   1 
ATOM   733 C CB  . ALA A 1 100 ? 19.212  -1.725  -10.500 1.000 83.947  ? 96  ALA A CB  1 
ATOM   734 N N   . GLU A 1 101 ? 19.517  -4.578  -9.075  1.000 82.125  ? 97  GLU A N   1 
ATOM   735 C CA  . GLU A 1 101 ? 20.393  -5.737  -8.747  1.000 100.661 ? 97  GLU A CA  1 
ATOM   736 C C   . GLU A 1 101 ? 19.706  -7.063  -9.103  1.000 110.780 ? 97  GLU A C   1 
ATOM   737 O O   . GLU A 1 101 ? 20.435  -8.049  -9.314  1.000 119.669 ? 97  GLU A O   1 
ATOM   738 C CB  . GLU A 1 101 ? 20.791  -5.750  -7.270  1.000 110.361 ? 97  GLU A CB  1 
ATOM   739 C CG  . GLU A 1 101 ? 22.038  -6.576  -7.008  1.000 122.636 ? 97  GLU A CG  1 
ATOM   740 C CD  . GLU A 1 101 ? 23.299  -5.913  -7.534  1.000 135.245 ? 97  GLU A CD  1 
ATOM   741 O OE1 . GLU A 1 101 ? 23.672  -4.859  -6.984  1.000 135.175 ? 97  GLU A OE1 1 
ATOM   742 O OE2 . GLU A 1 101 ? 23.903  -6.448  -8.495  1.000 147.803 ? 97  GLU A OE2 1 
ATOM   743 N N   . SER A 1 102 ? 18.365  -7.109  -9.100  1.000 125.103 ? 98  SER A N   1 
ATOM   744 C CA  . SER A 1 102 ? 17.553  -8.240  -9.632  1.000 118.207 ? 98  SER A CA  1 
ATOM   745 C C   . SER A 1 102 ? 17.756  -8.309  -11.148 1.000 109.768 ? 98  SER A C   1 
ATOM   746 O O   . SER A 1 102 ? 18.186  -9.366  -11.634 1.000 113.711 ? 98  SER A O   1 
ATOM   747 C CB  . SER A 1 102 ? 16.084  -8.097  -9.301  1.000 118.866 ? 98  SER A CB  1 
ATOM   748 O OG  . SER A 1 102 ? 15.894  -7.775  -7.935  1.000 129.688 ? 98  SER A OG  1 
ATOM   749 N N   . ARG A 1 103 ? 17.513  -7.182  -11.829 1.000 106.077 ? 99  ARG A N   1 
ATOM   750 C CA  . ARG A 1 103 ? 17.552  -7.013  -13.306 1.000 107.742 ? 99  ARG A CA  1 
ATOM   751 C C   . ARG A 1 103 ? 18.973  -7.229  -13.862 1.000 114.971 ? 99  ARG A C   1 
ATOM   752 O O   . ARG A 1 103 ? 19.092  -7.316  -15.104 1.000 110.560 ? 99  ARG A O   1 
ATOM   753 C CB  . ARG A 1 103 ? 17.019  -5.629  -13.695 1.000 108.363 ? 99  ARG A CB  1 
ATOM   754 C CG  . ARG A 1 103 ? 15.536  -5.608  -14.038 1.000 121.168 ? 99  ARG A CG  1 
ATOM   755 C CD  . ARG A 1 103 ? 14.976  -4.225  -14.364 1.000 130.381 ? 99  ARG A CD  1 
ATOM   756 N NE  . ARG A 1 103 ? 15.767  -3.446  -15.318 1.000 136.275 ? 99  ARG A NE  1 
ATOM   757 C CZ  . ARG A 1 103 ? 15.361  -2.331  -15.933 1.000 136.724 ? 99  ARG A CZ  1 
ATOM   758 N NH1 . ARG A 1 103 ? 14.149  -1.842  -15.724 1.000 135.294 ? 99  ARG A NH1 1 
ATOM   759 N NH2 . ARG A 1 103 ? 16.170  -1.712  -16.774 1.000 129.689 ? 99  ARG A NH2 1 
ATOM   760 N N   . SER A 1 104 ? 20.009  -7.319  -13.011 1.000 123.858 ? 100 SER A N   1 
ATOM   761 C CA  . SER A 1 104 ? 21.411  -7.643  -13.413 1.000 131.661 ? 100 SER A CA  1 
ATOM   762 C C   . SER A 1 104 ? 21.583  -9.165  -13.528 1.000 141.704 ? 100 SER A C   1 
ATOM   763 O O   . SER A 1 104 ? 22.658  -9.625  -14.005 1.000 140.351 ? 100 SER A O   1 
ATOM   764 C CB  . SER A 1 104 ? 22.426  -7.025  -12.469 1.000 126.286 ? 100 SER A CB  1 
ATOM   765 O OG  . SER A 1 104 ? 22.285  -7.529  -11.149 1.000 124.519 ? 100 SER A OG  1 
ATOM   766 N N   . HIS A 1 105 ? 20.544  -9.911  -13.134 1.000 145.662 ? 101 HIS A N   1 
ATOM   767 C CA  . HIS A 1 105 ? 20.460  -11.392 -13.216 1.000 148.646 ? 101 HIS A CA  1 
ATOM   768 C C   . HIS A 1 105 ? 21.450  -12.000 -12.213 1.000 147.911 ? 101 HIS A C   1 
ATOM   769 O O   . HIS A 1 105 ? 22.040  -13.047 -12.554 1.000 145.817 ? 101 HIS A O   1 
ATOM   770 C CB  . HIS A 1 105 ? 20.717  -11.889 -14.659 1.000 154.165 ? 101 HIS A CB  1 
ATOM   771 C CG  . HIS A 1 105 ? 20.131  -11.052 -15.755 1.000 159.992 ? 101 HIS A CG  1 
ATOM   772 N ND1 . HIS A 1 105 ? 18.800  -10.660 -15.773 1.000 154.606 ? 101 HIS A ND1 1 
ATOM   773 C CD2 . HIS A 1 105 ? 20.682  -10.558 -16.889 1.000 150.830 ? 101 HIS A CD2 1 
ATOM   774 C CE1 . HIS A 1 105 ? 18.566  -9.947  -16.859 1.000 148.545 ? 101 HIS A CE1 1 
ATOM   775 N NE2 . HIS A 1 105 ? 19.706  -9.870  -17.562 1.000 151.662 ? 101 HIS A NE2 1 
ATOM   776 N N   . ILE A 1 106 ? 21.632  -11.374 -11.038 1.000 139.409 ? 102 ILE A N   1 
ATOM   777 C CA  . ILE A 1 106 ? 22.650  -11.783 -10.013 1.000 143.363 ? 102 ILE A CA  1 
ATOM   778 C C   . ILE A 1 106 ? 21.921  -12.257 -8.740  1.000 138.668 ? 102 ILE A C   1 
ATOM   779 O O   . ILE A 1 106 ? 22.077  -13.396 -8.237  1.000 101.721 ? 102 ILE A O   1 
ATOM   780 C CB  . ILE A 1 106 ? 23.676  -10.652 -9.728  1.000 132.832 ? 102 ILE A CB  1 
ATOM   781 C CG1 . ILE A 1 106 ? 24.241  -10.016 -11.010 1.000 130.375 ? 102 ILE A CG1 1 
ATOM   782 C CG2 . ILE A 1 106 ? 24.797  -11.145 -8.812  1.000 133.279 ? 102 ILE A CG2 1 
ATOM   783 C CD1 . ILE A 1 106 ? 25.047  -10.945 -11.926 1.000 120.586 ? 102 ILE A CD1 1 
HETATM 784 O O   . HOH B 2 .   ? 23.160  -2.227  -6.061  1.000 79.164  ? 201 HOH A O   1 
HETATM 785 O O   . HOH B 2 .   ? 9.476   -7.541  10.285  1.000 68.222  ? 202 HOH A O   1 
HETATM 786 O O   . HOH B 2 .   ? 3.215   20.341  1.171   1.000 105.854 ? 203 HOH A O   1 
HETATM 787 O O   . HOH B 2 .   ? 12.322  7.428   10.784  1.000 53.706  ? 204 HOH A O   1 
HETATM 788 O O   . HOH B 2 .   ? 1.081   0.271   -1.776  1.000 84.127  ? 205 HOH A O   1 
HETATM 789 O O   . HOH B 2 .   ? -30.201 -13.925 0.032   1.000 89.472  ? 206 HOH A O   1 
HETATM 790 O O   . HOH B 2 .   ? 9.717   14.082  8.302   1.000 56.852  ? 207 HOH A O   1 
HETATM 791 O O   . HOH B 2 .   ? 4.369   14.570  9.779   1.000 68.823  ? 208 HOH A O   1 
HETATM 792 O O   . HOH B 2 .   ? 2.789   -5.167  4.486   1.000 65.441  ? 209 HOH A O   1 
HETATM 793 O O   . HOH B 2 .   ? 13.828  -0.233  15.824  1.000 68.650  ? 210 HOH A O   1 
HETATM 794 O O   . HOH B 2 .   ? 1.789   7.655   0.624   1.000 79.274  ? 211 HOH A O   1 
HETATM 795 O O   . HOH B 2 .   ? 11.701  -5.871  9.035   1.000 67.375  ? 212 HOH A O   1 
HETATM 796 O O   . HOH B 2 .   ? 13.417  -0.665  8.429   1.000 78.345  ? 213 HOH A O   1 
HETATM 797 O O   . HOH B 2 .   ? 13.214  2.952   12.687  1.000 65.435  ? 214 HOH A O   1 
HETATM 798 O O   . HOH B 2 .   ? 14.061  9.625   12.067  1.000 80.709  ? 215 HOH A O   1 
HETATM 799 O O   . HOH B 2 .   ? 11.564  0.592   17.902  1.000 86.988  ? 216 HOH A O   1 
# 
loop_
_pdbx_poly_seq_scheme.asym_id 
_pdbx_poly_seq_scheme.entity_id 
_pdbx_poly_seq_scheme.seq_id 
_pdbx_poly_seq_scheme.mon_id 
_pdbx_poly_seq_scheme.ndb_seq_num 
_pdbx_poly_seq_scheme.pdb_seq_num 
_pdbx_poly_seq_scheme.auth_seq_num 
_pdbx_poly_seq_scheme.pdb_mon_id 
_pdbx_poly_seq_scheme.auth_mon_id 
_pdbx_poly_seq_scheme.pdb_strand_id 
_pdbx_poly_seq_scheme.pdb_ins_code 
_pdbx_poly_seq_scheme.hetero 
A 1 1   GLY 1   -3  ?   ?   ?   A . n 
A 1 2   PRO 2   -2  ?   ?   ?   A . n 
A 1 3   GLY 3   -1  ?   ?   ?   A . n 
A 1 4   SER 4   0   ?   ?   ?   A . n 
A 1 5   MET 5   1   ?   ?   ?   A . n 
A 1 6   SER 6   2   ?   ?   ?   A . n 
A 1 7   ARG 7   3   ?   ?   ?   A . n 
A 1 8   VAL 8   4   4   VAL VAL A . n 
A 1 9   PRO 9   5   5   PRO PRO A . n 
A 1 10  ILE 10  6   6   ILE ILE A . n 
A 1 11  SER 11  7   7   SER SER A . n 
A 1 12  GLU 12  8   8   GLU GLU A . n 
A 1 13  GLU 13  9   9   GLU GLU A . n 
A 1 14  GLN 14  10  10  GLN GLN A . n 
A 1 15  ALA 15  11  11  ALA ALA A . n 
A 1 16  GLN 16  12  12  GLN GLN A . n 
A 1 17  GLN 17  13  13  GLN GLN A . n 
A 1 18  MET 18  14  14  MET MET A . n 
A 1 19  VAL 19  15  15  VAL VAL A . n 
A 1 20  ALA 20  16  16  ALA ALA A . n 
A 1 21  LYS 21  17  17  LYS LYS A . n 
A 1 22  GLN 22  18  18  GLN GLN A . n 
A 1 23  GLN 23  19  19  GLN GLN A . n 
A 1 24  ALA 24  20  20  ALA ALA A . n 
A 1 25  GLN 25  21  21  GLN GLN A . n 
A 1 26  GLN 26  22  22  GLN GLN A . n 
A 1 27  GLU 27  23  23  GLU GLU A . n 
A 1 28  ARG 28  24  24  ARG ARG A . n 
A 1 29  MET 29  25  25  MET MET A . n 
A 1 30  GLU 30  26  26  GLU GLU A . n 
A 1 31  ALA 31  27  27  ALA ALA A . n 
A 1 32  LEU 32  28  28  LEU LEU A . n 
A 1 33  GLU 33  29  29  GLU GLU A . n 
A 1 34  GLU 34  30  30  GLU GLU A . n 
A 1 35  GLN 35  31  31  GLN GLN A . n 
A 1 36  LYS 36  32  32  LYS LYS A . n 
A 1 37  GLU 37  33  33  GLU GLU A . n 
A 1 38  ASN 38  34  34  ASN ASN A . n 
A 1 39  MET 39  35  35  MET MET A . n 
A 1 40  LEU 40  36  36  LEU LEU A . n 
A 1 41  ARG 41  37  37  ARG ARG A . n 
A 1 42  ALA 42  38  38  ALA ALA A . n 
A 1 43  PHE 43  39  39  PHE PHE A . n 
A 1 44  VAL 44  40  40  VAL VAL A . n 
A 1 45  SER 45  41  41  SER SER A . n 
A 1 46  ALA 46  42  42  ALA ALA A . n 
A 1 47  GLU 47  43  43  GLU GLU A . n 
A 1 48  GLY 48  44  44  GLY GLY A . n 
A 1 49  ARG 49  45  45  ARG ARG A . n 
A 1 50  GLU 50  46  46  GLU GLU A . n 
A 1 51  ARG 51  47  47  ARG ARG A . n 
A 1 52  LEU 52  48  48  LEU LEU A . n 
A 1 53  LYS 53  49  49  LYS LYS A . n 
A 1 54  ARG 54  50  50  ARG ARG A . n 
A 1 55  ILE 55  51  51  ILE ILE A . n 
A 1 56  ALA 56  52  52  ALA ALA A . n 
A 1 57  GLN 57  53  53  GLN GLN A . n 
A 1 58  VAL 58  54  54  VAL VAL A . n 
A 1 59  LYS 59  55  55  LYS LYS A . n 
A 1 60  ALA 60  56  56  ALA ALA A . n 
A 1 61  GLY 61  57  57  GLY GLY A . n 
A 1 62  ARG 62  58  58  ARG ARG A . n 
A 1 63  SER 63  59  59  SER SER A . n 
A 1 64  GLN 64  60  60  GLN GLN A . n 
A 1 65  ALA 65  61  61  ALA ALA A . n 
A 1 66  VAL 66  62  62  VAL VAL A . n 
A 1 67  GLU 67  63  63  GLU GLU A . n 
A 1 68  MET 68  64  64  MET MET A . n 
A 1 69  HIS 69  65  65  HIS HIS A . n 
A 1 70  ILE 70  66  66  ILE ILE A . n 
A 1 71  ILE 71  67  67  ILE ILE A . n 
A 1 72  GLN 72  68  68  GLN GLN A . n 
A 1 73  ALA 73  69  69  ALA ALA A . n 
A 1 74  VAL 74  70  70  VAL VAL A . n 
A 1 75  GLN 75  71  71  GLN GLN A . n 
A 1 76  ARG 76  72  72  ARG ARG A . n 
A 1 77  GLY 77  73  73  GLY GLY A . n 
A 1 78  LYS 78  74  74  LYS LYS A . n 
A 1 79  MET 79  75  75  MET MET A . n 
A 1 80  GLN 80  76  76  GLN GLN A . n 
A 1 81  PRO 81  77  77  PRO PRO A . n 
A 1 82  PRO 82  78  78  PRO PRO A . n 
A 1 83  VAL 83  79  79  VAL VAL A . n 
A 1 84  SER 84  80  80  SER SER A . n 
A 1 85  ASP 85  81  81  ASP ASP A . n 
A 1 86  ASP 86  82  82  ASP ASP A . n 
A 1 87  THR 87  83  83  THR THR A . n 
A 1 88  VAL 88  84  84  VAL VAL A . n 
A 1 89  ARG 89  85  85  ARG ARG A . n 
A 1 90  GLU 90  86  86  GLU GLU A . n 
A 1 91  LEU 91  87  87  LEU LEU A . n 
A 1 92  LEU 92  88  88  LEU LEU A . n 
A 1 93  GLY 93  89  89  GLY GLY A . n 
A 1 94  GLN 94  90  90  GLN GLN A . n 
A 1 95  MET 95  91  91  MET MET A . n 
A 1 96  ALA 96  92  92  ALA ALA A . n 
A 1 97  ASN 97  93  93  ASN ASN A . n 
A 1 98  GLN 98  94  94  GLN GLN A . n 
A 1 99  GLU 99  95  95  GLU GLU A . n 
A 1 100 ALA 100 96  96  ALA ALA A . n 
A 1 101 GLU 101 97  97  GLU GLU A . n 
A 1 102 SER 102 98  98  SER SER A . n 
A 1 103 ARG 103 99  99  ARG ARG A . n 
A 1 104 SER 104 100 100 SER SER A . n 
A 1 105 HIS 105 101 101 HIS HIS A . n 
A 1 106 ILE 106 102 102 ILE ILE A . n 
A 1 107 THR 107 103 ?   ?   ?   A . n 
A 1 108 ILE 108 104 ?   ?   ?   A . n 
A 1 109 ALA 109 105 ?   ?   ?   A . n 
A 1 110 ARG 110 106 ?   ?   ?   A . n 
A 1 111 LYS 111 107 ?   ?   ?   A . n 
A 1 112 ARG 112 108 ?   ?   ?   A . n 
A 1 113 THR 113 109 ?   ?   ?   A . n 
A 1 114 ASP 114 110 ?   ?   ?   A . n 
A 1 115 ASP 115 111 ?   ?   ?   A . n 
A 1 116 ASP 116 112 ?   ?   ?   A . n 
A 1 117 TRP 117 113 ?   ?   ?   A . n 
# 
_pdbx_SG_project.id                    1 
_pdbx_SG_project.project_name          'PSI, Protein Structure Initiative' 
_pdbx_SG_project.full_name_of_center   'Structural Genomics of Pathogenic Protozoa Consortium' 
_pdbx_SG_project.initial_of_center     SGPP 
# 
loop_
_pdbx_nonpoly_scheme.asym_id 
_pdbx_nonpoly_scheme.entity_id 
_pdbx_nonpoly_scheme.mon_id 
_pdbx_nonpoly_scheme.ndb_seq_num 
_pdbx_nonpoly_scheme.pdb_seq_num 
_pdbx_nonpoly_scheme.auth_seq_num 
_pdbx_nonpoly_scheme.pdb_mon_id 
_pdbx_nonpoly_scheme.auth_mon_id 
_pdbx_nonpoly_scheme.pdb_strand_id 
_pdbx_nonpoly_scheme.pdb_ins_code 
B 2 HOH 1  201 9  HOH HOH A . 
B 2 HOH 2  202 6  HOH HOH A . 
B 2 HOH 3  203 12 HOH HOH A . 
B 2 HOH 4  204 1  HOH HOH A . 
B 2 HOH 5  205 14 HOH HOH A . 
B 2 HOH 6  206 16 HOH HOH A . 
B 2 HOH 7  207 5  HOH HOH A . 
B 2 HOH 8  208 4  HOH HOH A . 
B 2 HOH 9  209 7  HOH HOH A . 
B 2 HOH 10 210 17 HOH HOH A . 
B 2 HOH 11 211 13 HOH HOH A . 
B 2 HOH 12 212 15 HOH HOH A . 
B 2 HOH 13 213 8  HOH HOH A . 
B 2 HOH 14 214 2  HOH HOH A . 
B 2 HOH 15 215 3  HOH HOH A . 
B 2 HOH 16 216 11 HOH HOH A . 
# 
_pdbx_struct_assembly.id                   1 
_pdbx_struct_assembly.details              author_defined_assembly 
_pdbx_struct_assembly.method_details       ? 
_pdbx_struct_assembly.oligomeric_details   monomeric 
_pdbx_struct_assembly.oligomeric_count     1 
# 
_pdbx_struct_assembly_gen.assembly_id       1 
_pdbx_struct_assembly_gen.oper_expression   1 
_pdbx_struct_assembly_gen.asym_id_list      A,B 
# 
_pdbx_struct_oper_list.id                   1 
_pdbx_struct_oper_list.type                 'identity operation' 
_pdbx_struct_oper_list.name                 1_555 
_pdbx_struct_oper_list.symmetry_operation   x,y,z 
_pdbx_struct_oper_list.matrix[1][1]         1.0000000000 
_pdbx_struct_oper_list.matrix[1][2]         0.0000000000 
_pdbx_struct_oper_list.matrix[1][3]         0.0000000000 
_pdbx_struct_oper_list.vector[1]            0.0000000000 
_pdbx_struct_oper_list.matrix[2][1]         0.0000000000 
_pdbx_struct_oper_list.matrix[2][2]         1.0000000000 
_pdbx_struct_oper_list.matrix[2][3]         0.0000000000 
_pdbx_struct_oper_list.vector[2]            0.0000000000 
_pdbx_struct_oper_list.matrix[3][1]         0.0000000000 
_pdbx_struct_oper_list.matrix[3][2]         0.0000000000 
_pdbx_struct_oper_list.matrix[3][3]         1.0000000000 
_pdbx_struct_oper_list.vector[3]            0.0000000000 
# 
loop_
_pdbx_audit_revision_history.ordinal 
_pdbx_audit_revision_history.data_content_type 
_pdbx_audit_revision_history.major_revision 
_pdbx_audit_revision_history.minor_revision 
_pdbx_audit_revision_history.revision_date 
1 'Structure model' 1 0 2020-02-26 
2 'Structure model' 1 1 2023-10-11 
# 
_pdbx_audit_revision_details.ordinal             1 
_pdbx_audit_revision_details.revision_ordinal    1 
_pdbx_audit_revision_details.data_content_type   'Structure model' 
_pdbx_audit_revision_details.provider            repository 
_pdbx_audit_revision_details.type                'Initial release' 
_pdbx_audit_revision_details.description         ? 
_pdbx_audit_revision_details.details             ? 
# 
loop_
_pdbx_audit_revision_group.ordinal 
_pdbx_audit_revision_group.revision_ordinal 
_pdbx_audit_revision_group.data_content_type 
_pdbx_audit_revision_group.group 
1 2 'Structure model' 'Data collection'        
2 2 'Structure model' 'Database references'    
3 2 'Structure model' 'Refinement description' 
# 
loop_
_pdbx_audit_revision_category.ordinal 
_pdbx_audit_revision_category.revision_ordinal 
_pdbx_audit_revision_category.data_content_type 
_pdbx_audit_revision_category.category 
1 2 'Structure model' chem_comp_atom                
2 2 'Structure model' chem_comp_bond                
3 2 'Structure model' database_2                    
4 2 'Structure model' pdbx_initial_refinement_model 
# 
loop_
_pdbx_audit_revision_item.ordinal 
_pdbx_audit_revision_item.revision_ordinal 
_pdbx_audit_revision_item.data_content_type 
_pdbx_audit_revision_item.item 
1 2 'Structure model' '_database_2.pdbx_DOI'                
2 2 'Structure model' '_database_2.pdbx_database_accession' 
# 
loop_
_software.citation_id 
_software.classification 
_software.compiler_name 
_software.compiler_version 
_software.contact_author 
_software.contact_author_email 
_software.date 
_software.description 
_software.dependencies 
_software.hardware 
_software.language 
_software.location 
_software.mods 
_software.name 
_software.os 
_software.os_version 
_software.type 
_software.version 
_software.pdbx_ordinal 
? 'data scaling'    ? ? ? ? ? ? ? ? ? ? ? Aimless     ? ? ? 0.7.4    1 
? refinement        ? ? ? ? ? ? ? ? ? ? ? REFMAC      ? ? ? 5.8.0258 2 
? 'data extraction' ? ? ? ? ? ? ? ? ? ? ? PDB_EXTRACT ? ? ? 3.25     3 
? 'data reduction'  ? ? ? ? ? ? ? ? ? ? ? MOSFLM      ? ? ? .        4 
? phasing           ? ? ? ? ? ? ? ? ? ? ? MoRDa       ? ? ? .        5 
# 
loop_
_pdbx_unobs_or_zero_occ_residues.id 
_pdbx_unobs_or_zero_occ_residues.PDB_model_num 
_pdbx_unobs_or_zero_occ_residues.polymer_flag 
_pdbx_unobs_or_zero_occ_residues.occupancy_flag 
_pdbx_unobs_or_zero_occ_residues.auth_asym_id 
_pdbx_unobs_or_zero_occ_residues.auth_comp_id 
_pdbx_unobs_or_zero_occ_residues.auth_seq_id 
_pdbx_unobs_or_zero_occ_residues.PDB_ins_code 
_pdbx_unobs_or_zero_occ_residues.label_asym_id 
_pdbx_unobs_or_zero_occ_residues.label_comp_id 
_pdbx_unobs_or_zero_occ_residues.label_seq_id 
1  1 Y 1 A GLY -3  ? A GLY 1   
2  1 Y 1 A PRO -2  ? A PRO 2   
3  1 Y 1 A GLY -1  ? A GLY 3   
4  1 Y 1 A SER 0   ? A SER 4   
5  1 Y 1 A MET 1   ? A MET 5   
6  1 Y 1 A SER 2   ? A SER 6   
7  1 Y 1 A ARG 3   ? A ARG 7   
8  1 Y 1 A THR 103 ? A THR 107 
9  1 Y 1 A ILE 104 ? A ILE 108 
10 1 Y 1 A ALA 105 ? A ALA 109 
11 1 Y 1 A ARG 106 ? A ARG 110 
12 1 Y 1 A LYS 107 ? A LYS 111 
13 1 Y 1 A ARG 108 ? A ARG 112 
14 1 Y 1 A THR 109 ? A THR 113 
15 1 Y 1 A ASP 110 ? A ASP 114 
16 1 Y 1 A ASP 111 ? A ASP 115 
17 1 Y 1 A ASP 112 ? A ASP 116 
18 1 Y 1 A TRP 113 ? A TRP 117 
# 
loop_
_chem_comp_atom.comp_id 
_chem_comp_atom.atom_id 
_chem_comp_atom.type_symbol 
_chem_comp_atom.pdbx_aromatic_flag 
_chem_comp_atom.pdbx_stereo_config 
_chem_comp_atom.pdbx_ordinal 
ALA N    N N N 1   
ALA CA   C N S 2   
ALA C    C N N 3   
ALA O    O N N 4   
ALA CB   C N N 5   
ALA OXT  O N N 6   
ALA H    H N N 7   
ALA H2   H N N 8   
ALA HA   H N N 9   
ALA HB1  H N N 10  
ALA HB2  H N N 11  
ALA HB3  H N N 12  
ALA HXT  H N N 13  
ARG N    N N N 14  
ARG CA   C N S 15  
ARG C    C N N 16  
ARG O    O N N 17  
ARG CB   C N N 18  
ARG CG   C N N 19  
ARG CD   C N N 20  
ARG NE   N N N 21  
ARG CZ   C N N 22  
ARG NH1  N N N 23  
ARG NH2  N N N 24  
ARG OXT  O N N 25  
ARG H    H N N 26  
ARG H2   H N N 27  
ARG HA   H N N 28  
ARG HB2  H N N 29  
ARG HB3  H N N 30  
ARG HG2  H N N 31  
ARG HG3  H N N 32  
ARG HD2  H N N 33  
ARG HD3  H N N 34  
ARG HE   H N N 35  
ARG HH11 H N N 36  
ARG HH12 H N N 37  
ARG HH21 H N N 38  
ARG HH22 H N N 39  
ARG HXT  H N N 40  
ASN N    N N N 41  
ASN CA   C N S 42  
ASN C    C N N 43  
ASN O    O N N 44  
ASN CB   C N N 45  
ASN CG   C N N 46  
ASN OD1  O N N 47  
ASN ND2  N N N 48  
ASN OXT  O N N 49  
ASN H    H N N 50  
ASN H2   H N N 51  
ASN HA   H N N 52  
ASN HB2  H N N 53  
ASN HB3  H N N 54  
ASN HD21 H N N 55  
ASN HD22 H N N 56  
ASN HXT  H N N 57  
ASP N    N N N 58  
ASP CA   C N S 59  
ASP C    C N N 60  
ASP O    O N N 61  
ASP CB   C N N 62  
ASP CG   C N N 63  
ASP OD1  O N N 64  
ASP OD2  O N N 65  
ASP OXT  O N N 66  
ASP H    H N N 67  
ASP H2   H N N 68  
ASP HA   H N N 69  
ASP HB2  H N N 70  
ASP HB3  H N N 71  
ASP HD2  H N N 72  
ASP HXT  H N N 73  
GLN N    N N N 74  
GLN CA   C N S 75  
GLN C    C N N 76  
GLN O    O N N 77  
GLN CB   C N N 78  
GLN CG   C N N 79  
GLN CD   C N N 80  
GLN OE1  O N N 81  
GLN NE2  N N N 82  
GLN OXT  O N N 83  
GLN H    H N N 84  
GLN H2   H N N 85  
GLN HA   H N N 86  
GLN HB2  H N N 87  
GLN HB3  H N N 88  
GLN HG2  H N N 89  
GLN HG3  H N N 90  
GLN HE21 H N N 91  
GLN HE22 H N N 92  
GLN HXT  H N N 93  
GLU N    N N N 94  
GLU CA   C N S 95  
GLU C    C N N 96  
GLU O    O N N 97  
GLU CB   C N N 98  
GLU CG   C N N 99  
GLU CD   C N N 100 
GLU OE1  O N N 101 
GLU OE2  O N N 102 
GLU OXT  O N N 103 
GLU H    H N N 104 
GLU H2   H N N 105 
GLU HA   H N N 106 
GLU HB2  H N N 107 
GLU HB3  H N N 108 
GLU HG2  H N N 109 
GLU HG3  H N N 110 
GLU HE2  H N N 111 
GLU HXT  H N N 112 
GLY N    N N N 113 
GLY CA   C N N 114 
GLY C    C N N 115 
GLY O    O N N 116 
GLY OXT  O N N 117 
GLY H    H N N 118 
GLY H2   H N N 119 
GLY HA2  H N N 120 
GLY HA3  H N N 121 
GLY HXT  H N N 122 
HIS N    N N N 123 
HIS CA   C N S 124 
HIS C    C N N 125 
HIS O    O N N 126 
HIS CB   C N N 127 
HIS CG   C Y N 128 
HIS ND1  N Y N 129 
HIS CD2  C Y N 130 
HIS CE1  C Y N 131 
HIS NE2  N Y N 132 
HIS OXT  O N N 133 
HIS H    H N N 134 
HIS H2   H N N 135 
HIS HA   H N N 136 
HIS HB2  H N N 137 
HIS HB3  H N N 138 
HIS HD1  H N N 139 
HIS HD2  H N N 140 
HIS HE1  H N N 141 
HIS HE2  H N N 142 
HIS HXT  H N N 143 
HOH O    O N N 144 
HOH H1   H N N 145 
HOH H2   H N N 146 
ILE N    N N N 147 
ILE CA   C N S 148 
ILE C    C N N 149 
ILE O    O N N 150 
ILE CB   C N S 151 
ILE CG1  C N N 152 
ILE CG2  C N N 153 
ILE CD1  C N N 154 
ILE OXT  O N N 155 
ILE H    H N N 156 
ILE H2   H N N 157 
ILE HA   H N N 158 
ILE HB   H N N 159 
ILE HG12 H N N 160 
ILE HG13 H N N 161 
ILE HG21 H N N 162 
ILE HG22 H N N 163 
ILE HG23 H N N 164 
ILE HD11 H N N 165 
ILE HD12 H N N 166 
ILE HD13 H N N 167 
ILE HXT  H N N 168 
LEU N    N N N 169 
LEU CA   C N S 170 
LEU C    C N N 171 
LEU O    O N N 172 
LEU CB   C N N 173 
LEU CG   C N N 174 
LEU CD1  C N N 175 
LEU CD2  C N N 176 
LEU OXT  O N N 177 
LEU H    H N N 178 
LEU H2   H N N 179 
LEU HA   H N N 180 
LEU HB2  H N N 181 
LEU HB3  H N N 182 
LEU HG   H N N 183 
LEU HD11 H N N 184 
LEU HD12 H N N 185 
LEU HD13 H N N 186 
LEU HD21 H N N 187 
LEU HD22 H N N 188 
LEU HD23 H N N 189 
LEU HXT  H N N 190 
LYS N    N N N 191 
LYS CA   C N S 192 
LYS C    C N N 193 
LYS O    O N N 194 
LYS CB   C N N 195 
LYS CG   C N N 196 
LYS CD   C N N 197 
LYS CE   C N N 198 
LYS NZ   N N N 199 
LYS OXT  O N N 200 
LYS H    H N N 201 
LYS H2   H N N 202 
LYS HA   H N N 203 
LYS HB2  H N N 204 
LYS HB3  H N N 205 
LYS HG2  H N N 206 
LYS HG3  H N N 207 
LYS HD2  H N N 208 
LYS HD3  H N N 209 
LYS HE2  H N N 210 
LYS HE3  H N N 211 
LYS HZ1  H N N 212 
LYS HZ2  H N N 213 
LYS HZ3  H N N 214 
LYS HXT  H N N 215 
MET N    N N N 216 
MET CA   C N S 217 
MET C    C N N 218 
MET O    O N N 219 
MET CB   C N N 220 
MET CG   C N N 221 
MET SD   S N N 222 
MET CE   C N N 223 
MET OXT  O N N 224 
MET H    H N N 225 
MET H2   H N N 226 
MET HA   H N N 227 
MET HB2  H N N 228 
MET HB3  H N N 229 
MET HG2  H N N 230 
MET HG3  H N N 231 
MET HE1  H N N 232 
MET HE2  H N N 233 
MET HE3  H N N 234 
MET HXT  H N N 235 
PHE N    N N N 236 
PHE CA   C N S 237 
PHE C    C N N 238 
PHE O    O N N 239 
PHE CB   C N N 240 
PHE CG   C Y N 241 
PHE CD1  C Y N 242 
PHE CD2  C Y N 243 
PHE CE1  C Y N 244 
PHE CE2  C Y N 245 
PHE CZ   C Y N 246 
PHE OXT  O N N 247 
PHE H    H N N 248 
PHE H2   H N N 249 
PHE HA   H N N 250 
PHE HB2  H N N 251 
PHE HB3  H N N 252 
PHE HD1  H N N 253 
PHE HD2  H N N 254 
PHE HE1  H N N 255 
PHE HE2  H N N 256 
PHE HZ   H N N 257 
PHE HXT  H N N 258 
PRO N    N N N 259 
PRO CA   C N S 260 
PRO C    C N N 261 
PRO O    O N N 262 
PRO CB   C N N 263 
PRO CG   C N N 264 
PRO CD   C N N 265 
PRO OXT  O N N 266 
PRO H    H N N 267 
PRO HA   H N N 268 
PRO HB2  H N N 269 
PRO HB3  H N N 270 
PRO HG2  H N N 271 
PRO HG3  H N N 272 
PRO HD2  H N N 273 
PRO HD3  H N N 274 
PRO HXT  H N N 275 
SER N    N N N 276 
SER CA   C N S 277 
SER C    C N N 278 
SER O    O N N 279 
SER CB   C N N 280 
SER OG   O N N 281 
SER OXT  O N N 282 
SER H    H N N 283 
SER H2   H N N 284 
SER HA   H N N 285 
SER HB2  H N N 286 
SER HB3  H N N 287 
SER HG   H N N 288 
SER HXT  H N N 289 
THR N    N N N 290 
THR CA   C N S 291 
THR C    C N N 292 
THR O    O N N 293 
THR CB   C N R 294 
THR OG1  O N N 295 
THR CG2  C N N 296 
THR OXT  O N N 297 
THR H    H N N 298 
THR H2   H N N 299 
THR HA   H N N 300 
THR HB   H N N 301 
THR HG1  H N N 302 
THR HG21 H N N 303 
THR HG22 H N N 304 
THR HG23 H N N 305 
THR HXT  H N N 306 
TRP N    N N N 307 
TRP CA   C N S 308 
TRP C    C N N 309 
TRP O    O N N 310 
TRP CB   C N N 311 
TRP CG   C Y N 312 
TRP CD1  C Y N 313 
TRP CD2  C Y N 314 
TRP NE1  N Y N 315 
TRP CE2  C Y N 316 
TRP CE3  C Y N 317 
TRP CZ2  C Y N 318 
TRP CZ3  C Y N 319 
TRP CH2  C Y N 320 
TRP OXT  O N N 321 
TRP H    H N N 322 
TRP H2   H N N 323 
TRP HA   H N N 324 
TRP HB2  H N N 325 
TRP HB3  H N N 326 
TRP HD1  H N N 327 
TRP HE1  H N N 328 
TRP HE3  H N N 329 
TRP HZ2  H N N 330 
TRP HZ3  H N N 331 
TRP HH2  H N N 332 
TRP HXT  H N N 333 
VAL N    N N N 334 
VAL CA   C N S 335 
VAL C    C N N 336 
VAL O    O N N 337 
VAL CB   C N N 338 
VAL CG1  C N N 339 
VAL CG2  C N N 340 
VAL OXT  O N N 341 
VAL H    H N N 342 
VAL H2   H N N 343 
VAL HA   H N N 344 
VAL HB   H N N 345 
VAL HG11 H N N 346 
VAL HG12 H N N 347 
VAL HG13 H N N 348 
VAL HG21 H N N 349 
VAL HG22 H N N 350 
VAL HG23 H N N 351 
VAL HXT  H N N 352 
# 
loop_
_chem_comp_bond.comp_id 
_chem_comp_bond.atom_id_1 
_chem_comp_bond.atom_id_2 
_chem_comp_bond.value_order 
_chem_comp_bond.pdbx_aromatic_flag 
_chem_comp_bond.pdbx_stereo_config 
_chem_comp_bond.pdbx_ordinal 
ALA N   CA   sing N N 1   
ALA N   H    sing N N 2   
ALA N   H2   sing N N 3   
ALA CA  C    sing N N 4   
ALA CA  CB   sing N N 5   
ALA CA  HA   sing N N 6   
ALA C   O    doub N N 7   
ALA C   OXT  sing N N 8   
ALA CB  HB1  sing N N 9   
ALA CB  HB2  sing N N 10  
ALA CB  HB3  sing N N 11  
ALA OXT HXT  sing N N 12  
ARG N   CA   sing N N 13  
ARG N   H    sing N N 14  
ARG N   H2   sing N N 15  
ARG CA  C    sing N N 16  
ARG CA  CB   sing N N 17  
ARG CA  HA   sing N N 18  
ARG C   O    doub N N 19  
ARG C   OXT  sing N N 20  
ARG CB  CG   sing N N 21  
ARG CB  HB2  sing N N 22  
ARG CB  HB3  sing N N 23  
ARG CG  CD   sing N N 24  
ARG CG  HG2  sing N N 25  
ARG CG  HG3  sing N N 26  
ARG CD  NE   sing N N 27  
ARG CD  HD2  sing N N 28  
ARG CD  HD3  sing N N 29  
ARG NE  CZ   sing N N 30  
ARG NE  HE   sing N N 31  
ARG CZ  NH1  sing N N 32  
ARG CZ  NH2  doub N N 33  
ARG NH1 HH11 sing N N 34  
ARG NH1 HH12 sing N N 35  
ARG NH2 HH21 sing N N 36  
ARG NH2 HH22 sing N N 37  
ARG OXT HXT  sing N N 38  
ASN N   CA   sing N N 39  
ASN N   H    sing N N 40  
ASN N   H2   sing N N 41  
ASN CA  C    sing N N 42  
ASN CA  CB   sing N N 43  
ASN CA  HA   sing N N 44  
ASN C   O    doub N N 45  
ASN C   OXT  sing N N 46  
ASN CB  CG   sing N N 47  
ASN CB  HB2  sing N N 48  
ASN CB  HB3  sing N N 49  
ASN CG  OD1  doub N N 50  
ASN CG  ND2  sing N N 51  
ASN ND2 HD21 sing N N 52  
ASN ND2 HD22 sing N N 53  
ASN OXT HXT  sing N N 54  
ASP N   CA   sing N N 55  
ASP N   H    sing N N 56  
ASP N   H2   sing N N 57  
ASP CA  C    sing N N 58  
ASP CA  CB   sing N N 59  
ASP CA  HA   sing N N 60  
ASP C   O    doub N N 61  
ASP C   OXT  sing N N 62  
ASP CB  CG   sing N N 63  
ASP CB  HB2  sing N N 64  
ASP CB  HB3  sing N N 65  
ASP CG  OD1  doub N N 66  
ASP CG  OD2  sing N N 67  
ASP OD2 HD2  sing N N 68  
ASP OXT HXT  sing N N 69  
GLN N   CA   sing N N 70  
GLN N   H    sing N N 71  
GLN N   H2   sing N N 72  
GLN CA  C    sing N N 73  
GLN CA  CB   sing N N 74  
GLN CA  HA   sing N N 75  
GLN C   O    doub N N 76  
GLN C   OXT  sing N N 77  
GLN CB  CG   sing N N 78  
GLN CB  HB2  sing N N 79  
GLN CB  HB3  sing N N 80  
GLN CG  CD   sing N N 81  
GLN CG  HG2  sing N N 82  
GLN CG  HG3  sing N N 83  
GLN CD  OE1  doub N N 84  
GLN CD  NE2  sing N N 85  
GLN NE2 HE21 sing N N 86  
GLN NE2 HE22 sing N N 87  
GLN OXT HXT  sing N N 88  
GLU N   CA   sing N N 89  
GLU N   H    sing N N 90  
GLU N   H2   sing N N 91  
GLU CA  C    sing N N 92  
GLU CA  CB   sing N N 93  
GLU CA  HA   sing N N 94  
GLU C   O    doub N N 95  
GLU C   OXT  sing N N 96  
GLU CB  CG   sing N N 97  
GLU CB  HB2  sing N N 98  
GLU CB  HB3  sing N N 99  
GLU CG  CD   sing N N 100 
GLU CG  HG2  sing N N 101 
GLU CG  HG3  sing N N 102 
GLU CD  OE1  doub N N 103 
GLU CD  OE2  sing N N 104 
GLU OE2 HE2  sing N N 105 
GLU OXT HXT  sing N N 106 
GLY N   CA   sing N N 107 
GLY N   H    sing N N 108 
GLY N   H2   sing N N 109 
GLY CA  C    sing N N 110 
GLY CA  HA2  sing N N 111 
GLY CA  HA3  sing N N 112 
GLY C   O    doub N N 113 
GLY C   OXT  sing N N 114 
GLY OXT HXT  sing N N 115 
HIS N   CA   sing N N 116 
HIS N   H    sing N N 117 
HIS N   H2   sing N N 118 
HIS CA  C    sing N N 119 
HIS CA  CB   sing N N 120 
HIS CA  HA   sing N N 121 
HIS C   O    doub N N 122 
HIS C   OXT  sing N N 123 
HIS CB  CG   sing N N 124 
HIS CB  HB2  sing N N 125 
HIS CB  HB3  sing N N 126 
HIS CG  ND1  sing Y N 127 
HIS CG  CD2  doub Y N 128 
HIS ND1 CE1  doub Y N 129 
HIS ND1 HD1  sing N N 130 
HIS CD2 NE2  sing Y N 131 
HIS CD2 HD2  sing N N 132 
HIS CE1 NE2  sing Y N 133 
HIS CE1 HE1  sing N N 134 
HIS NE2 HE2  sing N N 135 
HIS OXT HXT  sing N N 136 
HOH O   H1   sing N N 137 
HOH O   H2   sing N N 138 
ILE N   CA   sing N N 139 
ILE N   H    sing N N 140 
ILE N   H2   sing N N 141 
ILE CA  C    sing N N 142 
ILE CA  CB   sing N N 143 
ILE CA  HA   sing N N 144 
ILE C   O    doub N N 145 
ILE C   OXT  sing N N 146 
ILE CB  CG1  sing N N 147 
ILE CB  CG2  sing N N 148 
ILE CB  HB   sing N N 149 
ILE CG1 CD1  sing N N 150 
ILE CG1 HG12 sing N N 151 
ILE CG1 HG13 sing N N 152 
ILE CG2 HG21 sing N N 153 
ILE CG2 HG22 sing N N 154 
ILE CG2 HG23 sing N N 155 
ILE CD1 HD11 sing N N 156 
ILE CD1 HD12 sing N N 157 
ILE CD1 HD13 sing N N 158 
ILE OXT HXT  sing N N 159 
LEU N   CA   sing N N 160 
LEU N   H    sing N N 161 
LEU N   H2   sing N N 162 
LEU CA  C    sing N N 163 
LEU CA  CB   sing N N 164 
LEU CA  HA   sing N N 165 
LEU C   O    doub N N 166 
LEU C   OXT  sing N N 167 
LEU CB  CG   sing N N 168 
LEU CB  HB2  sing N N 169 
LEU CB  HB3  sing N N 170 
LEU CG  CD1  sing N N 171 
LEU CG  CD2  sing N N 172 
LEU CG  HG   sing N N 173 
LEU CD1 HD11 sing N N 174 
LEU CD1 HD12 sing N N 175 
LEU CD1 HD13 sing N N 176 
LEU CD2 HD21 sing N N 177 
LEU CD2 HD22 sing N N 178 
LEU CD2 HD23 sing N N 179 
LEU OXT HXT  sing N N 180 
LYS N   CA   sing N N 181 
LYS N   H    sing N N 182 
LYS N   H2   sing N N 183 
LYS CA  C    sing N N 184 
LYS CA  CB   sing N N 185 
LYS CA  HA   sing N N 186 
LYS C   O    doub N N 187 
LYS C   OXT  sing N N 188 
LYS CB  CG   sing N N 189 
LYS CB  HB2  sing N N 190 
LYS CB  HB3  sing N N 191 
LYS CG  CD   sing N N 192 
LYS CG  HG2  sing N N 193 
LYS CG  HG3  sing N N 194 
LYS CD  CE   sing N N 195 
LYS CD  HD2  sing N N 196 
LYS CD  HD3  sing N N 197 
LYS CE  NZ   sing N N 198 
LYS CE  HE2  sing N N 199 
LYS CE  HE3  sing N N 200 
LYS NZ  HZ1  sing N N 201 
LYS NZ  HZ2  sing N N 202 
LYS NZ  HZ3  sing N N 203 
LYS OXT HXT  sing N N 204 
MET N   CA   sing N N 205 
MET N   H    sing N N 206 
MET N   H2   sing N N 207 
MET CA  C    sing N N 208 
MET CA  CB   sing N N 209 
MET CA  HA   sing N N 210 
MET C   O    doub N N 211 
MET C   OXT  sing N N 212 
MET CB  CG   sing N N 213 
MET CB  HB2  sing N N 214 
MET CB  HB3  sing N N 215 
MET CG  SD   sing N N 216 
MET CG  HG2  sing N N 217 
MET CG  HG3  sing N N 218 
MET SD  CE   sing N N 219 
MET CE  HE1  sing N N 220 
MET CE  HE2  sing N N 221 
MET CE  HE3  sing N N 222 
MET OXT HXT  sing N N 223 
PHE N   CA   sing N N 224 
PHE N   H    sing N N 225 
PHE N   H2   sing N N 226 
PHE CA  C    sing N N 227 
PHE CA  CB   sing N N 228 
PHE CA  HA   sing N N 229 
PHE C   O    doub N N 230 
PHE C   OXT  sing N N 231 
PHE CB  CG   sing N N 232 
PHE CB  HB2  sing N N 233 
PHE CB  HB3  sing N N 234 
PHE CG  CD1  doub Y N 235 
PHE CG  CD2  sing Y N 236 
PHE CD1 CE1  sing Y N 237 
PHE CD1 HD1  sing N N 238 
PHE CD2 CE2  doub Y N 239 
PHE CD2 HD2  sing N N 240 
PHE CE1 CZ   doub Y N 241 
PHE CE1 HE1  sing N N 242 
PHE CE2 CZ   sing Y N 243 
PHE CE2 HE2  sing N N 244 
PHE CZ  HZ   sing N N 245 
PHE OXT HXT  sing N N 246 
PRO N   CA   sing N N 247 
PRO N   CD   sing N N 248 
PRO N   H    sing N N 249 
PRO CA  C    sing N N 250 
PRO CA  CB   sing N N 251 
PRO CA  HA   sing N N 252 
PRO C   O    doub N N 253 
PRO C   OXT  sing N N 254 
PRO CB  CG   sing N N 255 
PRO CB  HB2  sing N N 256 
PRO CB  HB3  sing N N 257 
PRO CG  CD   sing N N 258 
PRO CG  HG2  sing N N 259 
PRO CG  HG3  sing N N 260 
PRO CD  HD2  sing N N 261 
PRO CD  HD3  sing N N 262 
PRO OXT HXT  sing N N 263 
SER N   CA   sing N N 264 
SER N   H    sing N N 265 
SER N   H2   sing N N 266 
SER CA  C    sing N N 267 
SER CA  CB   sing N N 268 
SER CA  HA   sing N N 269 
SER C   O    doub N N 270 
SER C   OXT  sing N N 271 
SER CB  OG   sing N N 272 
SER CB  HB2  sing N N 273 
SER CB  HB3  sing N N 274 
SER OG  HG   sing N N 275 
SER OXT HXT  sing N N 276 
THR N   CA   sing N N 277 
THR N   H    sing N N 278 
THR N   H2   sing N N 279 
THR CA  C    sing N N 280 
THR CA  CB   sing N N 281 
THR CA  HA   sing N N 282 
THR C   O    doub N N 283 
THR C   OXT  sing N N 284 
THR CB  OG1  sing N N 285 
THR CB  CG2  sing N N 286 
THR CB  HB   sing N N 287 
THR OG1 HG1  sing N N 288 
THR CG2 HG21 sing N N 289 
THR CG2 HG22 sing N N 290 
THR CG2 HG23 sing N N 291 
THR OXT HXT  sing N N 292 
TRP N   CA   sing N N 293 
TRP N   H    sing N N 294 
TRP N   H2   sing N N 295 
TRP CA  C    sing N N 296 
TRP CA  CB   sing N N 297 
TRP CA  HA   sing N N 298 
TRP C   O    doub N N 299 
TRP C   OXT  sing N N 300 
TRP CB  CG   sing N N 301 
TRP CB  HB2  sing N N 302 
TRP CB  HB3  sing N N 303 
TRP CG  CD1  doub Y N 304 
TRP CG  CD2  sing Y N 305 
TRP CD1 NE1  sing Y N 306 
TRP CD1 HD1  sing N N 307 
TRP CD2 CE2  doub Y N 308 
TRP CD2 CE3  sing Y N 309 
TRP NE1 CE2  sing Y N 310 
TRP NE1 HE1  sing N N 311 
TRP CE2 CZ2  sing Y N 312 
TRP CE3 CZ3  doub Y N 313 
TRP CE3 HE3  sing N N 314 
TRP CZ2 CH2  doub Y N 315 
TRP CZ2 HZ2  sing N N 316 
TRP CZ3 CH2  sing Y N 317 
TRP CZ3 HZ3  sing N N 318 
TRP CH2 HH2  sing N N 319 
TRP OXT HXT  sing N N 320 
VAL N   CA   sing N N 321 
VAL N   H    sing N N 322 
VAL N   H2   sing N N 323 
VAL CA  C    sing N N 324 
VAL CA  CB   sing N N 325 
VAL CA  HA   sing N N 326 
VAL C   O    doub N N 327 
VAL C   OXT  sing N N 328 
VAL CB  CG1  sing N N 329 
VAL CB  CG2  sing N N 330 
VAL CB  HB   sing N N 331 
VAL CG1 HG11 sing N N 332 
VAL CG1 HG12 sing N N 333 
VAL CG1 HG13 sing N N 334 
VAL CG2 HG21 sing N N 335 
VAL CG2 HG22 sing N N 336 
VAL CG2 HG23 sing N N 337 
VAL OXT HXT  sing N N 338 
# 
_pdbx_entity_nonpoly.entity_id   2 
_pdbx_entity_nonpoly.name        water 
_pdbx_entity_nonpoly.comp_id     HOH 
# 
_pdbx_initial_refinement_model.id               1 
_pdbx_initial_refinement_model.entity_id_list   ? 
_pdbx_initial_refinement_model.type             'experimental model' 
_pdbx_initial_refinement_model.source_name      PDB 
_pdbx_initial_refinement_model.accession_code   6IQO 
_pdbx_initial_refinement_model.details          ? 
# 
_pdbx_struct_assembly_auth_evidence.id                     1 
_pdbx_struct_assembly_auth_evidence.assembly_id            1 
_pdbx_struct_assembly_auth_evidence.experimental_support   'gel filtration' 
_pdbx_struct_assembly_auth_evidence.details                ? 
# 
